data_1FBA
#
_entry.id   1FBA
#
_cell.length_a   86.600
_cell.length_b   116.800
_cell.length_c   151.580
_cell.angle_alpha   90.00
_cell.angle_beta   90.00
_cell.angle_gamma   90.00
#
_symmetry.space_group_name_H-M   'P 21 21 21'
#
loop_
_entity.id
_entity.type
_entity.pdbx_description
1 polymer 'FRUCTOSE 1,6-BISPHOSPHATE ALDOLASE'
2 water water
#
_entity_poly.entity_id   1
_entity_poly.type   'polypeptide(L)'
_entity_poly.pdbx_seq_one_letter_code
;(ACE)TTYFNYPSKELQDELREIAQKIVAPGKGILAADESGPTMGKRLQDIGVENTEDNRRAYRQLLFSTDPKLAENISG
VILFHETLYQKADDGTPFAEILKKKGIILGIKVDKGVVPLFGSEDEVTTQGLDDLAARCAQYKKDGCDFAKWRCVLKIGK
NTPSYQSILENANVLARYASICQSQRIVPIVEPEVLPDGDHDLDRAQKVTETVLAAVYKALSDHHVYLEGTLLKPNMVTA
GQSAKKNTPEEIALATVQALRRTVPAAVTGVTFLSGGQSEEEATVNLSAINNVPLIRPWALTFSYGRALQASVLRAWAGK
KENIAAGQNELLKRAKANGDAAQGKYVAGSAGAGSGSLFVANHAY
;
_entity_poly.pdbx_strand_id   A,B,C,D
#
loop_
_chem_comp.id
_chem_comp.type
_chem_comp.name
_chem_comp.formula
ACE non-polymer 'ACETYL GROUP' 'C2 H4 O'
#
# COMPACT_ATOMS: atom_id res chain seq x y z
C ACE A 1 2.69 3.60 10.16
O ACE A 1 2.45 4.81 10.23
CH3 ACE A 1 3.28 2.96 8.93
N THR A 2 2.43 2.82 11.20
CA THR A 2 2.01 3.32 12.48
C THR A 2 3.12 3.12 13.52
N THR A 3 3.64 4.17 14.07
CA THR A 3 4.79 4.02 15.02
C THR A 3 4.39 4.01 16.47
N TYR A 4 3.22 4.56 16.78
CA TYR A 4 2.73 4.56 18.19
C TYR A 4 1.81 3.33 18.33
N PHE A 5 2.27 2.35 19.08
CA PHE A 5 1.48 1.12 19.30
C PHE A 5 1.99 0.44 20.56
N ASN A 6 1.26 -0.59 20.94
CA ASN A 6 1.59 -1.34 22.17
C ASN A 6 2.05 -2.75 21.85
N TYR A 7 3.27 -3.03 22.30
CA TYR A 7 3.76 -4.43 22.30
C TYR A 7 2.88 -5.18 23.33
N PRO A 8 2.75 -6.47 23.12
CA PRO A 8 2.08 -7.33 24.10
C PRO A 8 2.86 -7.27 25.41
N SER A 9 2.17 -7.62 26.49
CA SER A 9 2.80 -7.61 27.84
C SER A 9 3.94 -8.65 27.81
N LYS A 10 4.89 -8.43 28.70
CA LYS A 10 6.02 -9.37 28.82
C LYS A 10 5.50 -10.77 29.05
N GLU A 11 4.53 -10.92 29.95
CA GLU A 11 4.01 -12.25 30.28
C GLU A 11 3.33 -12.90 29.10
N LEU A 12 2.68 -12.11 28.23
CA LEU A 12 2.07 -12.67 27.03
C LEU A 12 3.14 -13.05 26.00
N GLN A 13 4.15 -12.19 25.89
CA GLN A 13 5.28 -12.49 24.96
C GLN A 13 5.93 -13.84 25.32
N ASP A 14 6.22 -13.98 26.60
CA ASP A 14 6.96 -15.18 27.11
C ASP A 14 6.15 -16.44 26.84
N GLU A 15 4.85 -16.35 27.14
CA GLU A 15 3.97 -17.51 26.93
C GLU A 15 3.92 -17.93 25.49
N LEU A 16 3.74 -16.95 24.58
CA LEU A 16 3.58 -17.28 23.16
C LEU A 16 4.89 -17.86 22.60
N ARG A 17 5.99 -17.22 22.97
CA ARG A 17 7.30 -17.64 22.45
C ARG A 17 7.61 -19.05 22.93
N GLU A 18 7.36 -19.27 24.20
CA GLU A 18 7.60 -20.62 24.79
C GLU A 18 6.81 -21.69 24.09
N ILE A 19 5.52 -21.47 23.85
CA ILE A 19 4.70 -22.42 23.11
C ILE A 19 5.28 -22.70 21.71
N ALA A 20 5.58 -21.63 20.98
CA ALA A 20 6.09 -21.81 19.59
C ALA A 20 7.40 -22.61 19.58
N GLN A 21 8.25 -22.34 20.53
CA GLN A 21 9.56 -22.99 20.69
C GLN A 21 9.39 -24.48 20.93
N LYS A 22 8.40 -24.83 21.74
CA LYS A 22 8.09 -26.22 22.07
C LYS A 22 7.64 -26.99 20.84
N ILE A 23 6.78 -26.36 20.03
CA ILE A 23 6.27 -26.98 18.81
C ILE A 23 7.38 -27.35 17.82
N VAL A 24 8.41 -26.52 17.69
CA VAL A 24 9.47 -26.81 16.72
C VAL A 24 10.77 -27.29 17.36
N ALA A 25 10.65 -27.94 18.50
CA ALA A 25 11.82 -28.54 19.18
C ALA A 25 12.52 -29.49 18.22
N PRO A 26 13.85 -29.56 18.38
CA PRO A 26 14.68 -30.38 17.48
C PRO A 26 14.12 -31.78 17.33
N GLY A 27 13.94 -32.22 16.11
CA GLY A 27 13.43 -33.51 15.73
C GLY A 27 11.95 -33.72 15.85
N LYS A 28 11.19 -32.65 16.08
CA LYS A 28 9.71 -32.77 16.22
C LYS A 28 8.99 -31.91 15.16
N GLY A 29 7.75 -32.32 14.90
CA GLY A 29 6.86 -31.65 13.94
C GLY A 29 5.40 -31.93 14.34
N ILE A 30 4.50 -31.45 13.51
CA ILE A 30 3.05 -31.53 13.81
C ILE A 30 2.34 -32.58 12.97
N LEU A 31 1.42 -33.27 13.63
CA LEU A 31 0.48 -34.17 12.96
C LEU A 31 -0.82 -33.32 12.75
N ALA A 32 -1.19 -33.13 11.52
CA ALA A 32 -2.42 -32.37 11.20
C ALA A 32 -3.55 -33.39 11.00
N ALA A 33 -4.42 -33.45 11.99
CA ALA A 33 -5.57 -34.40 12.00
C ALA A 33 -6.89 -33.63 12.06
N ASP A 34 -6.89 -32.48 11.40
CA ASP A 34 -7.99 -31.51 11.49
C ASP A 34 -8.98 -31.64 10.34
N GLU A 35 -9.06 -32.81 9.73
CA GLU A 35 -10.02 -33.05 8.65
C GLU A 35 -11.46 -32.97 9.20
N SER A 36 -12.27 -32.20 8.48
CA SER A 36 -13.71 -32.07 8.81
C SER A 36 -14.43 -33.34 8.38
N GLY A 37 -15.69 -33.45 8.78
CA GLY A 37 -16.56 -34.58 8.49
C GLY A 37 -16.49 -35.06 7.04
N PRO A 38 -16.70 -34.11 6.13
CA PRO A 38 -16.71 -34.39 4.69
C PRO A 38 -15.39 -34.93 4.17
N THR A 39 -14.32 -34.27 4.54
CA THR A 39 -12.96 -34.65 4.09
C THR A 39 -12.60 -36.04 4.62
N MET A 40 -12.76 -36.15 5.94
CA MET A 40 -12.50 -37.42 6.63
C MET A 40 -13.31 -38.51 5.93
N GLY A 41 -14.50 -38.11 5.49
CA GLY A 41 -15.46 -38.99 4.85
C GLY A 41 -14.94 -39.60 3.56
N LYS A 42 -14.22 -38.80 2.80
CA LYS A 42 -13.64 -39.24 1.53
C LYS A 42 -12.51 -40.24 1.77
N ARG A 43 -11.75 -39.99 2.83
CA ARG A 43 -10.59 -40.81 3.16
C ARG A 43 -11.02 -42.18 3.68
N LEU A 44 -12.10 -42.19 4.44
CA LEU A 44 -12.66 -43.43 5.00
C LEU A 44 -13.22 -44.28 3.85
N GLN A 45 -14.02 -43.63 3.02
CA GLN A 45 -14.67 -44.25 1.87
C GLN A 45 -13.66 -45.01 1.02
N ASP A 46 -12.48 -44.43 0.90
CA ASP A 46 -11.36 -44.98 0.13
C ASP A 46 -10.95 -46.37 0.63
N ILE A 47 -11.04 -46.56 1.93
CA ILE A 47 -10.69 -47.86 2.54
C ILE A 47 -11.95 -48.65 2.90
N GLY A 48 -13.00 -48.33 2.18
CA GLY A 48 -14.31 -48.96 2.34
C GLY A 48 -14.86 -48.83 3.76
N VAL A 49 -14.71 -47.63 4.32
CA VAL A 49 -15.27 -47.32 5.64
C VAL A 49 -16.33 -46.21 5.47
N GLU A 50 -17.39 -46.38 6.22
CA GLU A 50 -18.56 -45.50 6.20
C GLU A 50 -18.31 -44.27 7.05
N ASN A 51 -18.68 -43.12 6.51
CA ASN A 51 -18.48 -41.82 7.17
C ASN A 51 -19.53 -41.59 8.26
N THR A 52 -19.29 -42.23 9.39
CA THR A 52 -20.12 -42.02 10.59
C THR A 52 -19.24 -41.33 11.62
N GLU A 53 -19.86 -40.58 12.53
CA GLU A 53 -19.12 -39.86 13.55
C GLU A 53 -18.29 -40.84 14.39
N ASP A 54 -18.88 -42.01 14.57
CA ASP A 54 -18.26 -43.05 15.39
C ASP A 54 -17.05 -43.65 14.67
N ASN A 55 -17.13 -43.75 13.36
CA ASN A 55 -16.00 -44.26 12.56
C ASN A 55 -14.86 -43.24 12.57
N ARG A 56 -15.24 -41.97 12.58
CA ARG A 56 -14.24 -40.89 12.65
C ARG A 56 -13.57 -40.91 14.02
N ARG A 57 -14.38 -41.14 15.04
CA ARG A 57 -13.89 -41.20 16.44
C ARG A 57 -12.93 -42.38 16.58
N ALA A 58 -13.33 -43.50 15.99
CA ALA A 58 -12.54 -44.73 16.03
C ALA A 58 -11.16 -44.51 15.40
N TYR A 59 -11.16 -43.92 14.21
CA TYR A 59 -9.89 -43.63 13.53
C TYR A 59 -9.03 -42.67 14.34
N ARG A 60 -9.64 -41.64 14.93
CA ARG A 60 -8.91 -40.65 15.74
C ARG A 60 -8.43 -41.29 17.03
N GLN A 61 -9.16 -42.32 17.47
CA GLN A 61 -8.76 -43.03 18.70
C GLN A 61 -7.45 -43.79 18.42
N LEU A 62 -7.40 -44.38 17.24
CA LEU A 62 -6.21 -45.11 16.77
C LEU A 62 -4.97 -44.25 16.82
N LEU A 63 -5.04 -43.07 16.21
CA LEU A 63 -3.92 -42.14 16.14
C LEU A 63 -3.45 -41.70 17.53
N PHE A 64 -4.39 -41.42 18.40
CA PHE A 64 -4.10 -40.79 19.70
C PHE A 64 -3.70 -41.79 20.79
N SER A 65 -3.92 -43.05 20.57
CA SER A 65 -3.60 -44.07 21.60
C SER A 65 -2.25 -44.73 21.32
N THR A 66 -1.60 -44.27 20.27
CA THR A 66 -0.28 -44.72 19.84
C THR A 66 0.71 -44.66 21.01
N ASP A 67 1.67 -45.57 20.96
CA ASP A 67 2.76 -45.63 21.97
C ASP A 67 3.32 -44.22 22.16
N PRO A 68 3.42 -43.82 23.41
CA PRO A 68 3.93 -42.51 23.81
C PRO A 68 5.26 -42.16 23.17
N LYS A 69 5.89 -43.15 22.56
CA LYS A 69 7.14 -42.94 21.81
C LYS A 69 6.89 -41.89 20.71
N LEU A 70 5.66 -41.84 20.24
CA LEU A 70 5.25 -40.85 19.22
C LEU A 70 5.70 -39.45 19.60
N ALA A 71 5.56 -39.11 20.86
CA ALA A 71 5.86 -37.80 21.40
C ALA A 71 7.29 -37.35 21.16
N GLU A 72 8.18 -38.29 20.87
CA GLU A 72 9.58 -37.98 20.58
C GLU A 72 9.70 -37.22 19.25
N ASN A 73 8.77 -37.49 18.35
CA ASN A 73 8.80 -36.85 17.02
C ASN A 73 7.60 -35.94 16.76
N ILE A 74 6.55 -36.07 17.53
CA ILE A 74 5.32 -35.26 17.38
C ILE A 74 5.18 -34.35 18.59
N SER A 75 5.30 -33.04 18.33
CA SER A 75 5.18 -32.03 19.38
C SER A 75 3.72 -31.58 19.58
N GLY A 76 2.95 -31.66 18.53
CA GLY A 76 1.56 -31.10 18.59
C GLY A 76 0.68 -31.74 17.56
N VAL A 77 -0.63 -31.67 17.85
CA VAL A 77 -1.64 -32.24 16.95
C VAL A 77 -2.67 -31.12 16.68
N ILE A 78 -2.97 -30.96 15.41
CA ILE A 78 -4.04 -30.03 15.02
C ILE A 78 -5.36 -30.83 14.98
N LEU A 79 -6.31 -30.36 15.75
CA LEU A 79 -7.63 -30.98 15.87
C LEU A 79 -8.71 -30.18 15.12
N PHE A 80 -9.71 -30.91 14.69
CA PHE A 80 -10.98 -30.37 14.17
C PHE A 80 -11.95 -30.30 15.37
N HIS A 81 -12.71 -29.22 15.45
CA HIS A 81 -13.65 -28.93 16.54
C HIS A 81 -14.29 -30.15 17.18
N GLU A 82 -14.93 -31.00 16.41
CA GLU A 82 -15.67 -32.15 16.99
C GLU A 82 -14.76 -33.03 17.82
N THR A 83 -13.57 -33.31 17.26
CA THR A 83 -12.61 -34.23 17.90
C THR A 83 -12.13 -33.76 19.25
N LEU A 84 -12.01 -32.44 19.41
CA LEU A 84 -11.54 -31.85 20.66
C LEU A 84 -12.43 -32.25 21.84
N TYR A 85 -13.66 -32.63 21.55
CA TYR A 85 -14.61 -32.95 22.64
C TYR A 85 -14.95 -34.41 22.68
N GLN A 86 -14.23 -35.19 21.88
CA GLN A 86 -14.51 -36.65 21.81
C GLN A 86 -13.72 -37.38 22.91
N LYS A 87 -14.11 -38.62 23.10
CA LYS A 87 -13.60 -39.50 24.15
C LYS A 87 -13.28 -40.89 23.60
N ALA A 88 -12.35 -41.53 24.29
CA ALA A 88 -11.94 -42.91 23.95
C ALA A 88 -13.01 -43.87 24.44
N ASP A 89 -12.97 -45.09 23.96
CA ASP A 89 -13.87 -46.18 24.28
C ASP A 89 -14.10 -46.31 25.80
N ASP A 90 -13.01 -46.15 26.52
CA ASP A 90 -13.00 -46.28 27.98
C ASP A 90 -13.55 -45.03 28.65
N GLY A 91 -13.85 -44.02 27.86
CA GLY A 91 -14.39 -42.75 28.36
C GLY A 91 -13.36 -41.66 28.58
N THR A 92 -12.10 -41.91 28.28
CA THR A 92 -11.06 -40.87 28.49
C THR A 92 -11.11 -39.88 27.33
N PRO A 93 -11.17 -38.60 27.67
CA PRO A 93 -11.16 -37.51 26.67
C PRO A 93 -9.86 -37.54 25.86
N PHE A 94 -10.01 -37.45 24.56
CA PHE A 94 -8.89 -37.39 23.63
C PHE A 94 -7.85 -36.34 24.06
N ALA A 95 -8.34 -35.21 24.53
CA ALA A 95 -7.49 -34.07 24.91
C ALA A 95 -6.55 -34.44 26.05
N GLU A 96 -7.10 -35.24 26.95
CA GLU A 96 -6.36 -35.74 28.11
C GLU A 96 -5.31 -36.75 27.68
N ILE A 97 -5.68 -37.67 26.81
CA ILE A 97 -4.78 -38.72 26.31
C ILE A 97 -3.52 -38.09 25.71
N LEU A 98 -3.77 -37.15 24.81
CA LEU A 98 -2.69 -36.41 24.14
C LEU A 98 -1.86 -35.60 25.11
N LYS A 99 -2.47 -34.81 25.96
CA LYS A 99 -1.74 -33.92 26.87
C LYS A 99 -0.92 -34.73 27.89
N LYS A 100 -1.45 -35.89 28.24
CA LYS A 100 -0.77 -36.80 29.19
C LYS A 100 0.57 -37.22 28.58
N LYS A 101 0.53 -37.43 27.28
CA LYS A 101 1.70 -37.84 26.49
C LYS A 101 2.66 -36.72 26.19
N GLY A 102 2.34 -35.53 26.65
CA GLY A 102 3.17 -34.34 26.49
C GLY A 102 3.04 -33.66 25.13
N ILE A 103 1.96 -33.95 24.45
CA ILE A 103 1.67 -33.39 23.11
C ILE A 103 0.79 -32.14 23.26
N ILE A 104 1.16 -31.11 22.52
CA ILE A 104 0.42 -29.82 22.56
C ILE A 104 -0.76 -29.89 21.60
N LEU A 105 -1.88 -29.30 22.02
CA LEU A 105 -3.11 -29.33 21.20
C LEU A 105 -3.29 -28.01 20.43
N GLY A 106 -3.66 -28.19 19.20
CA GLY A 106 -3.94 -27.10 18.24
C GLY A 106 -5.37 -27.27 17.72
N ILE A 107 -5.93 -26.19 17.18
CA ILE A 107 -7.31 -26.18 16.70
C ILE A 107 -7.42 -25.36 15.41
N LYS A 108 -8.09 -25.94 14.45
CA LYS A 108 -8.42 -25.25 13.18
C LYS A 108 -9.58 -24.27 13.45
N VAL A 109 -9.33 -23.01 13.16
CA VAL A 109 -10.30 -21.95 13.44
C VAL A 109 -10.87 -21.25 12.22
N ASP A 110 -10.40 -21.51 11.02
CA ASP A 110 -11.00 -20.82 9.85
C ASP A 110 -12.34 -21.48 9.49
N LYS A 111 -13.11 -20.72 8.71
CA LYS A 111 -14.43 -21.23 8.24
C LYS A 111 -14.48 -21.42 6.76
N GLY A 112 -13.34 -21.77 6.16
CA GLY A 112 -13.21 -22.11 4.75
C GLY A 112 -13.07 -20.89 3.83
N VAL A 113 -12.99 -21.16 2.55
CA VAL A 113 -12.74 -20.12 1.54
C VAL A 113 -14.04 -19.60 0.93
N VAL A 114 -13.94 -18.35 0.47
CA VAL A 114 -15.06 -17.68 -0.22
C VAL A 114 -14.49 -16.92 -1.42
N PRO A 115 -15.27 -16.85 -2.49
CA PRO A 115 -14.84 -16.22 -3.73
C PRO A 115 -14.75 -14.71 -3.63
N LEU A 116 -13.72 -14.19 -4.29
CA LEU A 116 -13.52 -12.73 -4.44
C LEU A 116 -14.30 -12.33 -5.69
N PHE A 117 -15.36 -11.59 -5.48
CA PHE A 117 -16.28 -11.19 -6.59
C PHE A 117 -15.52 -10.33 -7.60
N GLY A 118 -15.64 -10.65 -8.87
CA GLY A 118 -14.96 -9.95 -9.96
C GLY A 118 -13.56 -10.51 -10.24
N SER A 119 -13.07 -11.34 -9.33
CA SER A 119 -11.70 -11.90 -9.53
C SER A 119 -11.77 -13.05 -10.54
N GLU A 120 -10.62 -13.40 -11.08
CA GLU A 120 -10.46 -14.57 -11.93
C GLU A 120 -10.29 -15.82 -11.10
N ASP A 121 -11.41 -16.20 -10.51
CA ASP A 121 -11.55 -17.39 -9.67
C ASP A 121 -10.64 -17.46 -8.47
N GLU A 122 -10.45 -16.38 -7.77
CA GLU A 122 -9.64 -16.33 -6.54
C GLU A 122 -10.52 -16.25 -5.32
N VAL A 123 -9.92 -16.56 -4.18
CA VAL A 123 -10.59 -16.67 -2.90
C VAL A 123 -9.80 -15.94 -1.80
N THR A 124 -10.52 -15.82 -0.72
CA THR A 124 -10.03 -15.41 0.59
C THR A 124 -10.68 -16.40 1.59
N THR A 125 -10.26 -16.30 2.81
CA THR A 125 -10.74 -17.17 3.89
C THR A 125 -11.56 -16.38 4.90
N GLN A 126 -12.64 -17.02 5.35
CA GLN A 126 -13.52 -16.41 6.36
C GLN A 126 -13.35 -17.10 7.70
N GLY A 127 -13.90 -16.49 8.73
CA GLY A 127 -13.90 -17.02 10.09
C GLY A 127 -13.42 -16.09 11.15
N LEU A 128 -13.28 -14.79 10.91
CA LEU A 128 -12.90 -13.85 11.97
C LEU A 128 -14.02 -13.58 12.95
N ASP A 129 -15.28 -13.75 12.58
CA ASP A 129 -16.40 -13.31 13.46
C ASP A 129 -16.38 -14.05 14.80
N ASP A 130 -16.38 -13.31 15.88
CA ASP A 130 -16.33 -13.83 17.25
C ASP A 130 -15.13 -14.76 17.45
N LEU A 131 -14.07 -14.60 16.68
CA LEU A 131 -12.87 -15.45 16.83
C LEU A 131 -12.26 -15.31 18.21
N ALA A 132 -12.23 -14.13 18.79
CA ALA A 132 -11.62 -13.89 20.09
C ALA A 132 -12.32 -14.72 21.16
N ALA A 133 -13.64 -14.74 21.10
CA ALA A 133 -14.44 -15.51 22.09
C ALA A 133 -14.19 -17.00 21.92
N ARG A 134 -14.14 -17.46 20.68
CA ARG A 134 -13.87 -18.85 20.33
C ARG A 134 -12.51 -19.28 20.86
N CYS A 135 -11.51 -18.47 20.59
CA CYS A 135 -10.14 -18.73 21.06
C CYS A 135 -10.06 -18.83 22.58
N ALA A 136 -10.75 -17.93 23.27
CA ALA A 136 -10.74 -17.90 24.72
C ALA A 136 -11.24 -19.25 25.29
N GLN A 137 -12.22 -19.80 24.62
CA GLN A 137 -12.84 -21.07 25.02
C GLN A 137 -11.89 -22.22 24.67
N TYR A 138 -11.34 -22.19 23.48
CA TYR A 138 -10.39 -23.22 23.01
C TYR A 138 -9.20 -23.30 23.96
N LYS A 139 -8.73 -22.16 24.43
CA LYS A 139 -7.59 -22.06 25.35
C LYS A 139 -7.94 -22.74 26.67
N LYS A 140 -9.14 -22.45 27.15
CA LYS A 140 -9.72 -23.03 28.36
C LYS A 140 -9.80 -24.54 28.26
N ASP A 141 -10.18 -25.01 27.10
CA ASP A 141 -10.36 -26.43 26.80
C ASP A 141 -9.04 -27.13 26.47
N GLY A 142 -7.92 -26.45 26.59
CA GLY A 142 -6.60 -27.06 26.46
C GLY A 142 -5.79 -26.84 25.22
N CYS A 143 -6.21 -25.95 24.32
CA CYS A 143 -5.50 -25.66 23.07
C CYS A 143 -4.53 -24.50 23.26
N ASP A 144 -3.40 -24.55 22.57
CA ASP A 144 -2.35 -23.52 22.75
C ASP A 144 -1.90 -22.91 21.42
N PHE A 145 -2.27 -23.49 20.33
CA PHE A 145 -1.97 -22.96 18.98
C PHE A 145 -3.20 -23.11 18.10
N ALA A 146 -3.20 -22.37 16.99
CA ALA A 146 -4.30 -22.43 16.04
C ALA A 146 -3.78 -22.55 14.60
N LYS A 147 -4.69 -22.94 13.73
CA LYS A 147 -4.48 -23.09 12.30
C LYS A 147 -5.58 -22.37 11.50
N TRP A 148 -5.15 -21.75 10.42
CA TRP A 148 -6.02 -20.98 9.51
C TRP A 148 -5.39 -21.04 8.10
N ARG A 149 -6.15 -21.55 7.17
CA ARG A 149 -5.57 -21.74 5.83
C ARG A 149 -6.10 -20.76 4.78
N CYS A 150 -5.14 -20.09 4.14
CA CYS A 150 -5.43 -19.26 2.94
C CYS A 150 -4.93 -20.02 1.73
N VAL A 151 -5.59 -19.83 0.60
CA VAL A 151 -5.26 -20.53 -0.64
C VAL A 151 -4.98 -19.52 -1.76
N LEU A 152 -3.79 -19.60 -2.33
CA LEU A 152 -3.42 -18.78 -3.50
C LEU A 152 -3.22 -19.72 -4.69
N LYS A 153 -3.66 -19.29 -5.85
CA LYS A 153 -3.66 -20.12 -7.06
C LYS A 153 -2.77 -19.56 -8.14
N ILE A 154 -1.91 -20.42 -8.72
CA ILE A 154 -1.04 -19.96 -9.81
C ILE A 154 -1.74 -20.21 -11.15
N GLY A 155 -1.97 -19.14 -11.87
CA GLY A 155 -2.63 -19.22 -13.19
C GLY A 155 -2.06 -18.12 -14.10
N LYS A 156 -2.75 -17.90 -15.21
CA LYS A 156 -2.32 -16.91 -16.20
C LYS A 156 -2.03 -15.57 -15.55
N ASN A 157 -3.00 -15.06 -14.82
CA ASN A 157 -2.87 -13.77 -14.12
C ASN A 157 -2.93 -13.87 -12.61
N THR A 158 -2.90 -15.04 -12.04
CA THR A 158 -3.05 -15.18 -10.58
C THR A 158 -1.78 -15.80 -9.97
N PRO A 159 -1.48 -15.48 -8.74
CA PRO A 159 -2.24 -14.63 -7.84
C PRO A 159 -2.17 -13.15 -8.24
N SER A 160 -3.33 -12.51 -8.12
CA SER A 160 -3.40 -11.06 -8.45
C SER A 160 -2.97 -10.26 -7.23
N TYR A 161 -2.75 -8.97 -7.46
CA TYR A 161 -2.47 -8.04 -6.35
C TYR A 161 -3.60 -8.07 -5.31
N GLN A 162 -4.82 -8.14 -5.82
CA GLN A 162 -6.01 -8.18 -5.00
C GLN A 162 -5.96 -9.33 -3.99
N SER A 163 -5.72 -10.50 -4.52
CA SER A 163 -5.64 -11.75 -3.76
C SER A 163 -4.51 -11.70 -2.74
N ILE A 164 -3.37 -11.15 -3.16
CA ILE A 164 -2.19 -11.06 -2.29
C ILE A 164 -2.46 -10.14 -1.13
N LEU A 165 -2.97 -8.95 -1.43
CA LEU A 165 -3.30 -7.96 -0.40
C LEU A 165 -4.31 -8.51 0.61
N GLU A 166 -5.40 -9.06 0.09
CA GLU A 166 -6.49 -9.54 0.95
C GLU A 166 -6.12 -10.72 1.85
N ASN A 167 -5.49 -11.70 1.24
CA ASN A 167 -5.06 -12.92 1.97
C ASN A 167 -4.02 -12.57 3.03
N ALA A 168 -3.07 -11.69 2.70
CA ALA A 168 -2.10 -11.23 3.71
C ALA A 168 -2.77 -10.47 4.83
N ASN A 169 -3.75 -9.62 4.46
CA ASN A 169 -4.44 -8.83 5.54
C ASN A 169 -5.26 -9.73 6.46
N VAL A 170 -5.94 -10.70 5.89
CA VAL A 170 -6.80 -11.60 6.71
C VAL A 170 -5.96 -12.48 7.63
N LEU A 171 -4.80 -12.92 7.15
CA LEU A 171 -3.85 -13.66 8.01
C LEU A 171 -3.40 -12.82 9.17
N ALA A 172 -3.13 -11.55 8.93
CA ALA A 172 -2.67 -10.64 9.99
C ALA A 172 -3.74 -10.45 11.05
N ARG A 173 -5.00 -10.35 10.57
CA ARG A 173 -6.12 -10.14 11.52
C ARG A 173 -6.28 -11.39 12.42
N TYR A 174 -6.29 -12.52 11.79
CA TYR A 174 -6.41 -13.83 12.48
C TYR A 174 -5.30 -14.01 13.50
N ALA A 175 -4.10 -13.64 13.10
CA ALA A 175 -2.91 -13.82 13.98
C ALA A 175 -2.98 -12.94 15.18
N SER A 176 -3.40 -11.69 14.96
CA SER A 176 -3.55 -10.71 16.03
C SER A 176 -4.57 -11.20 17.06
N ILE A 177 -5.68 -11.69 16.55
CA ILE A 177 -6.79 -12.13 17.45
C ILE A 177 -6.29 -13.30 18.32
N CYS A 178 -5.61 -14.24 17.67
CA CYS A 178 -5.11 -15.43 18.40
C CYS A 178 -4.21 -15.01 19.54
N GLN A 179 -3.26 -14.13 19.23
CA GLN A 179 -2.29 -13.66 20.22
C GLN A 179 -2.96 -12.98 21.40
N SER A 180 -4.00 -12.19 21.14
CA SER A 180 -4.71 -11.49 22.21
C SER A 180 -5.33 -12.50 23.20
N GLN A 181 -5.58 -13.70 22.76
CA GLN A 181 -6.17 -14.77 23.58
C GLN A 181 -5.18 -15.85 23.98
N ARG A 182 -3.89 -15.56 23.98
CA ARG A 182 -2.85 -16.50 24.41
C ARG A 182 -2.75 -17.76 23.57
N ILE A 183 -2.99 -17.65 22.28
CA ILE A 183 -2.93 -18.73 21.30
C ILE A 183 -1.89 -18.40 20.22
N VAL A 184 -1.00 -19.34 19.97
CA VAL A 184 -0.02 -19.14 18.88
C VAL A 184 -0.67 -19.43 17.55
N PRO A 185 -0.68 -18.44 16.68
CA PRO A 185 -1.22 -18.63 15.32
C PRO A 185 -0.16 -19.27 14.43
N ILE A 186 -0.55 -20.29 13.72
CA ILE A 186 0.24 -20.79 12.59
C ILE A 186 -0.34 -20.06 11.33
N VAL A 187 0.52 -19.29 10.70
CA VAL A 187 0.16 -18.51 9.49
C VAL A 187 0.37 -19.41 8.28
N GLU A 188 -0.68 -19.68 7.56
CA GLU A 188 -0.63 -20.62 6.44
C GLU A 188 -1.15 -20.05 5.13
N PRO A 189 -0.20 -19.50 4.36
CA PRO A 189 -0.50 -18.96 3.00
C PRO A 189 -0.10 -20.01 1.99
N GLU A 190 -1.00 -20.95 1.69
CA GLU A 190 -0.66 -22.01 0.77
C GLU A 190 -0.79 -21.63 -0.70
N VAL A 191 0.35 -21.68 -1.37
CA VAL A 191 0.35 -21.53 -2.85
C VAL A 191 0.13 -22.94 -3.39
N LEU A 192 -0.98 -23.16 -4.08
CA LEU A 192 -1.38 -24.46 -4.58
C LEU A 192 -0.43 -24.98 -5.66
N PRO A 193 -0.23 -26.29 -5.66
CA PRO A 193 0.61 -26.96 -6.66
C PRO A 193 -0.05 -27.09 -8.01
N ASP A 194 -1.36 -27.02 -8.07
CA ASP A 194 -2.14 -27.15 -9.31
C ASP A 194 -1.56 -26.33 -10.47
N GLY A 195 -1.50 -26.95 -11.64
CA GLY A 195 -1.01 -26.29 -12.85
C GLY A 195 0.26 -26.93 -13.38
N ASP A 196 0.74 -26.35 -14.48
CA ASP A 196 1.93 -26.85 -15.19
C ASP A 196 3.03 -25.80 -15.24
N HIS A 197 3.04 -24.92 -14.26
CA HIS A 197 4.06 -23.87 -14.12
C HIS A 197 5.37 -24.54 -13.66
N ASP A 198 6.46 -23.83 -13.89
CA ASP A 198 7.81 -24.34 -13.55
C ASP A 198 8.21 -23.83 -12.18
N LEU A 199 9.38 -24.27 -11.74
CA LEU A 199 9.98 -23.91 -10.48
C LEU A 199 10.27 -22.41 -10.39
N ASP A 200 10.69 -21.83 -11.50
CA ASP A 200 10.99 -20.40 -11.59
C ASP A 200 9.75 -19.59 -11.18
N ARG A 201 8.64 -19.96 -11.77
CA ARG A 201 7.35 -19.27 -11.51
C ARG A 201 6.94 -19.46 -10.07
N ALA A 202 7.00 -20.71 -9.60
CA ALA A 202 6.62 -21.01 -8.20
C ALA A 202 7.45 -20.25 -7.20
N GLN A 203 8.74 -20.04 -7.50
CA GLN A 203 9.63 -19.32 -6.55
C GLN A 203 9.24 -17.84 -6.49
N LYS A 204 9.01 -17.28 -7.66
CA LYS A 204 8.67 -15.83 -7.74
C LYS A 204 7.33 -15.55 -7.05
N VAL A 205 6.36 -16.40 -7.31
CA VAL A 205 5.03 -16.30 -6.67
C VAL A 205 5.19 -16.45 -5.16
N THR A 206 5.98 -17.42 -4.71
CA THR A 206 6.18 -17.65 -3.28
C THR A 206 6.85 -16.49 -2.58
N GLU A 207 7.85 -15.90 -3.19
CA GLU A 207 8.54 -14.73 -2.65
C GLU A 207 7.63 -13.50 -2.60
N THR A 208 6.79 -13.35 -3.60
CA THR A 208 5.86 -12.19 -3.65
C THR A 208 4.82 -12.28 -2.53
N VAL A 209 4.27 -13.48 -2.42
CA VAL A 209 3.26 -13.77 -1.40
C VAL A 209 3.79 -13.52 -0.01
N LEU A 210 4.94 -14.12 0.31
CA LEU A 210 5.50 -14.01 1.67
C LEU A 210 5.89 -12.60 2.03
N ALA A 211 6.39 -11.79 1.10
CA ALA A 211 6.72 -10.40 1.42
C ALA A 211 5.49 -9.64 1.94
N ALA A 212 4.39 -9.86 1.25
CA ALA A 212 3.10 -9.23 1.58
C ALA A 212 2.60 -9.71 2.93
N VAL A 213 2.74 -11.00 3.17
CA VAL A 213 2.35 -11.57 4.47
C VAL A 213 3.06 -10.90 5.62
N TYR A 214 4.39 -10.74 5.51
CA TYR A 214 5.15 -10.11 6.59
C TYR A 214 4.90 -8.62 6.66
N LYS A 215 4.63 -7.98 5.53
CA LYS A 215 4.31 -6.52 5.67
C LYS A 215 3.00 -6.36 6.45
N ALA A 216 2.04 -7.21 6.14
CA ALA A 216 0.74 -7.17 6.85
C ALA A 216 0.88 -7.48 8.31
N LEU A 217 1.68 -8.48 8.69
CA LEU A 217 1.90 -8.80 10.10
C LEU A 217 2.52 -7.60 10.81
N SER A 218 3.39 -6.88 10.12
CA SER A 218 3.99 -5.64 10.65
C SER A 218 2.94 -4.55 10.88
N ASP A 219 2.15 -4.32 9.86
CA ASP A 219 1.07 -3.30 9.86
C ASP A 219 0.11 -3.47 11.03
N HIS A 220 -0.13 -4.72 11.37
CA HIS A 220 -1.03 -5.09 12.46
C HIS A 220 -0.34 -5.44 13.77
N HIS A 221 0.94 -5.15 13.88
CA HIS A 221 1.69 -5.31 15.14
C HIS A 221 1.63 -6.71 15.76
N VAL A 222 1.72 -7.71 14.94
CA VAL A 222 1.82 -9.13 15.37
C VAL A 222 3.23 -9.41 15.91
N TYR A 223 3.27 -10.14 17.01
CA TYR A 223 4.53 -10.52 17.67
C TYR A 223 5.09 -11.79 17.02
N LEU A 224 6.09 -11.57 16.15
CA LEU A 224 6.62 -12.61 15.29
C LEU A 224 7.19 -13.81 16.04
N GLU A 225 7.82 -13.56 17.16
CA GLU A 225 8.46 -14.64 17.97
C GLU A 225 7.40 -15.59 18.51
N GLY A 226 6.17 -15.07 18.61
CA GLY A 226 5.04 -15.90 19.01
C GLY A 226 4.20 -16.41 17.86
N THR A 227 4.78 -16.62 16.69
CA THR A 227 4.06 -17.19 15.54
C THR A 227 4.90 -18.30 14.91
N LEU A 228 4.28 -19.07 14.03
CA LEU A 228 4.89 -20.05 13.14
C LEU A 228 4.32 -19.82 11.73
N LEU A 229 5.09 -20.27 10.75
CA LEU A 229 4.71 -20.19 9.34
C LEU A 229 4.57 -21.62 8.79
N LYS A 230 3.51 -21.80 8.05
CA LYS A 230 3.20 -23.08 7.38
C LYS A 230 3.01 -22.83 5.89
N PRO A 231 4.12 -22.80 5.17
CA PRO A 231 4.13 -22.55 3.73
C PRO A 231 4.25 -23.84 2.93
N ASN A 232 3.95 -23.70 1.65
CA ASN A 232 4.25 -24.75 0.65
C ASN A 232 5.77 -24.78 0.47
N MET A 233 6.29 -25.93 0.06
CA MET A 233 7.72 -25.95 -0.39
C MET A 233 7.64 -25.37 -1.82
N VAL A 234 8.72 -24.81 -2.33
CA VAL A 234 8.72 -24.30 -3.73
C VAL A 234 9.01 -25.47 -4.67
N THR A 235 8.02 -25.82 -5.46
CA THR A 235 8.07 -26.87 -6.47
C THR A 235 7.36 -26.38 -7.74
N ALA A 236 7.70 -27.00 -8.84
CA ALA A 236 7.02 -26.81 -10.13
C ALA A 236 5.60 -27.38 -9.96
N GLY A 237 4.73 -27.04 -10.89
CA GLY A 237 3.33 -27.48 -10.80
C GLY A 237 3.24 -29.00 -10.93
N GLN A 238 2.14 -29.50 -10.42
CA GLN A 238 1.74 -30.89 -10.38
C GLN A 238 1.79 -31.58 -11.74
N SER A 239 1.55 -30.83 -12.80
CA SER A 239 1.51 -31.32 -14.18
C SER A 239 2.79 -30.98 -14.94
N ALA A 240 3.76 -30.47 -14.24
CA ALA A 240 5.06 -30.16 -14.88
C ALA A 240 6.02 -31.30 -14.54
N LYS A 241 7.14 -31.29 -15.23
CA LYS A 241 8.24 -32.23 -14.94
C LYS A 241 8.66 -32.01 -13.47
N LYS A 242 8.88 -33.10 -12.78
CA LYS A 242 9.34 -33.08 -11.38
C LYS A 242 10.77 -32.52 -11.34
N ASN A 243 11.07 -31.88 -10.22
CA ASN A 243 12.44 -31.39 -9.95
C ASN A 243 13.07 -32.37 -8.94
N THR A 244 14.37 -32.26 -8.80
CA THR A 244 15.14 -33.02 -7.79
C THR A 244 14.96 -32.39 -6.43
N PRO A 245 15.21 -33.17 -5.38
CA PRO A 245 15.14 -32.69 -4.01
C PRO A 245 16.03 -31.49 -3.81
N GLU A 246 17.19 -31.52 -4.48
CA GLU A 246 18.16 -30.43 -4.33
C GLU A 246 17.69 -29.12 -4.97
N GLU A 247 17.02 -29.23 -6.08
CA GLU A 247 16.46 -28.04 -6.78
C GLU A 247 15.37 -27.41 -5.94
N ILE A 248 14.49 -28.27 -5.41
CA ILE A 248 13.39 -27.86 -4.55
C ILE A 248 13.90 -27.19 -3.27
N ALA A 249 14.85 -27.88 -2.63
CA ALA A 249 15.44 -27.40 -1.39
C ALA A 249 16.03 -26.01 -1.56
N LEU A 250 16.82 -25.83 -2.61
CA LEU A 250 17.47 -24.56 -2.85
C LEU A 250 16.44 -23.42 -3.06
N ALA A 251 15.53 -23.68 -3.96
CA ALA A 251 14.47 -22.68 -4.27
C ALA A 251 13.72 -22.30 -3.02
N THR A 252 13.36 -23.31 -2.21
CA THR A 252 12.60 -23.12 -0.98
C THR A 252 13.34 -22.30 0.04
N VAL A 253 14.60 -22.68 0.28
CA VAL A 253 15.39 -21.97 1.30
C VAL A 253 15.66 -20.53 0.84
N GLN A 254 15.87 -20.35 -0.45
CA GLN A 254 16.15 -18.99 -0.98
C GLN A 254 14.91 -18.11 -0.72
N ALA A 255 13.77 -18.63 -1.08
CA ALA A 255 12.48 -17.94 -0.90
C ALA A 255 12.25 -17.50 0.53
N LEU A 256 12.43 -18.39 1.51
CA LEU A 256 12.31 -18.06 2.91
C LEU A 256 13.36 -17.09 3.42
N ARG A 257 14.61 -17.27 3.01
CA ARG A 257 15.69 -16.36 3.41
C ARG A 257 15.38 -14.92 2.99
N ARG A 258 14.73 -14.77 1.87
CA ARG A 258 14.40 -13.45 1.31
C ARG A 258 13.18 -12.79 1.91
N THR A 259 12.37 -13.52 2.68
CA THR A 259 11.06 -12.95 3.10
C THR A 259 10.67 -13.15 4.53
N VAL A 260 11.11 -14.26 5.15
CA VAL A 260 10.70 -14.58 6.53
C VAL A 260 11.70 -14.14 7.57
N PRO A 261 11.33 -13.16 8.39
CA PRO A 261 12.20 -12.61 9.42
C PRO A 261 12.70 -13.72 10.35
N ALA A 262 13.95 -13.52 10.78
CA ALA A 262 14.62 -14.46 11.69
C ALA A 262 13.83 -14.59 12.99
N ALA A 263 13.12 -13.53 13.38
CA ALA A 263 12.27 -13.53 14.56
C ALA A 263 11.19 -14.60 14.52
N VAL A 264 10.73 -15.05 13.38
CA VAL A 264 9.71 -16.12 13.29
C VAL A 264 10.35 -17.39 13.90
N THR A 265 9.66 -17.97 14.86
CA THR A 265 10.21 -19.10 15.61
C THR A 265 10.47 -20.34 14.79
N GLY A 266 9.62 -20.65 13.84
CA GLY A 266 9.82 -21.82 12.98
C GLY A 266 8.87 -21.91 11.82
N VAL A 267 9.26 -22.77 10.90
CA VAL A 267 8.57 -23.06 9.65
C VAL A 267 8.15 -24.54 9.69
N THR A 268 6.84 -24.73 9.60
CA THR A 268 6.27 -26.09 9.55
C THR A 268 5.64 -26.32 8.19
N PHE A 269 6.40 -26.97 7.30
CA PHE A 269 5.98 -27.19 5.91
C PHE A 269 4.71 -28.04 5.79
N LEU A 270 3.90 -27.64 4.81
CA LEU A 270 2.78 -28.48 4.33
C LEU A 270 3.34 -29.34 3.20
N SER A 271 2.73 -30.49 2.95
CA SER A 271 3.20 -31.44 1.95
C SER A 271 2.55 -31.25 0.58
N GLY A 272 1.40 -30.61 0.55
CA GLY A 272 0.70 -30.38 -0.76
C GLY A 272 0.28 -31.73 -1.33
N GLY A 273 0.70 -32.02 -2.53
CA GLY A 273 0.32 -33.25 -3.22
C GLY A 273 1.44 -34.30 -3.23
N GLN A 274 2.47 -34.05 -2.44
CA GLN A 274 3.63 -34.93 -2.34
C GLN A 274 3.26 -36.26 -1.65
N SER A 275 3.89 -37.31 -2.17
CA SER A 275 3.75 -38.65 -1.55
C SER A 275 4.43 -38.58 -0.19
N GLU A 276 4.19 -39.58 0.64
CA GLU A 276 4.79 -39.63 1.98
C GLU A 276 6.30 -39.57 1.91
N GLU A 277 6.88 -40.29 0.96
CA GLU A 277 8.33 -40.38 0.80
C GLU A 277 8.95 -39.10 0.26
N GLU A 278 8.40 -38.54 -0.80
CA GLU A 278 8.87 -37.25 -1.34
C GLU A 278 8.89 -36.16 -0.28
N ALA A 279 7.84 -36.13 0.53
CA ALA A 279 7.68 -35.13 1.59
C ALA A 279 8.80 -35.20 2.61
N THR A 280 9.22 -36.44 2.88
CA THR A 280 10.31 -36.68 3.81
C THR A 280 11.67 -36.32 3.17
N VAL A 281 11.88 -36.83 1.97
CA VAL A 281 13.15 -36.58 1.25
C VAL A 281 13.35 -35.08 1.04
N ASN A 282 12.25 -34.43 0.67
CA ASN A 282 12.31 -32.96 0.39
C ASN A 282 12.70 -32.20 1.63
N LEU A 283 12.05 -32.47 2.76
CA LEU A 283 12.33 -31.84 4.03
C LEU A 283 13.80 -32.04 4.45
N SER A 284 14.30 -33.25 4.22
CA SER A 284 15.69 -33.56 4.61
C SER A 284 16.69 -32.71 3.80
N ALA A 285 16.48 -32.61 2.52
CA ALA A 285 17.30 -31.80 1.60
C ALA A 285 17.25 -30.33 1.98
N ILE A 286 16.10 -29.84 2.39
CA ILE A 286 15.94 -28.44 2.83
C ILE A 286 16.86 -28.16 4.01
N ASN A 287 16.94 -29.16 4.89
CA ASN A 287 17.78 -29.06 6.07
C ASN A 287 19.27 -29.29 5.78
N ASN A 288 19.66 -29.42 4.55
CA ASN A 288 21.06 -29.54 4.13
C ASN A 288 21.48 -28.44 3.15
N VAL A 289 20.69 -27.43 2.94
CA VAL A 289 21.08 -26.35 1.99
C VAL A 289 22.18 -25.54 2.68
N PRO A 290 23.27 -25.29 1.95
CA PRO A 290 24.43 -24.61 2.52
C PRO A 290 24.24 -23.11 2.58
N LEU A 291 23.15 -22.68 3.16
CA LEU A 291 22.87 -21.24 3.41
C LEU A 291 22.41 -21.14 4.86
N ILE A 292 22.58 -19.99 5.47
CA ILE A 292 22.14 -19.81 6.86
C ILE A 292 20.60 -19.91 6.89
N ARG A 293 20.14 -20.72 7.82
CA ARG A 293 18.70 -20.99 8.01
C ARG A 293 18.36 -20.68 9.47
N PRO A 294 17.87 -19.46 9.69
CA PRO A 294 17.73 -18.94 11.04
C PRO A 294 16.54 -19.43 11.81
N TRP A 295 15.71 -20.27 11.24
CA TRP A 295 14.50 -20.79 11.93
C TRP A 295 14.51 -22.32 11.83
N ALA A 296 13.81 -22.96 12.75
CA ALA A 296 13.59 -24.43 12.64
C ALA A 296 12.84 -24.69 11.34
N LEU A 297 13.21 -25.73 10.62
CA LEU A 297 12.58 -26.15 9.38
C LEU A 297 12.04 -27.58 9.55
N THR A 298 10.74 -27.65 9.81
CA THR A 298 10.10 -28.95 10.12
C THR A 298 8.82 -29.18 9.35
N PHE A 299 8.00 -30.09 9.83
CA PHE A 299 6.80 -30.57 9.17
C PHE A 299 5.52 -30.31 9.98
N SER A 300 4.47 -30.17 9.18
CA SER A 300 3.07 -30.13 9.68
C SER A 300 2.29 -30.87 8.60
N TYR A 301 2.31 -32.20 8.76
CA TYR A 301 1.78 -33.10 7.73
C TYR A 301 0.48 -33.79 8.17
N GLY A 302 -0.39 -33.92 7.21
CA GLY A 302 -1.73 -34.56 7.37
C GLY A 302 -1.68 -35.86 6.57
N ARG A 303 -2.07 -35.82 5.31
CA ARG A 303 -2.06 -36.99 4.43
C ARG A 303 -0.70 -37.67 4.36
N ALA A 304 0.36 -36.89 4.45
CA ALA A 304 1.73 -37.41 4.33
C ALA A 304 2.17 -38.17 5.57
N LEU A 305 1.41 -38.08 6.64
CA LEU A 305 1.70 -38.85 7.86
C LEU A 305 0.61 -39.91 8.09
N GLN A 306 -0.35 -40.00 7.20
CA GLN A 306 -1.54 -40.82 7.49
C GLN A 306 -2.01 -41.73 6.37
N ALA A 307 -1.49 -41.61 5.18
CA ALA A 307 -1.95 -42.40 4.04
C ALA A 307 -1.76 -43.89 4.29
N SER A 308 -0.58 -44.24 4.75
CA SER A 308 -0.18 -45.61 5.03
C SER A 308 -0.86 -46.13 6.30
N VAL A 309 -1.16 -45.23 7.22
CA VAL A 309 -1.91 -45.60 8.43
C VAL A 309 -3.28 -46.13 8.03
N LEU A 310 -3.98 -45.32 7.24
CA LEU A 310 -5.32 -45.65 6.75
C LEU A 310 -5.33 -46.96 5.97
N ARG A 311 -4.35 -47.12 5.10
CA ARG A 311 -4.19 -48.33 4.29
C ARG A 311 -4.05 -49.56 5.18
N ALA A 312 -3.15 -49.48 6.15
CA ALA A 312 -2.86 -50.58 7.07
C ALA A 312 -4.07 -50.96 7.92
N TRP A 313 -4.72 -49.95 8.47
CA TRP A 313 -5.89 -50.14 9.34
C TRP A 313 -7.04 -50.82 8.59
N ALA A 314 -7.47 -50.18 7.52
CA ALA A 314 -8.52 -50.65 6.63
C ALA A 314 -9.87 -50.78 7.31
N GLY A 315 -10.02 -50.11 8.44
CA GLY A 315 -11.28 -50.08 9.18
C GLY A 315 -11.42 -51.25 10.13
N LYS A 316 -10.46 -52.15 10.13
CA LYS A 316 -10.51 -53.36 10.96
C LYS A 316 -9.86 -53.17 12.31
N LYS A 317 -10.62 -53.52 13.33
CA LYS A 317 -10.25 -53.40 14.74
C LYS A 317 -8.95 -54.14 15.04
N GLU A 318 -8.79 -55.27 14.37
CA GLU A 318 -7.58 -56.08 14.53
C GLU A 318 -6.36 -55.27 14.11
N ASN A 319 -6.47 -54.60 12.98
CA ASN A 319 -5.42 -53.85 12.33
C ASN A 319 -4.98 -52.57 13.03
N ILE A 320 -5.43 -52.33 14.23
CA ILE A 320 -5.09 -51.11 14.97
C ILE A 320 -3.59 -50.93 15.13
N ALA A 321 -2.92 -51.99 15.54
CA ALA A 321 -1.48 -51.97 15.84
C ALA A 321 -0.67 -51.73 14.58
N ALA A 322 -1.15 -52.31 13.50
CA ALA A 322 -0.52 -52.21 12.18
C ALA A 322 -0.52 -50.76 11.69
N GLY A 323 -1.65 -50.10 11.89
CA GLY A 323 -1.82 -48.69 11.51
C GLY A 323 -0.90 -47.80 12.33
N GLN A 324 -0.94 -47.98 13.62
CA GLN A 324 -0.15 -47.20 14.58
C GLN A 324 1.35 -47.32 14.30
N ASN A 325 1.72 -48.50 13.82
CA ASN A 325 3.13 -48.81 13.52
C ASN A 325 3.59 -48.00 12.32
N GLU A 326 2.71 -47.88 11.35
CA GLU A 326 2.97 -47.07 10.14
C GLU A 326 3.15 -45.59 10.53
N LEU A 327 2.38 -45.16 11.52
CA LEU A 327 2.47 -43.77 12.01
C LEU A 327 3.81 -43.52 12.68
N LEU A 328 4.20 -44.47 13.52
CA LEU A 328 5.49 -44.35 14.22
C LEU A 328 6.62 -44.32 13.20
N LYS A 329 6.50 -45.12 12.18
CA LYS A 329 7.51 -45.25 11.13
C LYS A 329 7.75 -43.90 10.44
N ARG A 330 6.69 -43.32 9.95
CA ARG A 330 6.74 -42.01 9.26
C ARG A 330 7.08 -40.83 10.15
N ALA A 331 6.61 -40.83 11.39
CA ALA A 331 6.91 -39.77 12.36
C ALA A 331 8.42 -39.70 12.61
N LYS A 332 8.98 -40.89 12.79
CA LYS A 332 10.44 -41.01 13.01
C LYS A 332 11.19 -40.52 11.79
N ALA A 333 10.73 -40.91 10.60
CA ALA A 333 11.44 -40.53 9.35
C ALA A 333 11.44 -39.01 9.18
N ASN A 334 10.29 -38.42 9.48
CA ASN A 334 10.16 -36.94 9.38
C ASN A 334 10.94 -36.24 10.45
N GLY A 335 10.97 -36.83 11.66
CA GLY A 335 11.79 -36.29 12.74
C GLY A 335 13.27 -36.23 12.30
N ASP A 336 13.69 -37.26 11.58
CA ASP A 336 15.08 -37.32 11.09
C ASP A 336 15.30 -36.25 9.99
N ALA A 337 14.32 -36.13 9.12
CA ALA A 337 14.39 -35.16 8.02
C ALA A 337 14.46 -33.74 8.56
N ALA A 338 13.73 -33.50 9.65
CA ALA A 338 13.71 -32.17 10.28
C ALA A 338 15.10 -31.81 10.80
N GLN A 339 15.96 -32.81 10.87
CA GLN A 339 17.35 -32.59 11.33
C GLN A 339 18.34 -32.78 10.17
N GLY A 340 17.84 -32.99 8.99
CA GLY A 340 18.65 -33.16 7.78
C GLY A 340 19.33 -34.54 7.75
N LYS A 341 18.74 -35.48 8.46
CA LYS A 341 19.38 -36.81 8.63
C LYS A 341 18.65 -37.96 8.01
N TYR A 342 17.67 -37.75 7.14
CA TYR A 342 16.93 -38.88 6.58
C TYR A 342 17.67 -39.55 5.43
N VAL A 343 17.75 -40.89 5.55
CA VAL A 343 18.34 -41.68 4.44
C VAL A 343 17.21 -42.11 3.52
N ALA A 344 17.28 -41.63 2.29
CA ALA A 344 16.23 -41.85 1.29
C ALA A 344 15.86 -43.32 1.16
N GLY A 345 14.58 -43.58 1.20
CA GLY A 345 14.02 -44.91 1.07
C GLY A 345 14.15 -45.80 2.28
N SER A 346 14.81 -45.32 3.31
CA SER A 346 15.11 -46.10 4.51
C SER A 346 13.86 -46.45 5.32
N ALA A 347 12.81 -45.65 5.18
CA ALA A 347 11.57 -45.89 5.91
C ALA A 347 10.51 -46.57 5.03
N GLY A 348 10.91 -46.95 3.84
CA GLY A 348 10.00 -47.64 2.90
C GLY A 348 9.50 -46.66 1.84
N ALA A 349 8.96 -47.22 0.78
CA ALA A 349 8.49 -46.45 -0.40
C ALA A 349 7.31 -45.57 -0.05
N GLY A 350 6.51 -46.03 0.91
CA GLY A 350 5.33 -45.33 1.41
C GLY A 350 4.15 -45.48 0.45
N SER A 351 3.44 -44.38 0.30
CA SER A 351 2.23 -44.28 -0.53
C SER A 351 2.53 -43.71 -1.91
N GLY A 352 1.43 -43.55 -2.63
CA GLY A 352 1.39 -42.95 -3.97
C GLY A 352 1.25 -41.43 -3.82
N SER A 353 0.88 -40.82 -4.93
CA SER A 353 0.74 -39.34 -4.99
C SER A 353 -0.52 -39.00 -4.21
N LEU A 354 -0.38 -38.06 -3.31
CA LEU A 354 -1.47 -37.62 -2.42
C LEU A 354 -2.07 -36.30 -2.89
N PHE A 355 -2.10 -36.16 -4.20
CA PHE A 355 -2.60 -34.93 -4.83
C PHE A 355 -4.11 -35.03 -5.12
N VAL A 356 -4.78 -33.99 -4.68
CA VAL A 356 -6.21 -33.76 -4.96
C VAL A 356 -6.32 -32.28 -5.37
N ALA A 357 -6.83 -32.06 -6.56
CA ALA A 357 -6.91 -30.73 -7.18
C ALA A 357 -7.93 -29.80 -6.53
N ASN A 358 -7.81 -28.54 -6.89
CA ASN A 358 -8.71 -27.43 -6.65
C ASN A 358 -9.19 -27.22 -5.22
N HIS A 359 -8.43 -26.50 -4.43
CA HIS A 359 -8.75 -26.32 -3.00
C HIS A 359 -9.56 -25.07 -2.71
N ALA A 360 -9.46 -24.10 -3.59
CA ALA A 360 -10.13 -22.79 -3.40
C ALA A 360 -11.47 -22.76 -4.10
N TYR A 361 -12.50 -22.99 -3.32
CA TYR A 361 -13.89 -22.92 -3.73
C TYR A 361 -14.74 -24.04 -3.13
C ACE B 1 -3.40 -4.14 -9.74
O ACE B 1 -2.49 -4.84 -10.20
CH3 ACE B 1 -3.15 -2.85 -9.03
N THR B 2 -4.69 -4.53 -9.88
CA THR B 2 -5.08 -5.63 -10.70
C THR B 2 -5.84 -5.13 -11.92
N THR B 3 -5.36 -5.45 -13.11
CA THR B 3 -6.04 -4.92 -14.31
C THR B 3 -6.94 -5.93 -14.98
N TYR B 4 -6.69 -7.21 -14.75
CA TYR B 4 -7.50 -8.30 -15.32
C TYR B 4 -8.54 -8.72 -14.26
N PHE B 5 -9.76 -8.30 -14.52
CA PHE B 5 -10.89 -8.59 -13.60
C PHE B 5 -12.19 -8.55 -14.42
N ASN B 6 -13.25 -8.98 -13.76
CA ASN B 6 -14.58 -9.03 -14.42
C ASN B 6 -15.50 -7.94 -13.85
N TYR B 7 -16.05 -7.15 -14.77
CA TYR B 7 -17.12 -6.18 -14.38
C TYR B 7 -18.38 -7.04 -14.12
N PRO B 8 -19.23 -6.56 -13.25
CA PRO B 8 -20.51 -7.24 -12.99
C PRO B 8 -21.29 -7.32 -14.30
N SER B 9 -22.16 -8.30 -14.38
CA SER B 9 -23.01 -8.50 -15.59
C SER B 9 -23.87 -7.23 -15.74
N LYS B 10 -24.27 -7.00 -16.98
CA LYS B 10 -25.14 -5.84 -17.29
C LYS B 10 -26.39 -5.90 -16.44
N GLU B 11 -26.99 -7.07 -16.34
CA GLU B 11 -28.22 -7.24 -15.53
C GLU B 11 -28.02 -6.78 -14.10
N LEU B 12 -26.89 -7.15 -13.50
CA LEU B 12 -26.59 -6.79 -12.12
C LEU B 12 -26.30 -5.31 -11.97
N GLN B 13 -25.52 -4.74 -12.91
CA GLN B 13 -25.19 -3.31 -12.84
C GLN B 13 -26.48 -2.46 -12.82
N ASP B 14 -27.36 -2.80 -13.74
CA ASP B 14 -28.63 -2.08 -13.92
C ASP B 14 -29.46 -2.14 -12.64
N GLU B 15 -29.58 -3.34 -12.09
CA GLU B 15 -30.37 -3.53 -10.88
C GLU B 15 -29.81 -2.71 -9.75
N LEU B 16 -28.50 -2.79 -9.49
CA LEU B 16 -27.88 -2.04 -8.41
C LEU B 16 -27.98 -0.52 -8.61
N ARG B 17 -27.74 -0.08 -9.83
CA ARG B 17 -27.77 1.38 -10.11
C ARG B 17 -29.21 1.91 -9.89
N GLU B 18 -30.16 1.13 -10.33
CA GLU B 18 -31.58 1.51 -10.20
C GLU B 18 -31.99 1.65 -8.75
N ILE B 19 -31.62 0.68 -7.91
CA ILE B 19 -31.92 0.78 -6.47
C ILE B 19 -31.29 2.01 -5.85
N ALA B 20 -30.00 2.24 -6.10
CA ALA B 20 -29.31 3.40 -5.49
C ALA B 20 -29.97 4.72 -5.90
N GLN B 21 -30.28 4.83 -7.16
CA GLN B 21 -30.90 6.03 -7.75
C GLN B 21 -32.22 6.33 -7.04
N LYS B 22 -33.00 5.29 -6.81
CA LYS B 22 -34.29 5.38 -6.13
C LYS B 22 -34.19 5.90 -4.71
N ILE B 23 -33.18 5.45 -3.97
CA ILE B 23 -32.97 5.85 -2.58
C ILE B 23 -32.68 7.32 -2.43
N VAL B 24 -31.99 7.90 -3.41
CA VAL B 24 -31.63 9.33 -3.33
C VAL B 24 -32.43 10.19 -4.29
N ALA B 25 -33.61 9.73 -4.68
CA ALA B 25 -34.49 10.58 -5.53
C ALA B 25 -34.69 11.92 -4.82
N PRO B 26 -34.81 12.97 -5.64
CA PRO B 26 -34.97 14.33 -5.15
C PRO B 26 -36.00 14.44 -4.04
N GLY B 27 -35.60 15.09 -2.99
CA GLY B 27 -36.36 15.38 -1.79
C GLY B 27 -36.61 14.15 -0.93
N LYS B 28 -35.74 13.16 -1.00
CA LYS B 28 -35.92 11.93 -0.20
C LYS B 28 -34.63 11.50 0.50
N GLY B 29 -34.81 10.79 1.60
CA GLY B 29 -33.65 10.27 2.37
C GLY B 29 -34.11 9.01 3.11
N ILE B 30 -33.22 8.54 3.96
CA ILE B 30 -33.45 7.28 4.68
C ILE B 30 -33.75 7.53 6.15
N LEU B 31 -34.69 6.74 6.63
CA LEU B 31 -34.98 6.65 8.07
C LEU B 31 -34.19 5.43 8.60
N ALA B 32 -33.28 5.66 9.50
CA ALA B 32 -32.47 4.58 10.11
C ALA B 32 -33.18 4.09 11.36
N ALA B 33 -33.78 2.93 11.29
CA ALA B 33 -34.58 2.38 12.43
C ALA B 33 -33.98 1.05 12.86
N ASP B 34 -32.66 0.99 12.79
CA ASP B 34 -31.97 -0.31 12.91
C ASP B 34 -31.35 -0.51 14.29
N GLU B 35 -31.88 0.11 15.31
CA GLU B 35 -31.41 -0.05 16.69
C GLU B 35 -31.66 -1.48 17.17
N SER B 36 -30.62 -2.04 17.78
CA SER B 36 -30.70 -3.42 18.33
C SER B 36 -31.48 -3.37 19.63
N GLY B 37 -31.84 -4.54 20.13
CA GLY B 37 -32.56 -4.68 21.40
C GLY B 37 -32.02 -3.75 22.47
N PRO B 38 -30.72 -3.86 22.74
CA PRO B 38 -30.08 -3.08 23.78
C PRO B 38 -30.16 -1.57 23.58
N THR B 39 -29.86 -1.13 22.37
CA THR B 39 -29.83 0.31 22.05
C THR B 39 -31.22 0.91 22.12
N MET B 40 -32.17 0.21 21.51
CA MET B 40 -33.58 0.60 21.50
C MET B 40 -34.05 0.70 22.95
N GLY B 41 -33.56 -0.22 23.76
CA GLY B 41 -33.88 -0.29 25.20
C GLY B 41 -33.49 1.00 25.91
N LYS B 42 -32.37 1.56 25.50
CA LYS B 42 -31.86 2.81 26.08
C LYS B 42 -32.80 3.96 25.74
N ARG B 43 -33.38 3.88 24.57
CA ARG B 43 -34.29 4.92 24.04
C ARG B 43 -35.64 4.88 24.74
N LEU B 44 -36.09 3.66 25.00
CA LEU B 44 -37.35 3.40 25.69
C LEU B 44 -37.30 3.80 27.15
N GLN B 45 -36.25 3.36 27.83
CA GLN B 45 -36.07 3.65 29.26
C GLN B 45 -36.22 5.15 29.52
N ASP B 46 -35.67 5.87 28.58
CA ASP B 46 -35.58 7.33 28.51
C ASP B 46 -36.96 7.98 28.57
N ILE B 47 -37.98 7.26 28.16
CA ILE B 47 -39.37 7.74 28.19
C ILE B 47 -40.24 6.85 29.08
N GLY B 48 -39.63 6.27 30.08
CA GLY B 48 -40.31 5.45 31.08
C GLY B 48 -40.83 4.13 30.55
N VAL B 49 -40.48 3.78 29.33
CA VAL B 49 -40.95 2.53 28.72
C VAL B 49 -39.95 1.39 28.88
N GLU B 50 -40.49 0.27 29.33
CA GLU B 50 -39.74 -0.96 29.56
C GLU B 50 -39.35 -1.60 28.24
N ASN B 51 -38.13 -2.07 28.18
CA ASN B 51 -37.57 -2.71 26.98
C ASN B 51 -37.99 -4.17 26.84
N THR B 52 -39.13 -4.37 26.21
CA THR B 52 -39.65 -5.68 25.85
C THR B 52 -39.76 -5.77 24.33
N GLU B 53 -39.77 -7.00 23.84
CA GLU B 53 -39.86 -7.26 22.41
C GLU B 53 -41.14 -6.61 21.86
N ASP B 54 -42.18 -6.71 22.69
CA ASP B 54 -43.50 -6.20 22.28
C ASP B 54 -43.53 -4.67 22.26
N ASN B 55 -42.82 -4.06 23.18
CA ASN B 55 -42.73 -2.59 23.22
C ASN B 55 -41.93 -2.10 22.02
N ARG B 56 -40.89 -2.85 21.68
CA ARG B 56 -40.05 -2.50 20.51
C ARG B 56 -40.89 -2.61 19.24
N ARG B 57 -41.67 -3.68 19.17
CA ARG B 57 -42.55 -3.93 18.02
C ARG B 57 -43.59 -2.82 17.90
N ALA B 58 -44.09 -2.39 19.04
CA ALA B 58 -45.13 -1.35 19.13
C ALA B 58 -44.59 -0.03 18.57
N TYR B 59 -43.41 0.35 19.04
CA TYR B 59 -42.73 1.56 18.58
C TYR B 59 -42.51 1.53 17.08
N ARG B 60 -41.95 0.45 16.56
CA ARG B 60 -41.76 0.28 15.11
C ARG B 60 -43.07 0.33 14.36
N GLN B 61 -44.12 -0.21 14.97
CA GLN B 61 -45.46 -0.18 14.35
C GLN B 61 -45.92 1.26 14.13
N LEU B 62 -45.67 2.13 15.08
CA LEU B 62 -46.00 3.56 15.03
C LEU B 62 -45.32 4.20 13.82
N LEU B 63 -44.01 3.96 13.74
CA LEU B 63 -43.17 4.45 12.66
C LEU B 63 -43.68 4.01 11.29
N PHE B 64 -44.04 2.75 11.21
CA PHE B 64 -44.39 2.03 9.99
C PHE B 64 -45.84 2.17 9.57
N SER B 65 -46.70 2.67 10.42
CA SER B 65 -48.13 2.83 10.05
C SER B 65 -48.47 4.29 9.76
N THR B 66 -47.45 5.13 9.72
CA THR B 66 -47.60 6.57 9.41
C THR B 66 -48.29 6.74 8.07
N ASP B 67 -49.00 7.87 7.95
CA ASP B 67 -49.67 8.26 6.69
C ASP B 67 -48.67 8.09 5.55
N PRO B 68 -49.16 7.55 4.45
CA PRO B 68 -48.36 7.28 3.26
C PRO B 68 -47.68 8.53 2.71
N LYS B 69 -48.11 9.67 3.21
CA LYS B 69 -47.48 10.96 2.85
C LYS B 69 -45.97 10.88 3.15
N LEU B 70 -45.63 10.01 4.09
CA LEU B 70 -44.24 9.86 4.54
C LEU B 70 -43.31 9.50 3.40
N ALA B 71 -43.82 8.71 2.46
CA ALA B 71 -43.07 8.18 1.33
C ALA B 71 -42.65 9.29 0.37
N GLU B 72 -43.17 10.47 0.60
CA GLU B 72 -42.78 11.64 -0.20
C GLU B 72 -41.36 12.05 0.14
N ASN B 73 -40.99 11.83 1.41
CA ASN B 73 -39.66 12.24 1.87
C ASN B 73 -38.78 11.06 2.29
N ILE B 74 -39.38 9.92 2.48
CA ILE B 74 -38.63 8.71 2.91
C ILE B 74 -38.63 7.69 1.80
N SER B 75 -37.46 7.50 1.19
CA SER B 75 -37.30 6.50 0.13
C SER B 75 -37.04 5.10 0.71
N GLY B 76 -36.43 5.04 1.87
CA GLY B 76 -36.03 3.73 2.43
C GLY B 76 -35.91 3.75 3.92
N VAL B 77 -35.98 2.55 4.49
CA VAL B 77 -35.88 2.34 5.93
C VAL B 77 -34.86 1.20 6.18
N ILE B 78 -33.93 1.49 7.05
CA ILE B 78 -32.94 0.45 7.45
C ILE B 78 -33.51 -0.24 8.70
N LEU B 79 -33.61 -1.55 8.61
CA LEU B 79 -34.18 -2.40 9.66
C LEU B 79 -33.08 -3.15 10.45
N PHE B 80 -33.44 -3.44 11.68
CA PHE B 80 -32.64 -4.41 12.50
C PHE B 80 -33.27 -5.77 12.24
N HIS B 81 -32.48 -6.82 12.27
CA HIS B 81 -32.92 -8.18 11.96
C HIS B 81 -34.27 -8.57 12.52
N GLU B 82 -34.53 -8.39 13.80
CA GLU B 82 -35.81 -8.85 14.38
C GLU B 82 -37.03 -8.22 13.73
N THR B 83 -36.91 -6.96 13.38
CA THR B 83 -38.01 -6.17 12.81
C THR B 83 -38.46 -6.63 11.45
N LEU B 84 -37.50 -7.10 10.67
CA LEU B 84 -37.82 -7.62 9.33
C LEU B 84 -38.84 -8.73 9.36
N TYR B 85 -38.91 -9.44 10.49
CA TYR B 85 -39.81 -10.60 10.60
C TYR B 85 -40.98 -10.39 11.53
N GLN B 86 -41.22 -9.18 11.98
CA GLN B 86 -42.31 -8.84 12.89
C GLN B 86 -43.57 -8.45 12.11
N LYS B 87 -44.67 -8.42 12.86
CA LYS B 87 -45.99 -8.10 12.28
C LYS B 87 -46.71 -7.04 13.10
N ALA B 88 -47.59 -6.32 12.41
CA ALA B 88 -48.43 -5.28 13.03
C ALA B 88 -49.47 -5.99 13.90
N ASP B 89 -50.20 -5.20 14.66
CA ASP B 89 -51.27 -5.68 15.54
C ASP B 89 -52.26 -6.56 14.80
N ASP B 90 -52.56 -6.20 13.56
CA ASP B 90 -53.55 -6.93 12.75
C ASP B 90 -52.95 -8.10 11.98
N GLY B 91 -51.70 -8.43 12.22
CA GLY B 91 -51.02 -9.55 11.59
C GLY B 91 -50.32 -9.28 10.28
N THR B 92 -50.33 -8.04 9.81
CA THR B 92 -49.66 -7.70 8.53
C THR B 92 -48.16 -7.53 8.83
N PRO B 93 -47.35 -8.22 8.06
CA PRO B 93 -45.88 -8.12 8.21
C PRO B 93 -45.45 -6.68 7.96
N PHE B 94 -44.59 -6.18 8.82
CA PHE B 94 -44.01 -4.83 8.67
C PHE B 94 -43.46 -4.65 7.25
N ALA B 95 -42.82 -5.68 6.72
CA ALA B 95 -42.21 -5.62 5.38
C ALA B 95 -43.25 -5.24 4.32
N GLU B 96 -44.42 -5.83 4.47
CA GLU B 96 -45.54 -5.64 3.54
C GLU B 96 -46.12 -4.23 3.62
N ILE B 97 -46.26 -3.73 4.82
CA ILE B 97 -46.74 -2.36 5.06
C ILE B 97 -45.85 -1.36 4.32
N LEU B 98 -44.55 -1.51 4.57
CA LEU B 98 -43.56 -0.60 3.98
C LEU B 98 -43.55 -0.69 2.47
N LYS B 99 -43.57 -1.90 1.93
CA LYS B 99 -43.53 -2.10 0.47
C LYS B 99 -44.75 -1.48 -0.20
N LYS B 100 -45.88 -1.62 0.44
CA LYS B 100 -47.15 -1.07 -0.08
C LYS B 100 -47.07 0.43 -0.24
N LYS B 101 -46.36 1.08 0.66
CA LYS B 101 -46.18 2.54 0.64
C LYS B 101 -45.06 2.98 -0.29
N GLY B 102 -44.46 2.03 -0.96
CA GLY B 102 -43.41 2.27 -1.94
C GLY B 102 -42.07 2.58 -1.27
N ILE B 103 -41.90 2.10 -0.05
CA ILE B 103 -40.62 2.33 0.66
C ILE B 103 -39.71 1.12 0.45
N ILE B 104 -38.44 1.39 0.20
CA ILE B 104 -37.44 0.33 0.03
C ILE B 104 -36.90 -0.16 1.37
N LEU B 105 -36.66 -1.46 1.46
CA LEU B 105 -36.19 -2.04 2.74
C LEU B 105 -34.66 -2.26 2.69
N GLY B 106 -34.05 -1.91 3.79
CA GLY B 106 -32.61 -2.02 4.06
C GLY B 106 -32.43 -2.82 5.36
N ILE B 107 -31.27 -3.43 5.48
CA ILE B 107 -30.94 -4.30 6.62
C ILE B 107 -29.52 -4.03 7.14
N LYS B 108 -29.39 -3.95 8.45
CA LYS B 108 -28.07 -3.80 9.10
C LYS B 108 -27.42 -5.18 9.14
N VAL B 109 -26.23 -5.31 8.57
CA VAL B 109 -25.59 -6.62 8.42
C VAL B 109 -24.30 -6.79 9.22
N ASP B 110 -23.75 -5.73 9.74
CA ASP B 110 -22.51 -5.86 10.56
C ASP B 110 -22.84 -6.51 11.90
N LYS B 111 -21.77 -7.02 12.50
CA LYS B 111 -21.85 -7.65 13.82
C LYS B 111 -21.09 -6.86 14.89
N GLY B 112 -21.00 -5.56 14.71
CA GLY B 112 -20.46 -4.65 15.72
C GLY B 112 -18.93 -4.53 15.63
N VAL B 113 -18.37 -3.73 16.51
CA VAL B 113 -16.92 -3.46 16.48
C VAL B 113 -16.15 -4.40 17.42
N VAL B 114 -14.89 -4.58 17.07
CA VAL B 114 -13.93 -5.38 17.85
C VAL B 114 -12.60 -4.61 17.88
N PRO B 115 -11.89 -4.75 18.98
CA PRO B 115 -10.62 -4.07 19.20
C PRO B 115 -9.48 -4.59 18.33
N LEU B 116 -8.65 -3.64 17.91
CA LEU B 116 -7.40 -3.92 17.16
C LEU B 116 -6.30 -4.05 18.23
N PHE B 117 -5.91 -5.31 18.41
CA PHE B 117 -4.93 -5.65 19.46
C PHE B 117 -3.62 -4.91 19.16
N GLY B 118 -3.14 -4.21 20.16
CA GLY B 118 -1.92 -3.41 20.12
C GLY B 118 -2.14 -1.97 19.68
N SER B 119 -3.32 -1.68 19.14
CA SER B 119 -3.64 -0.30 18.74
C SER B 119 -3.88 0.53 19.99
N GLU B 120 -3.89 1.85 19.82
CA GLU B 120 -4.25 2.77 20.90
C GLU B 120 -5.76 2.94 20.92
N ASP B 121 -6.42 1.87 21.33
CA ASP B 121 -7.86 1.84 21.52
C ASP B 121 -8.68 2.02 20.25
N GLU B 122 -8.27 1.45 19.16
CA GLU B 122 -9.01 1.54 17.89
C GLU B 122 -9.68 0.22 17.57
N VAL B 123 -10.61 0.24 16.65
CA VAL B 123 -11.44 -0.90 16.30
C VAL B 123 -11.60 -1.07 14.79
N THR B 124 -12.14 -2.23 14.48
CA THR B 124 -12.59 -2.59 13.13
C THR B 124 -13.99 -3.20 13.30
N THR B 125 -14.63 -3.53 12.20
CA THR B 125 -15.98 -4.10 12.30
C THR B 125 -15.99 -5.53 11.80
N GLN B 126 -16.75 -6.36 12.50
CA GLN B 126 -16.88 -7.79 12.12
C GLN B 126 -18.26 -8.04 11.50
N GLY B 127 -18.38 -9.22 10.90
CA GLY B 127 -19.61 -9.65 10.23
C GLY B 127 -19.54 -10.16 8.84
N LEU B 128 -18.35 -10.41 8.27
CA LEU B 128 -18.24 -10.97 6.93
C LEU B 128 -18.60 -12.45 6.84
N ASP B 129 -18.52 -13.17 7.94
CA ASP B 129 -18.70 -14.64 7.88
C ASP B 129 -20.13 -14.98 7.43
N ASP B 130 -20.21 -15.77 6.41
CA ASP B 130 -21.42 -16.23 5.77
C ASP B 130 -22.30 -15.06 5.29
N LEU B 131 -21.67 -13.91 5.03
CA LEU B 131 -22.44 -12.74 4.62
C LEU B 131 -23.18 -12.96 3.33
N ALA B 132 -22.61 -13.71 2.39
CA ALA B 132 -23.25 -13.93 1.09
C ALA B 132 -24.58 -14.66 1.26
N ALA B 133 -24.56 -15.69 2.09
CA ALA B 133 -25.75 -16.49 2.41
C ALA B 133 -26.80 -15.62 3.10
N ARG B 134 -26.38 -14.84 4.08
CA ARG B 134 -27.27 -13.93 4.81
C ARG B 134 -27.91 -12.93 3.84
N CYS B 135 -27.13 -12.39 2.93
CA CYS B 135 -27.60 -11.44 1.92
C CYS B 135 -28.62 -12.06 0.98
N ALA B 136 -28.37 -13.30 0.54
CA ALA B 136 -29.29 -14.00 -0.35
C ALA B 136 -30.64 -14.21 0.36
N GLN B 137 -30.59 -14.45 1.65
CA GLN B 137 -31.85 -14.64 2.42
C GLN B 137 -32.57 -13.29 2.56
N TYR B 138 -31.81 -12.27 2.96
CA TYR B 138 -32.37 -10.92 3.14
C TYR B 138 -33.00 -10.42 1.84
N LYS B 139 -32.43 -10.71 0.72
CA LYS B 139 -32.90 -10.27 -0.60
C LYS B 139 -34.24 -10.93 -0.93
N LYS B 140 -34.29 -12.22 -0.66
CA LYS B 140 -35.53 -13.02 -0.81
C LYS B 140 -36.63 -12.52 0.09
N ASP B 141 -36.28 -12.02 1.26
CA ASP B 141 -37.23 -11.54 2.26
C ASP B 141 -37.58 -10.07 2.05
N GLY B 142 -37.16 -9.52 0.92
CA GLY B 142 -37.57 -8.18 0.51
C GLY B 142 -36.63 -7.03 0.68
N CYS B 143 -35.38 -7.30 1.01
CA CYS B 143 -34.39 -6.21 1.27
C CYS B 143 -33.59 -5.94 0.00
N ASP B 144 -33.28 -4.67 -0.27
CA ASP B 144 -32.56 -4.31 -1.50
C ASP B 144 -31.26 -3.54 -1.23
N PHE B 145 -31.08 -3.11 -0.02
CA PHE B 145 -29.84 -2.38 0.36
C PHE B 145 -29.41 -2.82 1.75
N ALA B 146 -28.16 -2.52 2.07
CA ALA B 146 -27.59 -2.96 3.33
C ALA B 146 -26.80 -1.83 3.98
N LYS B 147 -26.54 -1.99 5.25
CA LYS B 147 -25.82 -1.05 6.08
C LYS B 147 -24.76 -1.78 6.93
N TRP B 148 -23.60 -1.16 6.98
CA TRP B 148 -22.43 -1.68 7.73
C TRP B 148 -21.66 -0.45 8.24
N ARG B 149 -21.48 -0.40 9.53
CA ARG B 149 -20.84 0.74 10.20
C ARG B 149 -19.43 0.45 10.69
N CYS B 150 -18.51 1.27 10.23
CA CYS B 150 -17.11 1.31 10.71
C CYS B 150 -16.92 2.59 11.51
N VAL B 151 -16.10 2.50 12.55
CA VAL B 151 -15.87 3.62 13.46
C VAL B 151 -14.40 4.03 13.51
N LEU B 152 -14.14 5.29 13.25
CA LEU B 152 -12.80 5.89 13.36
C LEU B 152 -12.85 6.99 14.42
N LYS B 153 -11.83 7.01 15.26
CA LYS B 153 -11.77 7.94 16.37
C LYS B 153 -10.62 8.94 16.24
N ILE B 154 -10.93 10.21 16.47
CA ILE B 154 -9.87 11.23 16.49
C ILE B 154 -9.30 11.37 17.90
N GLY B 155 -7.98 11.20 17.97
CA GLY B 155 -7.24 11.28 19.24
C GLY B 155 -5.84 11.82 18.94
N LYS B 156 -4.96 11.65 19.92
CA LYS B 156 -3.58 12.16 19.82
C LYS B 156 -2.89 11.61 18.58
N ASN B 157 -2.98 10.31 18.39
CA ASN B 157 -2.34 9.60 17.29
C ASN B 157 -3.34 8.86 16.41
N THR B 158 -4.64 9.10 16.58
CA THR B 158 -5.62 8.30 15.82
C THR B 158 -6.51 9.20 14.98
N PRO B 159 -7.03 8.71 13.88
CA PRO B 159 -6.88 7.34 13.38
C PRO B 159 -5.46 7.10 12.86
N SER B 160 -5.02 5.89 13.12
CA SER B 160 -3.68 5.43 12.68
C SER B 160 -3.74 4.92 11.28
N TYR B 161 -2.55 4.73 10.68
CA TYR B 161 -2.50 4.07 9.35
C TYR B 161 -3.14 2.70 9.45
N GLN B 162 -2.89 1.99 10.56
CA GLN B 162 -3.46 0.64 10.72
C GLN B 162 -5.00 0.66 10.56
N SER B 163 -5.60 1.54 11.35
CA SER B 163 -7.05 1.69 11.45
C SER B 163 -7.68 2.06 10.11
N ILE B 164 -7.05 3.01 9.44
CA ILE B 164 -7.51 3.48 8.13
C ILE B 164 -7.47 2.36 7.09
N LEU B 165 -6.31 1.69 7.02
CA LEU B 165 -6.14 0.56 6.11
C LEU B 165 -7.17 -0.56 6.33
N GLU B 166 -7.28 -0.97 7.58
CA GLU B 166 -8.19 -2.09 7.94
C GLU B 166 -9.66 -1.75 7.71
N ASN B 167 -10.07 -0.58 8.15
CA ASN B 167 -11.51 -0.19 8.02
C ASN B 167 -11.87 -0.02 6.56
N ALA B 168 -10.92 0.51 5.78
CA ALA B 168 -11.10 0.68 4.34
C ALA B 168 -11.23 -0.68 3.66
N ASN B 169 -10.38 -1.63 4.08
CA ASN B 169 -10.40 -2.96 3.48
C ASN B 169 -11.70 -3.70 3.83
N VAL B 170 -12.09 -3.62 5.09
CA VAL B 170 -13.30 -4.35 5.52
C VAL B 170 -14.54 -3.80 4.81
N LEU B 171 -14.58 -2.48 4.66
CA LEU B 171 -15.71 -1.86 3.92
C LEU B 171 -15.79 -2.40 2.51
N ALA B 172 -14.64 -2.54 1.83
CA ALA B 172 -14.62 -3.05 0.46
C ALA B 172 -15.06 -4.50 0.38
N ARG B 173 -14.67 -5.29 1.38
CA ARG B 173 -15.07 -6.72 1.42
C ARG B 173 -16.62 -6.81 1.54
N TYR B 174 -17.13 -6.05 2.47
CA TYR B 174 -18.60 -5.98 2.73
C TYR B 174 -19.34 -5.56 1.47
N ALA B 175 -18.85 -4.51 0.81
CA ALA B 175 -19.55 -3.98 -0.37
C ALA B 175 -19.57 -4.98 -1.49
N SER B 176 -18.41 -5.60 -1.74
CA SER B 176 -18.27 -6.61 -2.79
C SER B 176 -19.30 -7.72 -2.60
N ILE B 177 -19.39 -8.21 -1.37
CA ILE B 177 -20.29 -9.34 -1.06
C ILE B 177 -21.75 -8.96 -1.33
N CYS B 178 -22.13 -7.79 -0.84
CA CYS B 178 -23.52 -7.32 -1.05
C CYS B 178 -23.83 -7.28 -2.54
N GLN B 179 -22.92 -6.66 -3.29
CA GLN B 179 -23.12 -6.52 -4.74
C GLN B 179 -23.26 -7.88 -5.41
N SER B 180 -22.51 -8.87 -4.92
CA SER B 180 -22.56 -10.22 -5.52
C SER B 180 -23.96 -10.79 -5.38
N GLN B 181 -24.66 -10.42 -4.34
CA GLN B 181 -25.98 -10.95 -4.00
C GLN B 181 -27.13 -10.00 -4.33
N ARG B 182 -26.90 -9.04 -5.23
CA ARG B 182 -27.91 -8.10 -5.71
C ARG B 182 -28.40 -7.13 -4.64
N ILE B 183 -27.55 -6.74 -3.71
CA ILE B 183 -27.87 -5.79 -2.65
C ILE B 183 -26.95 -4.57 -2.73
N VAL B 184 -27.55 -3.38 -2.70
CA VAL B 184 -26.75 -2.14 -2.66
C VAL B 184 -26.15 -1.86 -1.32
N PRO B 185 -24.81 -1.77 -1.24
CA PRO B 185 -24.15 -1.48 0.02
C PRO B 185 -24.09 0.01 0.30
N ILE B 186 -24.50 0.39 1.49
CA ILE B 186 -24.19 1.74 1.98
C ILE B 186 -22.86 1.64 2.75
N VAL B 187 -21.86 2.30 2.24
CA VAL B 187 -20.52 2.38 2.86
C VAL B 187 -20.53 3.43 3.94
N GLU B 188 -20.26 3.03 5.16
CA GLU B 188 -20.31 3.95 6.30
C GLU B 188 -19.07 3.96 7.17
N PRO B 189 -18.13 4.83 6.78
CA PRO B 189 -16.92 5.09 7.54
C PRO B 189 -17.14 6.26 8.49
N GLU B 190 -17.67 6.04 9.68
CA GLU B 190 -17.96 7.16 10.57
C GLU B 190 -16.73 7.64 11.35
N VAL B 191 -16.37 8.90 11.11
CA VAL B 191 -15.37 9.58 11.94
C VAL B 191 -16.15 10.16 13.13
N LEU B 192 -15.91 9.67 14.32
CA LEU B 192 -16.65 10.08 15.52
C LEU B 192 -16.37 11.55 15.86
N PRO B 193 -17.38 12.20 16.43
CA PRO B 193 -17.26 13.61 16.83
C PRO B 193 -16.59 13.80 18.17
N ASP B 194 -16.44 12.71 18.92
CA ASP B 194 -15.89 12.74 20.29
C ASP B 194 -14.54 13.45 20.31
N GLY B 195 -14.37 14.32 21.29
CA GLY B 195 -13.06 15.00 21.47
C GLY B 195 -13.21 16.50 21.30
N ASP B 196 -12.08 17.18 21.45
CA ASP B 196 -12.03 18.64 21.39
C ASP B 196 -11.20 19.16 20.23
N HIS B 197 -11.00 18.37 19.19
CA HIS B 197 -10.27 18.86 18.00
C HIS B 197 -11.12 19.90 17.27
N ASP B 198 -10.47 20.66 16.44
CA ASP B 198 -11.11 21.73 15.62
C ASP B 198 -11.54 21.18 14.27
N LEU B 199 -12.21 22.04 13.50
CA LEU B 199 -12.72 21.73 12.17
C LEU B 199 -11.62 21.34 11.18
N ASP B 200 -10.48 21.97 11.32
CA ASP B 200 -9.33 21.72 10.42
C ASP B 200 -8.89 20.24 10.54
N ARG B 201 -8.73 19.80 11.77
CA ARG B 201 -8.35 18.39 12.05
C ARG B 201 -9.41 17.43 11.55
N ALA B 202 -10.66 17.78 11.85
CA ALA B 202 -11.78 16.98 11.35
C ALA B 202 -11.77 16.88 9.84
N GLN B 203 -11.48 17.97 9.12
CA GLN B 203 -11.51 17.94 7.65
C GLN B 203 -10.36 17.06 7.12
N LYS B 204 -9.20 17.26 7.72
CA LYS B 204 -7.99 16.49 7.28
C LYS B 204 -8.19 14.99 7.53
N VAL B 205 -8.71 14.64 8.67
CA VAL B 205 -9.02 13.23 9.00
C VAL B 205 -10.01 12.65 7.99
N THR B 206 -11.10 13.37 7.77
CA THR B 206 -12.15 12.87 6.85
C THR B 206 -11.60 12.64 5.46
N GLU B 207 -10.82 13.61 4.98
CA GLU B 207 -10.22 13.50 3.64
C GLU B 207 -9.28 12.29 3.56
N THR B 208 -8.53 12.05 4.60
CA THR B 208 -7.57 10.90 4.62
C THR B 208 -8.35 9.59 4.58
N VAL B 209 -9.37 9.50 5.44
CA VAL B 209 -10.21 8.30 5.49
C VAL B 209 -10.86 7.96 4.17
N LEU B 210 -11.50 8.94 3.53
CA LEU B 210 -12.26 8.75 2.30
C LEU B 210 -11.35 8.34 1.14
N ALA B 211 -10.14 8.89 1.12
CA ALA B 211 -9.19 8.52 0.05
C ALA B 211 -8.87 7.02 0.16
N ALA B 212 -8.71 6.58 1.39
CA ALA B 212 -8.39 5.14 1.63
C ALA B 212 -9.56 4.27 1.25
N VAL B 213 -10.76 4.72 1.65
CA VAL B 213 -11.99 3.97 1.29
C VAL B 213 -12.13 3.73 -0.19
N TYR B 214 -11.97 4.77 -1.01
CA TYR B 214 -12.14 4.62 -2.45
C TYR B 214 -11.00 3.88 -3.11
N LYS B 215 -9.84 3.90 -2.49
CA LYS B 215 -8.71 3.10 -3.08
C LYS B 215 -9.01 1.63 -2.83
N ALA B 216 -9.52 1.32 -1.66
CA ALA B 216 -9.90 -0.07 -1.32
C ALA B 216 -11.05 -0.56 -2.19
N LEU B 217 -12.04 0.33 -2.45
CA LEU B 217 -13.17 -0.11 -3.29
C LEU B 217 -12.67 -0.48 -4.68
N SER B 218 -11.66 0.29 -5.10
CA SER B 218 -11.08 0.05 -6.44
C SER B 218 -10.30 -1.26 -6.45
N ASP B 219 -9.49 -1.44 -5.42
CA ASP B 219 -8.68 -2.69 -5.29
C ASP B 219 -9.58 -3.91 -5.33
N HIS B 220 -10.76 -3.81 -4.72
CA HIS B 220 -11.69 -4.96 -4.70
C HIS B 220 -12.74 -4.93 -5.79
N HIS B 221 -12.60 -4.06 -6.76
CA HIS B 221 -13.43 -4.00 -7.97
C HIS B 221 -14.93 -3.80 -7.69
N VAL B 222 -15.23 -2.93 -6.75
CA VAL B 222 -16.64 -2.63 -6.40
C VAL B 222 -17.25 -1.69 -7.42
N TYR B 223 -18.49 -1.97 -7.81
CA TYR B 223 -19.21 -1.14 -8.82
C TYR B 223 -19.79 0.08 -8.13
N LEU B 224 -19.12 1.21 -8.34
CA LEU B 224 -19.39 2.45 -7.62
C LEU B 224 -20.81 2.97 -7.84
N GLU B 225 -21.29 2.80 -9.05
CA GLU B 225 -22.62 3.34 -9.43
C GLU B 225 -23.72 2.67 -8.64
N GLY B 226 -23.40 1.47 -8.18
CA GLY B 226 -24.24 0.63 -7.36
C GLY B 226 -23.96 0.72 -5.87
N THR B 227 -23.43 1.81 -5.39
CA THR B 227 -23.19 2.05 -3.98
C THR B 227 -23.69 3.44 -3.56
N LEU B 228 -23.79 3.63 -2.28
CA LEU B 228 -24.02 4.91 -1.60
C LEU B 228 -22.95 5.09 -0.52
N LEU B 229 -22.66 6.34 -0.19
CA LEU B 229 -21.76 6.63 0.93
C LEU B 229 -22.57 7.26 2.07
N LYS B 230 -22.27 6.86 3.29
CA LYS B 230 -22.87 7.48 4.48
C LYS B 230 -21.79 7.99 5.40
N PRO B 231 -21.32 9.21 5.14
CA PRO B 231 -20.25 9.82 5.94
C PRO B 231 -20.80 10.79 6.97
N ASN B 232 -19.91 11.11 7.89
CA ASN B 232 -20.11 12.20 8.84
C ASN B 232 -20.00 13.51 8.01
N MET B 233 -20.71 14.49 8.51
CA MET B 233 -20.48 15.89 8.08
C MET B 233 -19.16 16.26 8.79
N VAL B 234 -18.42 17.18 8.23
CA VAL B 234 -17.18 17.66 8.85
C VAL B 234 -17.50 18.78 9.84
N THR B 235 -17.27 18.51 11.10
CA THR B 235 -17.46 19.44 12.21
C THR B 235 -16.29 19.29 13.20
N ALA B 236 -16.12 20.31 13.99
CA ALA B 236 -15.19 20.29 15.13
C ALA B 236 -15.71 19.27 16.15
N GLY B 237 -14.85 18.91 17.08
CA GLY B 237 -15.16 17.97 18.16
C GLY B 237 -16.36 18.43 18.98
N GLN B 238 -17.02 17.45 19.57
CA GLN B 238 -18.20 17.65 20.42
C GLN B 238 -17.88 18.54 21.62
N SER B 239 -16.62 18.52 22.04
CA SER B 239 -16.17 19.33 23.18
C SER B 239 -15.53 20.64 22.75
N ALA B 240 -15.52 20.94 21.49
CA ALA B 240 -14.93 22.20 20.98
C ALA B 240 -16.06 23.20 20.67
N LYS B 241 -15.62 24.40 20.34
CA LYS B 241 -16.56 25.47 19.95
C LYS B 241 -17.32 25.03 18.70
N LYS B 242 -18.58 25.43 18.64
CA LYS B 242 -19.42 25.08 17.49
C LYS B 242 -19.03 25.93 16.28
N ASN B 243 -19.20 25.35 15.13
CA ASN B 243 -18.98 26.03 13.84
C ASN B 243 -20.37 26.50 13.35
N THR B 244 -20.33 27.40 12.40
CA THR B 244 -21.57 27.86 11.72
C THR B 244 -21.90 26.85 10.62
N PRO B 245 -23.17 26.84 10.23
CA PRO B 245 -23.65 25.98 9.15
C PRO B 245 -22.81 26.20 7.89
N GLU B 246 -22.47 27.47 7.68
CA GLU B 246 -21.64 27.87 6.55
C GLU B 246 -20.26 27.19 6.57
N GLU B 247 -19.63 27.22 7.72
CA GLU B 247 -18.32 26.59 7.91
C GLU B 247 -18.37 25.08 7.74
N ILE B 248 -19.35 24.45 8.37
CA ILE B 248 -19.56 23.00 8.25
C ILE B 248 -19.78 22.56 6.83
N ALA B 249 -20.69 23.26 6.16
CA ALA B 249 -21.06 22.98 4.77
C ALA B 249 -19.85 23.07 3.83
N LEU B 250 -19.02 24.11 3.99
CA LEU B 250 -17.88 24.28 3.09
C LEU B 250 -16.85 23.14 3.30
N ALA B 251 -16.48 22.90 4.53
CA ALA B 251 -15.51 21.84 4.86
C ALA B 251 -16.01 20.49 4.37
N THR B 252 -17.31 20.25 4.54
CA THR B 252 -17.89 18.95 4.15
C THR B 252 -17.84 18.77 2.65
N VAL B 253 -18.37 19.78 1.94
CA VAL B 253 -18.39 19.66 0.48
C VAL B 253 -16.98 19.61 -0.08
N GLN B 254 -16.06 20.32 0.53
CA GLN B 254 -14.66 20.31 0.05
C GLN B 254 -14.08 18.90 0.22
N ALA B 255 -14.32 18.30 1.36
CA ALA B 255 -13.77 16.94 1.64
C ALA B 255 -14.29 15.92 0.67
N LEU B 256 -15.60 15.97 0.37
CA LEU B 256 -16.22 15.06 -0.59
C LEU B 256 -15.76 15.29 -2.01
N ARG B 257 -15.66 16.55 -2.41
CA ARG B 257 -15.21 16.88 -3.77
C ARG B 257 -13.81 16.29 -4.04
N ARG B 258 -13.01 16.22 -3.03
CA ARG B 258 -11.60 15.77 -3.13
C ARG B 258 -11.43 14.27 -3.04
N THR B 259 -12.46 13.53 -2.71
CA THR B 259 -12.29 12.09 -2.43
C THR B 259 -13.31 11.16 -3.03
N VAL B 260 -14.57 11.58 -3.14
CA VAL B 260 -15.67 10.72 -3.57
C VAL B 260 -15.98 10.89 -5.05
N PRO B 261 -15.69 9.87 -5.84
CA PRO B 261 -15.89 9.91 -7.28
C PRO B 261 -17.35 10.22 -7.63
N ALA B 262 -17.50 10.92 -8.75
CA ALA B 262 -18.80 11.29 -9.31
C ALA B 262 -19.67 10.07 -9.60
N ALA B 263 -19.04 8.93 -9.89
CA ALA B 263 -19.78 7.69 -10.17
C ALA B 263 -20.65 7.27 -8.97
N VAL B 264 -20.23 7.61 -7.78
CA VAL B 264 -20.98 7.26 -6.55
C VAL B 264 -22.37 7.94 -6.67
N THR B 265 -23.39 7.13 -6.60
CA THR B 265 -24.78 7.60 -6.84
C THR B 265 -25.23 8.66 -5.89
N GLY B 266 -24.95 8.56 -4.61
CA GLY B 266 -25.41 9.54 -3.63
C GLY B 266 -24.74 9.40 -2.28
N VAL B 267 -24.85 10.46 -1.51
CA VAL B 267 -24.32 10.57 -0.15
C VAL B 267 -25.49 10.76 0.82
N THR B 268 -25.55 9.87 1.79
CA THR B 268 -26.66 9.96 2.79
C THR B 268 -26.01 10.17 4.14
N PHE B 269 -25.98 11.42 4.59
CA PHE B 269 -25.27 11.81 5.82
C PHE B 269 -25.87 11.20 7.09
N LEU B 270 -24.95 10.82 7.98
CA LEU B 270 -25.28 10.47 9.36
C LEU B 270 -25.28 11.77 10.16
N SER B 271 -26.04 11.81 11.23
CA SER B 271 -26.19 13.03 12.02
C SER B 271 -25.27 13.11 13.22
N GLY B 272 -24.72 11.97 13.65
CA GLY B 272 -23.81 11.96 14.81
C GLY B 272 -24.57 12.39 16.06
N GLY B 273 -24.02 13.35 16.77
CA GLY B 273 -24.62 13.88 17.99
C GLY B 273 -25.38 15.18 17.81
N GLN B 274 -25.65 15.56 16.58
CA GLN B 274 -26.35 16.80 16.21
C GLN B 274 -27.81 16.71 16.66
N SER B 275 -28.33 17.84 17.12
CA SER B 275 -29.75 17.97 17.47
C SER B 275 -30.58 17.78 16.20
N GLU B 276 -31.88 17.62 16.37
CA GLU B 276 -32.77 17.42 15.21
C GLU B 276 -32.68 18.63 14.28
N GLU B 277 -32.66 19.81 14.87
CA GLU B 277 -32.61 21.07 14.09
C GLU B 277 -31.27 21.27 13.40
N GLU B 278 -30.18 21.07 14.14
CA GLU B 278 -28.84 21.27 13.52
C GLU B 278 -28.68 20.40 12.29
N ALA B 279 -29.05 19.14 12.44
CA ALA B 279 -28.94 18.15 11.38
C ALA B 279 -29.63 18.62 10.11
N THR B 280 -30.76 19.31 10.26
CA THR B 280 -31.50 19.78 9.10
C THR B 280 -30.84 21.04 8.48
N VAL B 281 -30.53 21.95 9.35
CA VAL B 281 -29.95 23.25 8.96
C VAL B 281 -28.61 22.99 8.25
N ASN B 282 -27.82 22.08 8.85
CA ASN B 282 -26.51 21.75 8.25
C ASN B 282 -26.66 21.15 6.88
N LEU B 283 -27.61 20.22 6.69
CA LEU B 283 -27.82 19.59 5.39
C LEU B 283 -28.26 20.61 4.34
N SER B 284 -29.11 21.54 4.77
CA SER B 284 -29.59 22.59 3.84
C SER B 284 -28.42 23.42 3.32
N ALA B 285 -27.57 23.82 4.22
CA ALA B 285 -26.37 24.64 3.89
C ALA B 285 -25.44 23.89 2.94
N ILE B 286 -25.33 22.58 3.14
CA ILE B 286 -24.50 21.73 2.29
C ILE B 286 -24.96 21.80 0.86
N ASN B 287 -26.30 21.84 0.67
CA ASN B 287 -26.90 21.92 -0.64
C ASN B 287 -26.92 23.37 -1.19
N ASN B 288 -26.25 24.28 -0.52
CA ASN B 288 -26.13 25.66 -1.03
C ASN B 288 -24.67 26.08 -1.23
N VAL B 289 -23.75 25.13 -1.10
CA VAL B 289 -22.31 25.48 -1.29
C VAL B 289 -22.04 25.82 -2.75
N PRO B 290 -21.33 26.94 -2.93
CA PRO B 290 -20.97 27.40 -4.27
C PRO B 290 -19.81 26.62 -4.88
N LEU B 291 -19.99 25.33 -5.02
CA LEU B 291 -19.09 24.40 -5.71
C LEU B 291 -19.94 23.34 -6.39
N ILE B 292 -19.41 22.76 -7.44
CA ILE B 292 -20.06 21.65 -8.15
C ILE B 292 -20.16 20.46 -7.18
N ARG B 293 -21.35 19.94 -7.11
CA ARG B 293 -21.70 18.78 -6.24
C ARG B 293 -22.33 17.73 -7.13
N PRO B 294 -21.54 16.78 -7.59
CA PRO B 294 -21.99 15.85 -8.63
C PRO B 294 -22.87 14.73 -8.14
N TRP B 295 -23.11 14.60 -6.86
CA TRP B 295 -23.94 13.48 -6.33
C TRP B 295 -25.09 14.10 -5.51
N ALA B 296 -26.14 13.31 -5.37
CA ALA B 296 -27.22 13.69 -4.42
C ALA B 296 -26.64 13.75 -3.02
N LEU B 297 -26.98 14.82 -2.31
CA LEU B 297 -26.61 15.02 -0.93
C LEU B 297 -27.86 15.02 -0.04
N THR B 298 -28.12 13.90 0.60
CA THR B 298 -29.32 13.74 1.46
C THR B 298 -28.99 13.21 2.82
N PHE B 299 -29.99 12.64 3.49
CA PHE B 299 -29.94 12.19 4.86
C PHE B 299 -30.20 10.67 5.00
N SER B 300 -29.59 10.18 6.06
CA SER B 300 -29.82 8.81 6.57
C SER B 300 -29.77 8.96 8.10
N TYR B 301 -30.91 9.41 8.63
CA TYR B 301 -30.99 9.80 10.03
C TYR B 301 -31.76 8.80 10.91
N GLY B 302 -31.21 8.63 12.10
CA GLY B 302 -31.76 7.77 13.15
C GLY B 302 -32.36 8.63 14.27
N ARG B 303 -31.53 8.96 15.25
CA ARG B 303 -31.95 9.79 16.37
C ARG B 303 -32.52 11.13 15.89
N ALA B 304 -31.91 11.69 14.87
CA ALA B 304 -32.29 13.01 14.36
C ALA B 304 -33.64 13.02 13.66
N LEU B 305 -34.22 11.88 13.43
CA LEU B 305 -35.58 11.76 12.89
C LEU B 305 -36.56 11.31 13.97
N GLN B 306 -36.08 10.77 15.06
CA GLN B 306 -36.91 10.09 16.05
C GLN B 306 -36.97 10.61 17.46
N ALA B 307 -36.13 11.53 17.89
CA ALA B 307 -36.14 11.93 19.30
C ALA B 307 -37.49 12.52 19.71
N SER B 308 -37.98 13.43 18.90
CA SER B 308 -39.28 14.08 19.11
C SER B 308 -40.45 13.10 19.02
N VAL B 309 -40.33 12.11 18.16
CA VAL B 309 -41.30 11.05 18.00
C VAL B 309 -41.49 10.28 19.31
N LEU B 310 -40.37 9.89 19.90
CA LEU B 310 -40.37 9.11 21.15
C LEU B 310 -40.97 9.94 22.29
N ARG B 311 -40.54 11.19 22.34
CA ARG B 311 -40.98 12.12 23.39
C ARG B 311 -42.51 12.28 23.34
N ALA B 312 -43.05 12.50 22.17
CA ALA B 312 -44.47 12.67 21.91
C ALA B 312 -45.29 11.43 22.24
N TRP B 313 -44.83 10.27 21.80
CA TRP B 313 -45.51 8.99 22.01
C TRP B 313 -45.60 8.69 23.50
N ALA B 314 -44.44 8.68 24.11
CA ALA B 314 -44.21 8.40 25.52
C ALA B 314 -44.83 7.08 25.96
N GLY B 315 -44.88 6.14 25.05
CA GLY B 315 -45.37 4.79 25.29
C GLY B 315 -46.88 4.63 25.31
N LYS B 316 -47.63 5.65 24.95
CA LYS B 316 -49.12 5.59 25.02
C LYS B 316 -49.79 5.53 23.69
N LYS B 317 -50.82 4.67 23.58
CA LYS B 317 -51.56 4.45 22.34
C LYS B 317 -52.25 5.74 21.88
N GLU B 318 -52.67 6.54 22.85
CA GLU B 318 -53.40 7.78 22.57
C GLU B 318 -52.48 8.86 22.00
N ASN B 319 -51.18 8.59 22.05
CA ASN B 319 -50.18 9.53 21.55
C ASN B 319 -49.57 9.04 20.23
N ILE B 320 -50.15 8.05 19.60
CA ILE B 320 -49.59 7.50 18.36
C ILE B 320 -49.58 8.57 17.26
N ALA B 321 -50.71 9.23 17.14
CA ALA B 321 -50.89 10.24 16.08
C ALA B 321 -49.92 11.40 16.28
N ALA B 322 -49.69 11.72 17.53
CA ALA B 322 -48.79 12.80 17.95
C ALA B 322 -47.36 12.47 17.53
N GLY B 323 -46.95 11.25 17.80
CA GLY B 323 -45.62 10.74 17.42
C GLY B 323 -45.44 10.75 15.91
N GLN B 324 -46.43 10.27 15.19
CA GLN B 324 -46.41 10.18 13.73
C GLN B 324 -46.32 11.58 13.11
N ASN B 325 -46.94 12.52 13.78
CA ASN B 325 -46.93 13.92 13.39
C ASN B 325 -45.53 14.52 13.46
N GLU B 326 -44.84 14.20 14.52
CA GLU B 326 -43.45 14.65 14.73
C GLU B 326 -42.56 14.09 13.63
N LEU B 327 -42.75 12.82 13.32
CA LEU B 327 -42.02 12.15 12.23
C LEU B 327 -42.25 12.85 10.88
N LEU B 328 -43.53 13.04 10.55
CA LEU B 328 -43.90 13.69 9.29
C LEU B 328 -43.26 15.07 9.16
N LYS B 329 -43.27 15.84 10.23
CA LYS B 329 -42.71 17.19 10.26
C LYS B 329 -41.21 17.19 9.98
N ARG B 330 -40.47 16.31 10.64
CA ARG B 330 -39.02 16.23 10.49
C ARG B 330 -38.61 15.61 9.17
N ALA B 331 -39.39 14.68 8.63
CA ALA B 331 -39.10 14.10 7.33
C ALA B 331 -39.22 15.18 6.24
N LYS B 332 -40.26 16.00 6.40
CA LYS B 332 -40.49 17.08 5.40
C LYS B 332 -39.36 18.10 5.47
N ALA B 333 -39.00 18.44 6.68
CA ALA B 333 -37.92 19.42 6.94
C ALA B 333 -36.62 18.93 6.29
N ASN B 334 -36.32 17.66 6.50
CA ASN B 334 -35.09 17.05 5.95
C ASN B 334 -35.17 16.92 4.45
N GLY B 335 -36.35 16.70 3.92
CA GLY B 335 -36.60 16.60 2.48
C GLY B 335 -36.30 17.94 1.81
N ASP B 336 -36.70 19.00 2.50
CA ASP B 336 -36.45 20.39 2.06
C ASP B 336 -34.92 20.63 2.14
N ALA B 337 -34.32 20.20 3.25
CA ALA B 337 -32.87 20.37 3.42
C ALA B 337 -32.10 19.70 2.29
N ALA B 338 -32.58 18.56 1.85
CA ALA B 338 -32.00 17.75 0.79
C ALA B 338 -32.07 18.49 -0.56
N GLN B 339 -32.92 19.51 -0.56
CA GLN B 339 -33.08 20.33 -1.79
C GLN B 339 -32.53 21.72 -1.51
N GLY B 340 -31.94 21.90 -0.36
CA GLY B 340 -31.33 23.14 0.09
C GLY B 340 -32.33 24.29 0.27
N LYS B 341 -33.52 23.97 0.70
CA LYS B 341 -34.61 24.95 0.82
C LYS B 341 -35.16 25.04 2.24
N TYR B 342 -34.46 24.49 3.22
CA TYR B 342 -35.00 24.52 4.59
C TYR B 342 -34.78 25.88 5.25
N VAL B 343 -35.89 26.42 5.77
CA VAL B 343 -35.86 27.69 6.52
C VAL B 343 -35.65 27.37 8.00
N ALA B 344 -34.57 27.85 8.58
CA ALA B 344 -34.22 27.55 9.97
C ALA B 344 -35.42 27.82 10.91
N GLY B 345 -35.63 26.88 11.81
CA GLY B 345 -36.65 27.00 12.85
C GLY B 345 -38.07 26.77 12.38
N SER B 346 -38.29 26.48 11.11
CA SER B 346 -39.62 26.33 10.54
C SER B 346 -40.31 25.03 10.95
N ALA B 347 -39.55 24.03 11.33
CA ALA B 347 -40.12 22.73 11.74
C ALA B 347 -40.23 22.64 13.25
N GLY B 348 -39.89 23.73 13.92
CA GLY B 348 -39.91 23.80 15.39
C GLY B 348 -38.50 23.65 15.96
N ALA B 349 -38.42 23.83 17.26
CA ALA B 349 -37.21 23.81 18.06
C ALA B 349 -36.50 22.47 18.01
N GLY B 350 -37.29 21.42 17.94
CA GLY B 350 -36.77 20.04 17.91
C GLY B 350 -36.20 19.69 19.29
N SER B 351 -35.29 18.72 19.26
CA SER B 351 -34.60 18.19 20.43
C SER B 351 -33.39 19.04 20.80
N GLY B 352 -32.74 18.55 21.84
CA GLY B 352 -31.43 19.11 22.29
C GLY B 352 -30.38 18.18 21.63
N SER B 353 -29.16 18.31 22.08
CA SER B 353 -28.06 17.45 21.61
C SER B 353 -28.45 15.98 21.77
N LEU B 354 -28.14 15.22 20.74
CA LEU B 354 -28.39 13.77 20.71
C LEU B 354 -27.07 13.00 20.83
N PHE B 355 -26.10 13.68 21.45
CA PHE B 355 -24.75 13.14 21.60
C PHE B 355 -24.67 12.07 22.68
N VAL B 356 -24.22 10.91 22.25
CA VAL B 356 -23.89 9.78 23.13
C VAL B 356 -22.44 9.36 22.80
N ALA B 357 -21.56 9.61 23.75
CA ALA B 357 -20.13 9.28 23.58
C ALA B 357 -19.86 7.81 23.87
N ASN B 358 -18.64 7.42 23.59
CA ASN B 358 -18.12 6.08 23.92
C ASN B 358 -18.52 5.02 22.89
N HIS B 359 -18.31 5.35 21.62
CA HIS B 359 -18.55 4.36 20.55
C HIS B 359 -17.23 3.62 20.28
N ALA B 360 -17.35 2.57 19.52
CA ALA B 360 -16.28 1.67 19.11
C ALA B 360 -15.20 1.52 20.17
N TYR B 361 -15.30 0.43 20.89
CA TYR B 361 -14.43 0.00 21.98
C TYR B 361 -15.10 0.43 23.30
C ACE C 1 -1.83 8.51 6.94
O ACE C 1 -1.56 8.17 8.10
CH3 ACE C 1 -2.45 7.60 5.94
N THR C 2 -1.59 9.75 6.53
CA THR C 2 -1.09 10.80 7.37
C THR C 2 -2.20 11.87 7.55
N THR C 3 -2.59 12.08 8.78
CA THR C 3 -3.69 13.03 9.06
C THR C 3 -3.17 14.39 9.50
N TYR C 4 -1.95 14.43 10.01
CA TYR C 4 -1.33 15.66 10.50
C TYR C 4 -0.43 16.20 9.39
N PHE C 5 -0.85 17.30 8.78
CA PHE C 5 -0.15 17.89 7.63
C PHE C 5 -0.72 19.33 7.45
N ASN C 6 -0.01 20.05 6.63
CA ASN C 6 -0.33 21.46 6.33
C ASN C 6 -0.92 21.62 4.95
N TYR C 7 -2.09 22.26 4.89
CA TYR C 7 -2.62 22.66 3.56
C TYR C 7 -1.74 23.85 3.10
N PRO C 8 -1.70 24.10 1.82
CA PRO C 8 -1.02 25.29 1.29
C PRO C 8 -1.76 26.55 1.79
N SER C 9 -1.03 27.67 1.77
CA SER C 9 -1.56 28.95 2.23
C SER C 9 -2.73 29.32 1.32
N LYS C 10 -3.64 30.12 1.88
CA LYS C 10 -4.80 30.60 1.10
C LYS C 10 -4.32 31.24 -0.20
N GLU C 11 -3.25 32.01 -0.09
CA GLU C 11 -2.68 32.75 -1.22
C GLU C 11 -2.21 31.85 -2.34
N LEU C 12 -1.55 30.76 -1.92
CA LEU C 12 -1.02 29.80 -2.90
C LEU C 12 -2.16 29.05 -3.58
N GLN C 13 -3.12 28.67 -2.74
CA GLN C 13 -4.30 27.94 -3.23
C GLN C 13 -5.02 28.72 -4.33
N ASP C 14 -5.25 29.98 -4.00
CA ASP C 14 -6.00 30.88 -4.91
C ASP C 14 -5.26 31.02 -6.23
N GLU C 15 -3.93 31.24 -6.11
CA GLU C 15 -3.12 31.41 -7.33
C GLU C 15 -3.16 30.19 -8.22
N LEU C 16 -2.86 29.01 -7.63
CA LEU C 16 -2.91 27.77 -8.43
C LEU C 16 -4.30 27.53 -9.02
N ARG C 17 -5.34 27.71 -8.21
CA ARG C 17 -6.72 27.42 -8.70
C ARG C 17 -7.01 28.32 -9.90
N GLU C 18 -6.67 29.60 -9.71
CA GLU C 18 -6.91 30.61 -10.75
C GLU C 18 -6.25 30.29 -12.07
N ILE C 19 -5.00 29.84 -12.00
CA ILE C 19 -4.25 29.46 -13.23
C ILE C 19 -4.91 28.30 -13.94
N ALA C 20 -5.22 27.25 -13.18
CA ALA C 20 -5.84 26.04 -13.74
C ALA C 20 -7.18 26.34 -14.39
N GLN C 21 -7.96 27.14 -13.70
CA GLN C 21 -9.28 27.60 -14.18
C GLN C 21 -9.11 28.34 -15.51
N LYS C 22 -8.12 29.20 -15.59
CA LYS C 22 -7.84 29.98 -16.81
C LYS C 22 -7.53 29.10 -17.99
N ILE C 23 -6.74 28.05 -17.75
CA ILE C 23 -6.31 27.14 -18.81
C ILE C 23 -7.47 26.39 -19.42
N VAL C 24 -8.46 26.03 -18.60
CA VAL C 24 -9.60 25.25 -19.09
C VAL C 24 -10.87 26.09 -19.29
N ALA C 25 -10.69 27.38 -19.50
CA ALA C 25 -11.81 28.27 -19.86
C ALA C 25 -12.58 27.69 -21.04
N PRO C 26 -13.90 27.84 -20.97
CA PRO C 26 -14.80 27.35 -22.02
C PRO C 26 -14.30 27.67 -23.42
N GLY C 27 -14.29 26.67 -24.26
CA GLY C 27 -13.89 26.69 -25.64
C GLY C 27 -12.38 26.73 -25.88
N LYS C 28 -11.61 26.62 -24.81
CA LYS C 28 -10.14 26.73 -24.90
C LYS C 28 -9.44 25.43 -24.52
N GLY C 29 -8.25 25.25 -25.09
CA GLY C 29 -7.42 24.06 -24.87
C GLY C 29 -5.94 24.47 -24.97
N ILE C 30 -5.08 23.46 -24.96
CA ILE C 30 -3.63 23.67 -24.95
C ILE C 30 -3.01 23.20 -26.26
N LEU C 31 -2.02 24.00 -26.66
CA LEU C 31 -1.14 23.66 -27.79
C LEU C 31 0.17 23.12 -27.18
N ALA C 32 0.42 21.85 -27.42
CA ALA C 32 1.66 21.21 -26.92
C ALA C 32 2.73 21.36 -28.02
N ALA C 33 3.67 22.24 -27.75
CA ALA C 33 4.73 22.55 -28.73
C ALA C 33 6.10 22.29 -28.09
N ASP C 34 6.11 21.28 -27.23
CA ASP C 34 7.28 20.98 -26.38
C ASP C 34 8.19 19.93 -26.98
N GLU C 35 8.11 19.72 -28.27
CA GLU C 35 8.96 18.70 -28.93
C GLU C 35 10.43 19.06 -28.72
N SER C 36 11.21 18.03 -28.38
CA SER C 36 12.66 18.23 -28.18
C SER C 36 13.32 18.27 -29.55
N GLY C 37 14.55 18.74 -29.53
CA GLY C 37 15.40 18.88 -30.72
C GLY C 37 15.27 17.68 -31.64
N PRO C 38 15.51 16.51 -31.09
CA PRO C 38 15.47 15.26 -31.86
C PRO C 38 14.10 14.97 -32.44
N THR C 39 13.09 15.11 -31.58
CA THR C 39 11.70 14.85 -31.99
C THR C 39 11.28 15.79 -33.10
N MET C 40 11.54 17.07 -32.87
CA MET C 40 11.20 18.11 -33.85
C MET C 40 11.85 17.80 -35.19
N GLY C 41 13.03 17.20 -35.10
CA GLY C 41 13.86 16.83 -36.24
C GLY C 41 13.15 15.84 -37.15
N LYS C 42 12.44 14.91 -36.54
CA LYS C 42 11.69 13.90 -37.28
C LYS C 42 10.54 14.54 -38.07
N ARG C 43 9.87 15.48 -37.42
CA ARG C 43 8.75 16.18 -38.02
C ARG C 43 9.20 17.00 -39.24
N LEU C 44 10.35 17.63 -39.08
CA LEU C 44 10.92 18.49 -40.12
C LEU C 44 11.42 17.66 -41.30
N GLN C 45 12.07 16.57 -40.95
CA GLN C 45 12.65 15.64 -41.94
C GLN C 45 11.57 15.19 -42.93
N ASP C 46 10.41 14.88 -42.38
CA ASP C 46 9.31 14.32 -43.18
C ASP C 46 8.72 15.40 -44.08
N ILE C 47 8.96 16.66 -43.76
CA ILE C 47 8.49 17.75 -44.63
C ILE C 47 9.67 18.21 -45.51
N GLY C 48 10.77 17.49 -45.30
CA GLY C 48 12.01 17.69 -46.04
C GLY C 48 12.78 18.93 -45.59
N VAL C 49 12.63 19.27 -44.32
CA VAL C 49 13.37 20.40 -43.73
C VAL C 49 14.44 19.86 -42.79
N GLU C 50 15.56 20.56 -42.77
CA GLU C 50 16.74 20.18 -41.98
C GLU C 50 16.61 20.67 -40.54
N ASN C 51 16.98 19.77 -39.64
CA ASN C 51 16.84 20.01 -38.20
C ASN C 51 17.98 20.85 -37.65
N THR C 52 17.82 22.15 -37.85
CA THR C 52 18.78 23.13 -37.30
C THR C 52 18.06 24.00 -36.28
N GLU C 53 18.81 24.48 -35.31
CA GLU C 53 18.26 25.30 -34.23
C GLU C 53 17.42 26.44 -34.79
N ASP C 54 17.90 27.01 -35.89
CA ASP C 54 17.19 28.13 -36.53
C ASP C 54 15.94 27.62 -37.27
N ASN C 55 16.05 26.43 -37.82
CA ASN C 55 14.87 25.85 -38.49
C ASN C 55 13.76 25.67 -37.45
N ARG C 56 14.13 25.15 -36.30
CA ARG C 56 13.16 24.94 -35.20
C ARG C 56 12.58 26.27 -34.79
N ARG C 57 13.48 27.22 -34.59
CA ARG C 57 13.13 28.59 -34.21
C ARG C 57 12.12 29.17 -35.19
N ALA C 58 12.40 28.95 -36.46
CA ALA C 58 11.59 29.40 -37.59
C ALA C 58 10.17 28.85 -37.49
N TYR C 59 10.08 27.54 -37.41
CA TYR C 59 8.80 26.83 -37.33
C TYR C 59 7.99 27.28 -36.12
N ARG C 60 8.69 27.61 -35.05
CA ARG C 60 8.04 28.03 -33.79
C ARG C 60 7.55 29.46 -33.91
N GLN C 61 8.28 30.24 -34.68
CA GLN C 61 7.92 31.63 -34.98
C GLN C 61 6.57 31.65 -35.71
N LEU C 62 6.45 30.76 -36.66
CA LEU C 62 5.20 30.58 -37.42
C LEU C 62 4.04 30.41 -36.45
N LEU C 63 4.07 29.34 -35.67
CA LEU C 63 3.00 29.04 -34.72
C LEU C 63 2.63 30.24 -33.85
N PHE C 64 3.65 30.85 -33.27
CA PHE C 64 3.49 31.89 -32.26
C PHE C 64 3.10 33.25 -32.86
N SER C 65 3.35 33.42 -34.13
CA SER C 65 3.07 34.76 -34.73
C SER C 65 1.69 34.81 -35.34
N THR C 66 0.97 33.69 -35.25
CA THR C 66 -0.38 33.53 -35.77
C THR C 66 -1.30 34.64 -35.26
N ASP C 67 -2.32 34.94 -36.06
CA ASP C 67 -3.33 35.96 -35.72
C ASP C 67 -3.76 35.75 -34.25
N PRO C 68 -3.81 36.86 -33.53
CA PRO C 68 -4.15 36.87 -32.11
C PRO C 68 -5.50 36.24 -31.82
N LYS C 69 -6.25 35.96 -32.87
CA LYS C 69 -7.54 35.28 -32.75
C LYS C 69 -7.32 33.87 -32.17
N LEU C 70 -6.09 33.40 -32.32
CA LEU C 70 -5.74 32.05 -31.81
C LEU C 70 -6.09 31.96 -30.33
N ALA C 71 -5.87 33.04 -29.61
CA ALA C 71 -6.06 33.11 -28.16
C ALA C 71 -7.50 32.81 -27.75
N GLU C 72 -8.39 32.78 -28.72
CA GLU C 72 -9.80 32.49 -28.48
C GLU C 72 -10.05 31.03 -28.16
N ASN C 73 -9.14 30.18 -28.63
CA ASN C 73 -9.29 28.72 -28.43
C ASN C 73 -8.07 28.10 -27.79
N ILE C 74 -7.00 28.86 -27.72
CA ILE C 74 -5.73 28.41 -27.13
C ILE C 74 -5.46 29.22 -25.88
N SER C 75 -5.63 28.58 -24.74
CA SER C 75 -5.40 29.15 -23.42
C SER C 75 -3.91 29.14 -23.05
N GLY C 76 -3.22 28.12 -23.54
CA GLY C 76 -1.80 27.94 -23.17
C GLY C 76 -1.06 27.09 -24.18
N VAL C 77 0.25 27.26 -24.13
CA VAL C 77 1.20 26.59 -25.01
C VAL C 77 2.29 25.96 -24.13
N ILE C 78 2.53 24.68 -24.37
CA ILE C 78 3.63 24.02 -23.65
C ILE C 78 4.90 24.17 -24.48
N LEU C 79 5.93 24.66 -23.84
CA LEU C 79 7.23 24.91 -24.45
C LEU C 79 8.29 23.88 -24.00
N PHE C 80 9.23 23.70 -24.89
CA PHE C 80 10.49 22.96 -24.65
C PHE C 80 11.49 24.03 -24.17
N HIS C 81 12.32 23.70 -23.22
CA HIS C 81 13.29 24.59 -22.58
C HIS C 81 13.93 25.57 -23.56
N GLU C 82 14.42 25.05 -24.66
CA GLU C 82 15.12 25.82 -25.71
C GLU C 82 14.28 27.00 -26.18
N THR C 83 13.05 26.71 -26.58
CA THR C 83 12.11 27.69 -27.11
C THR C 83 11.82 28.85 -26.18
N LEU C 84 11.75 28.60 -24.90
CA LEU C 84 11.41 29.61 -23.89
C LEU C 84 12.36 30.81 -23.94
N TYR C 85 13.55 30.58 -24.46
CA TYR C 85 14.57 31.64 -24.52
C TYR C 85 14.89 32.12 -25.92
N GLN C 86 14.15 31.70 -26.93
CA GLN C 86 14.37 32.15 -28.31
C GLN C 86 13.61 33.46 -28.57
N LYS C 87 13.94 34.05 -29.71
CA LYS C 87 13.37 35.34 -30.14
C LYS C 87 12.96 35.27 -31.62
N ALA C 88 12.03 36.16 -31.96
CA ALA C 88 11.57 36.29 -33.35
C ALA C 88 12.68 37.01 -34.14
N ASP C 89 12.47 37.07 -35.44
CA ASP C 89 13.40 37.68 -36.40
C ASP C 89 13.71 39.14 -36.02
N ASP C 90 12.66 39.82 -35.59
CA ASP C 90 12.76 41.25 -35.24
C ASP C 90 13.37 41.37 -33.85
N GLY C 91 13.57 40.19 -33.26
CA GLY C 91 14.19 40.06 -31.95
C GLY C 91 13.24 40.30 -30.79
N THR C 92 12.02 39.83 -30.90
CA THR C 92 11.02 39.89 -29.82
C THR C 92 10.89 38.50 -29.21
N PRO C 93 11.26 38.36 -27.96
CA PRO C 93 11.23 37.05 -27.27
C PRO C 93 9.89 36.35 -27.45
N PHE C 94 9.95 35.09 -27.82
CA PHE C 94 8.75 34.27 -28.03
C PHE C 94 7.81 34.36 -26.82
N ALA C 95 8.39 34.35 -25.64
CA ALA C 95 7.64 34.37 -24.39
C ALA C 95 6.80 35.65 -24.30
N GLU C 96 7.40 36.71 -24.80
CA GLU C 96 6.79 38.04 -24.81
C GLU C 96 5.64 38.09 -25.79
N ILE C 97 5.86 37.52 -26.96
CA ILE C 97 4.86 37.41 -28.02
C ILE C 97 3.59 36.76 -27.48
N LEU C 98 3.74 35.54 -26.98
CA LEU C 98 2.63 34.75 -26.45
C LEU C 98 1.88 35.44 -25.33
N LYS C 99 2.59 36.01 -24.38
CA LYS C 99 1.99 36.65 -23.21
C LYS C 99 1.16 37.88 -23.57
N LYS C 100 1.59 38.62 -24.56
CA LYS C 100 0.89 39.84 -25.00
C LYS C 100 -0.49 39.46 -25.54
N LYS C 101 -0.53 38.29 -26.15
CA LYS C 101 -1.74 37.70 -26.70
C LYS C 101 -2.61 37.05 -25.62
N GLY C 102 -2.15 37.10 -24.39
CA GLY C 102 -2.88 36.55 -23.25
C GLY C 102 -2.74 35.04 -23.11
N ILE C 103 -1.76 34.47 -23.80
CA ILE C 103 -1.54 33.00 -23.74
C ILE C 103 -0.62 32.70 -22.54
N ILE C 104 -0.99 31.67 -21.80
CA ILE C 104 -0.25 31.23 -20.61
C ILE C 104 0.85 30.26 -21.03
N LEU C 105 2.00 30.39 -20.42
CA LEU C 105 3.18 29.59 -20.75
C LEU C 105 3.35 28.40 -19.78
N GLY C 106 3.54 27.25 -20.39
CA GLY C 106 3.83 25.99 -19.72
C GLY C 106 5.22 25.50 -20.21
N ILE C 107 5.84 24.70 -19.38
CA ILE C 107 7.20 24.16 -19.58
C ILE C 107 7.26 22.67 -19.20
N LYS C 108 7.85 21.92 -20.10
CA LYS C 108 8.07 20.48 -19.89
C LYS C 108 9.30 20.34 -18.98
N VAL C 109 9.11 19.67 -17.86
CA VAL C 109 10.14 19.55 -16.83
C VAL C 109 10.67 18.15 -16.61
N ASP C 110 10.08 17.12 -17.18
CA ASP C 110 10.64 15.76 -17.01
C ASP C 110 11.92 15.64 -17.84
N LYS C 111 12.66 14.61 -17.49
CA LYS C 111 13.93 14.31 -18.19
C LYS C 111 13.87 12.94 -18.84
N GLY C 112 12.68 12.55 -19.25
CA GLY C 112 12.46 11.33 -20.04
C GLY C 112 12.31 10.07 -19.18
N VAL C 113 12.11 8.95 -19.85
CA VAL C 113 11.83 7.67 -19.21
C VAL C 113 13.14 6.88 -19.03
N VAL C 114 13.11 6.04 -18.01
CA VAL C 114 14.21 5.13 -17.65
C VAL C 114 13.60 3.76 -17.30
N PRO C 115 14.29 2.70 -17.66
CA PRO C 115 13.83 1.33 -17.43
C PRO C 115 13.78 0.95 -15.98
N LEU C 116 12.74 0.18 -15.63
CA LEU C 116 12.63 -0.44 -14.29
C LEU C 116 13.35 -1.80 -14.39
N PHE C 117 14.48 -1.89 -13.70
CA PHE C 117 15.34 -3.10 -13.75
C PHE C 117 14.54 -4.29 -13.22
N GLY C 118 14.50 -5.34 -13.99
CA GLY C 118 13.80 -6.58 -13.59
C GLY C 118 12.37 -6.62 -14.11
N SER C 119 11.87 -5.46 -14.54
CA SER C 119 10.49 -5.39 -15.07
C SER C 119 10.46 -5.98 -16.47
N GLU C 120 9.26 -6.32 -16.93
CA GLU C 120 9.03 -6.77 -18.29
C GLU C 120 8.89 -5.58 -19.23
N ASP C 121 10.01 -4.90 -19.39
CA ASP C 121 10.20 -3.78 -20.31
C ASP C 121 9.34 -2.56 -19.95
N GLU C 122 9.21 -2.27 -18.69
CA GLU C 122 8.44 -1.11 -18.21
C GLU C 122 9.36 0.00 -17.77
N VAL C 123 8.80 1.19 -17.61
CA VAL C 123 9.60 2.38 -17.30
C VAL C 123 8.96 3.24 -16.21
N THR C 124 9.82 4.15 -15.78
CA THR C 124 9.38 5.28 -14.95
C THR C 124 9.98 6.54 -15.57
N THR C 125 9.62 7.68 -15.00
CA THR C 125 10.12 8.97 -15.50
C THR C 125 11.04 9.60 -14.50
N GLN C 126 12.13 10.16 -14.99
CA GLN C 126 13.08 10.89 -14.12
C GLN C 126 13.01 12.39 -14.36
N GLY C 127 13.55 13.16 -13.43
CA GLY C 127 13.65 14.59 -13.47
C GLY C 127 13.30 15.35 -12.23
N LEU C 128 13.19 14.68 -11.08
CA LEU C 128 12.93 15.37 -9.81
C LEU C 128 14.11 16.17 -9.28
N ASP C 129 15.34 15.78 -9.64
CA ASP C 129 16.53 16.44 -9.08
C ASP C 129 16.53 17.94 -9.42
N ASP C 130 16.62 18.72 -8.38
CA ASP C 130 16.64 20.17 -8.33
C ASP C 130 15.43 20.79 -9.05
N LEU C 131 14.32 20.07 -9.03
CA LEU C 131 13.11 20.52 -9.72
C LEU C 131 12.59 21.82 -9.10
N ALA C 132 12.68 21.97 -7.81
CA ALA C 132 12.18 23.17 -7.12
C ALA C 132 12.92 24.41 -7.65
N ALA C 133 14.23 24.31 -7.67
CA ALA C 133 15.09 25.41 -8.12
C ALA C 133 14.82 25.70 -9.60
N ARG C 134 14.53 24.65 -10.34
CA ARG C 134 14.22 24.78 -11.77
C ARG C 134 12.89 25.52 -11.95
N CYS C 135 11.91 25.09 -11.18
CA CYS C 135 10.56 25.68 -11.21
C CYS C 135 10.58 27.15 -10.81
N ALA C 136 11.32 27.48 -9.77
CA ALA C 136 11.47 28.84 -9.27
C ALA C 136 11.87 29.80 -10.42
N GLN C 137 12.84 29.34 -11.16
CA GLN C 137 13.43 30.05 -12.30
C GLN C 137 12.42 30.17 -13.44
N TYR C 138 11.77 29.08 -13.78
CA TYR C 138 10.76 29.01 -14.84
C TYR C 138 9.62 30.01 -14.56
N LYS C 139 9.21 30.09 -13.32
CA LYS C 139 8.15 31.00 -12.84
C LYS C 139 8.59 32.45 -13.09
N LYS C 140 9.78 32.77 -12.63
CA LYS C 140 10.40 34.08 -12.85
C LYS C 140 10.45 34.40 -14.34
N ASP C 141 10.68 33.41 -15.17
CA ASP C 141 10.80 33.57 -16.61
C ASP C 141 9.46 33.55 -17.34
N GLY C 142 8.37 33.53 -16.60
CA GLY C 142 7.03 33.67 -17.14
C GLY C 142 6.18 32.45 -17.29
N CYS C 143 6.59 31.33 -16.75
CA CYS C 143 5.83 30.06 -16.88
C CYS C 143 4.90 29.90 -15.69
N ASP C 144 3.68 29.40 -15.95
CA ASP C 144 2.73 29.26 -14.85
C ASP C 144 2.26 27.81 -14.67
N PHE C 145 2.50 26.97 -15.63
CA PHE C 145 2.15 25.53 -15.54
C PHE C 145 3.32 24.68 -16.05
N ALA C 146 3.26 23.40 -15.71
CA ALA C 146 4.33 22.45 -16.04
C ALA C 146 3.73 21.17 -16.60
N LYS C 147 4.55 20.46 -17.35
CA LYS C 147 4.24 19.18 -18.00
C LYS C 147 5.26 18.11 -17.58
N TRP C 148 4.74 16.94 -17.32
CA TRP C 148 5.55 15.75 -16.93
C TRP C 148 4.81 14.50 -17.45
N ARG C 149 5.44 13.75 -18.33
CA ARG C 149 4.85 12.57 -18.94
C ARG C 149 5.38 11.26 -18.36
N CYS C 150 4.45 10.47 -17.86
CA CYS C 150 4.69 9.05 -17.48
C CYS C 150 4.03 8.19 -18.55
N VAL C 151 4.64 7.03 -18.80
CA VAL C 151 4.21 6.10 -19.84
C VAL C 151 3.95 4.72 -19.25
N LEU C 152 2.75 4.21 -19.48
CA LEU C 152 2.32 2.87 -19.06
C LEU C 152 2.00 2.06 -20.30
N LYS C 153 2.43 0.79 -20.32
CA LYS C 153 2.27 -0.05 -21.50
C LYS C 153 1.31 -1.21 -21.25
N ILE C 154 0.36 -1.39 -22.15
CA ILE C 154 -0.55 -2.55 -22.08
C ILE C 154 0.10 -3.72 -22.81
N GLY C 155 0.22 -4.82 -22.07
CA GLY C 155 0.85 -6.02 -22.62
C GLY C 155 0.30 -7.23 -21.87
N LYS C 156 0.97 -8.36 -22.08
CA LYS C 156 0.56 -9.62 -21.45
C LYS C 156 0.36 -9.47 -19.96
N ASN C 157 1.35 -8.95 -19.25
CA ASN C 157 1.27 -8.76 -17.80
C ASN C 157 1.43 -7.33 -17.36
N THR C 158 1.37 -6.38 -18.29
CA THR C 158 1.63 -4.96 -17.94
C THR C 158 0.44 -4.08 -18.30
N PRO C 159 0.22 -3.01 -17.57
CA PRO C 159 1.06 -2.50 -16.49
C PRO C 159 1.02 -3.37 -15.24
N SER C 160 2.20 -3.50 -14.64
CA SER C 160 2.31 -4.30 -13.39
C SER C 160 1.95 -3.42 -12.22
N TYR C 161 1.78 -4.07 -11.08
CA TYR C 161 1.63 -3.36 -9.81
C TYR C 161 2.84 -2.46 -9.57
N GLN C 162 4.04 -2.97 -9.92
CA GLN C 162 5.25 -2.17 -9.72
C GLN C 162 5.18 -0.85 -10.49
N SER C 163 4.85 -0.95 -11.75
CA SER C 163 4.77 0.20 -12.67
C SER C 163 3.73 1.21 -12.21
N ILE C 164 2.57 0.68 -11.86
CA ILE C 164 1.46 1.51 -11.36
C ILE C 164 1.83 2.28 -10.12
N LEU C 165 2.39 1.59 -9.12
CA LEU C 165 2.84 2.16 -7.87
C LEU C 165 3.86 3.26 -8.07
N GLU C 166 4.87 2.94 -8.89
CA GLU C 166 6.00 3.83 -9.11
C GLU C 166 5.64 5.09 -9.92
N ASN C 167 4.93 4.91 -10.99
CA ASN C 167 4.51 6.03 -11.88
C ASN C 167 3.57 6.97 -11.10
N ALA C 168 2.70 6.38 -10.31
CA ALA C 168 1.79 7.19 -9.48
C ALA C 168 2.55 7.98 -8.45
N ASN C 169 3.54 7.32 -7.82
CA ASN C 169 4.35 7.96 -6.80
C ASN C 169 5.18 9.10 -7.37
N VAL C 170 5.73 8.91 -8.56
CA VAL C 170 6.63 9.96 -9.10
C VAL C 170 5.80 11.16 -9.57
N LEU C 171 4.62 10.89 -10.09
CA LEU C 171 3.69 11.98 -10.49
C LEU C 171 3.35 12.85 -9.29
N ALA C 172 3.16 12.26 -8.12
CA ALA C 172 2.79 12.95 -6.90
C ALA C 172 3.96 13.80 -6.39
N ARG C 173 5.19 13.30 -6.55
CA ARG C 173 6.37 14.05 -6.10
C ARG C 173 6.49 15.32 -6.98
N TYR C 174 6.33 15.09 -8.25
CA TYR C 174 6.45 16.16 -9.26
C TYR C 174 5.41 17.25 -8.99
N ALA C 175 4.20 16.79 -8.78
CA ALA C 175 3.05 17.70 -8.58
C ALA C 175 3.26 18.56 -7.36
N SER C 176 3.68 17.93 -6.27
CA SER C 176 3.98 18.58 -5.00
C SER C 176 5.05 19.66 -5.12
N ILE C 177 6.14 19.32 -5.81
CA ILE C 177 7.26 20.27 -6.00
C ILE C 177 6.79 21.50 -6.81
N CYS C 178 6.11 21.23 -7.90
CA CYS C 178 5.55 22.26 -8.78
C CYS C 178 4.70 23.26 -8.01
N GLN C 179 3.84 22.71 -7.18
CA GLN C 179 2.91 23.51 -6.38
C GLN C 179 3.67 24.38 -5.38
N SER C 180 4.73 23.82 -4.80
CA SER C 180 5.53 24.54 -3.82
C SER C 180 6.19 25.79 -4.45
N GLN C 181 6.30 25.81 -5.74
CA GLN C 181 6.91 26.90 -6.50
C GLN C 181 5.90 27.67 -7.35
N ARG C 182 4.65 27.63 -6.95
CA ARG C 182 3.57 28.39 -7.60
C ARG C 182 3.33 28.01 -9.04
N ILE C 183 3.63 26.78 -9.41
CA ILE C 183 3.44 26.24 -10.74
C ILE C 183 2.34 25.18 -10.73
N VAL C 184 1.40 25.29 -11.66
CA VAL C 184 0.34 24.27 -11.78
C VAL C 184 0.87 23.05 -12.56
N PRO C 185 0.82 21.90 -11.88
CA PRO C 185 1.27 20.67 -12.55
C PRO C 185 0.15 20.06 -13.36
N ILE C 186 0.42 19.72 -14.59
CA ILE C 186 -0.47 18.87 -15.38
C ILE C 186 0.05 17.41 -15.17
N VAL C 187 -0.82 16.61 -14.64
CA VAL C 187 -0.55 15.18 -14.33
C VAL C 187 -0.83 14.32 -15.53
N GLU C 188 0.22 13.73 -16.11
CA GLU C 188 0.07 12.98 -17.34
C GLU C 188 0.52 11.54 -17.27
N PRO C 189 -0.42 10.68 -16.91
CA PRO C 189 -0.23 9.23 -16.89
C PRO C 189 -0.73 8.68 -18.22
N GLU C 190 0.15 8.59 -19.21
CA GLU C 190 -0.25 8.11 -20.52
C GLU C 190 -0.23 6.59 -20.66
N VAL C 191 -1.39 6.03 -20.92
CA VAL C 191 -1.51 4.60 -21.24
C VAL C 191 -1.39 4.49 -22.76
N LEU C 192 -0.32 3.87 -23.23
CA LEU C 192 -0.06 3.81 -24.68
C LEU C 192 -1.13 3.00 -25.41
N PRO C 193 -1.38 3.43 -26.64
CA PRO C 193 -2.30 2.72 -27.54
C PRO C 193 -1.72 1.45 -28.15
N ASP C 194 -0.41 1.34 -28.23
CA ASP C 194 0.27 0.17 -28.84
C ASP C 194 -0.37 -1.14 -28.36
N GLY C 195 -0.60 -2.05 -29.30
CA GLY C 195 -1.13 -3.38 -28.97
C GLY C 195 -2.43 -3.67 -29.69
N ASP C 196 -2.98 -4.85 -29.38
CA ASP C 196 -4.19 -5.35 -30.03
C ASP C 196 -5.27 -5.70 -29.02
N HIS C 197 -5.19 -5.07 -27.87
CA HIS C 197 -6.18 -5.26 -26.80
C HIS C 197 -7.47 -4.54 -27.22
N ASP C 198 -8.57 -4.95 -26.63
CA ASP C 198 -9.90 -4.37 -26.90
C ASP C 198 -10.15 -3.20 -25.96
N LEU C 199 -11.29 -2.55 -26.17
CA LEU C 199 -11.72 -1.40 -25.39
C LEU C 199 -11.94 -1.75 -23.92
N ASP C 200 -12.43 -2.94 -23.68
CA ASP C 200 -12.70 -3.43 -22.32
C ASP C 200 -11.39 -3.44 -21.51
N ARG C 201 -10.36 -4.00 -22.12
CA ARG C 201 -9.03 -4.04 -21.46
C ARG C 201 -8.54 -2.62 -21.20
N ALA C 202 -8.62 -1.77 -22.24
CA ALA C 202 -8.15 -0.39 -22.08
C ALA C 202 -8.87 0.34 -20.97
N GLN C 203 -10.16 0.13 -20.81
CA GLN C 203 -10.94 0.84 -19.76
C GLN C 203 -10.47 0.36 -18.38
N LYS C 204 -10.36 -0.95 -18.27
CA LYS C 204 -9.96 -1.57 -16.98
C LYS C 204 -8.58 -1.08 -16.60
N VAL C 205 -7.66 -1.04 -17.54
CA VAL C 205 -6.29 -0.52 -17.26
C VAL C 205 -6.32 0.94 -16.85
N THR C 206 -7.05 1.74 -17.63
CA THR C 206 -7.17 3.17 -17.33
C THR C 206 -7.75 3.41 -15.95
N GLU C 207 -8.83 2.69 -15.60
CA GLU C 207 -9.41 2.87 -14.25
C GLU C 207 -8.42 2.49 -13.14
N THR C 208 -7.69 1.42 -13.36
CA THR C 208 -6.67 0.98 -12.35
C THR C 208 -5.61 2.05 -12.14
N VAL C 209 -5.04 2.53 -13.23
CA VAL C 209 -4.00 3.56 -13.21
C VAL C 209 -4.43 4.82 -12.49
N LEU C 210 -5.60 5.34 -12.88
CA LEU C 210 -6.12 6.59 -12.31
C LEU C 210 -6.39 6.47 -10.82
N ALA C 211 -6.96 5.35 -10.36
CA ALA C 211 -7.18 5.17 -8.92
C ALA C 211 -5.88 5.28 -8.14
N ALA C 212 -4.82 4.66 -8.66
CA ALA C 212 -3.50 4.71 -8.01
C ALA C 212 -2.96 6.14 -8.02
N VAL C 213 -3.11 6.82 -9.15
CA VAL C 213 -2.63 8.20 -9.28
C VAL C 213 -3.26 9.10 -8.20
N TYR C 214 -4.58 8.98 -8.02
CA TYR C 214 -5.24 9.87 -7.02
C TYR C 214 -5.01 9.41 -5.60
N LYS C 215 -4.63 8.15 -5.42
CA LYS C 215 -4.28 7.73 -4.03
C LYS C 215 -2.92 8.36 -3.74
N ALA C 216 -2.07 8.33 -4.76
CA ALA C 216 -0.70 8.88 -4.54
C ALA C 216 -0.77 10.38 -4.30
N LEU C 217 -1.65 11.07 -5.02
CA LEU C 217 -1.76 12.55 -4.84
C LEU C 217 -2.19 12.89 -3.43
N SER C 218 -3.14 12.11 -2.92
CA SER C 218 -3.61 12.27 -1.53
C SER C 218 -2.51 11.99 -0.52
N ASP C 219 -1.78 10.89 -0.74
CA ASP C 219 -0.69 10.49 0.18
C ASP C 219 0.37 11.59 0.32
N HIS C 220 0.61 12.27 -0.77
CA HIS C 220 1.58 13.39 -0.80
C HIS C 220 0.94 14.76 -0.61
N HIS C 221 -0.34 14.80 -0.29
CA HIS C 221 -1.02 16.04 0.09
C HIS C 221 -1.03 17.10 -1.02
N VAL C 222 -1.24 16.70 -2.22
CA VAL C 222 -1.31 17.62 -3.38
C VAL C 222 -2.67 18.31 -3.43
N TYR C 223 -2.63 19.62 -3.69
CA TYR C 223 -3.89 20.40 -3.78
C TYR C 223 -4.54 20.21 -5.12
N LEU C 224 -5.57 19.36 -5.18
CA LEU C 224 -6.18 18.94 -6.43
C LEU C 224 -6.79 20.08 -7.26
N GLU C 225 -7.31 21.05 -6.56
CA GLU C 225 -7.95 22.21 -7.28
C GLU C 225 -6.90 22.98 -8.06
N GLY C 226 -5.65 22.83 -7.64
CA GLY C 226 -4.49 23.44 -8.29
C GLY C 226 -3.78 22.52 -9.26
N THR C 227 -4.45 21.55 -9.84
CA THR C 227 -3.90 20.61 -10.80
C THR C 227 -4.85 20.40 -11.98
N LEU C 228 -4.29 19.86 -13.03
CA LEU C 228 -4.99 19.37 -14.20
C LEU C 228 -4.53 17.93 -14.44
N LEU C 229 -5.35 17.20 -15.15
CA LEU C 229 -5.08 15.83 -15.55
C LEU C 229 -5.00 15.76 -17.08
N LYS C 230 -3.96 15.09 -17.54
CA LYS C 230 -3.80 14.84 -18.98
C LYS C 230 -3.70 13.36 -19.27
N PRO C 231 -4.86 12.74 -19.51
CA PRO C 231 -4.92 11.31 -19.77
C PRO C 231 -5.20 11.02 -21.23
N ASN C 232 -5.05 9.75 -21.53
CA ASN C 232 -5.42 9.15 -22.82
C ASN C 232 -6.96 9.00 -22.80
N MET C 233 -7.55 9.13 -23.98
CA MET C 233 -8.97 8.72 -24.14
C MET C 233 -8.91 7.18 -24.06
N VAL C 234 -10.00 6.56 -23.69
CA VAL C 234 -10.10 5.10 -23.64
C VAL C 234 -10.53 4.60 -25.03
N THR C 235 -9.60 3.91 -25.65
CA THR C 235 -9.76 3.30 -26.97
C THR C 235 -9.12 1.91 -26.97
N ALA C 236 -9.56 1.09 -27.89
CA ALA C 236 -8.94 -0.24 -28.10
C ALA C 236 -7.54 0.05 -28.69
N GLY C 237 -6.75 -1.00 -28.78
CA GLY C 237 -5.38 -0.89 -29.29
C GLY C 237 -5.35 -0.52 -30.77
N GLN C 238 -4.26 0.10 -31.12
CA GLN C 238 -3.91 0.60 -32.45
C GLN C 238 -4.06 -0.48 -33.51
N SER C 239 -3.84 -1.73 -33.12
CA SER C 239 -3.88 -2.89 -34.02
C SER C 239 -5.18 -3.67 -33.89
N ALA C 240 -6.06 -3.14 -33.07
CA ALA C 240 -7.41 -3.69 -32.83
C ALA C 240 -8.42 -2.96 -33.72
N LYS C 241 -9.60 -3.53 -33.79
CA LYS C 241 -10.76 -2.98 -34.50
C LYS C 241 -11.08 -1.60 -33.94
N LYS C 242 -11.34 -0.65 -34.82
CA LYS C 242 -11.65 0.73 -34.36
C LYS C 242 -13.04 0.76 -33.74
N ASN C 243 -13.18 1.61 -32.74
CA ASN C 243 -14.48 1.79 -32.05
C ASN C 243 -15.11 3.07 -32.61
N THR C 244 -16.39 3.20 -32.35
CA THR C 244 -17.12 4.43 -32.71
C THR C 244 -16.80 5.48 -31.66
N PRO C 245 -16.89 6.74 -32.08
CA PRO C 245 -16.68 7.87 -31.19
C PRO C 245 -17.55 7.77 -29.93
N GLU C 246 -18.74 7.20 -30.12
CA GLU C 246 -19.70 7.08 -29.00
C GLU C 246 -19.23 6.04 -27.98
N GLU C 247 -18.72 4.94 -28.47
CA GLU C 247 -18.17 3.87 -27.61
C GLU C 247 -16.98 4.44 -26.85
N ILE C 248 -16.09 5.09 -27.61
CA ILE C 248 -14.90 5.71 -27.02
C ILE C 248 -15.33 6.69 -25.94
N ALA C 249 -16.36 7.47 -26.29
CA ALA C 249 -16.82 8.55 -25.40
C ALA C 249 -17.38 7.99 -24.10
N LEU C 250 -18.20 6.96 -24.19
CA LEU C 250 -18.80 6.39 -22.97
C LEU C 250 -17.69 5.81 -22.08
N ALA C 251 -16.85 4.99 -22.70
CA ALA C 251 -15.74 4.35 -21.94
C ALA C 251 -14.94 5.39 -21.19
N THR C 252 -14.56 6.46 -21.90
CA THR C 252 -13.73 7.51 -21.34
C THR C 252 -14.42 8.22 -20.18
N VAL C 253 -15.68 8.61 -20.39
CA VAL C 253 -16.38 9.34 -19.32
C VAL C 253 -16.62 8.47 -18.10
N GLN C 254 -16.95 7.22 -18.33
CA GLN C 254 -17.17 6.27 -17.22
C GLN C 254 -15.87 6.15 -16.40
N ALA C 255 -14.78 5.94 -17.12
CA ALA C 255 -13.46 5.77 -16.47
C ALA C 255 -13.11 6.96 -15.60
N LEU C 256 -13.35 8.18 -16.12
CA LEU C 256 -13.05 9.40 -15.38
C LEU C 256 -13.96 9.60 -14.17
N ARG C 257 -15.26 9.38 -14.38
CA ARG C 257 -16.26 9.52 -13.30
C ARG C 257 -15.91 8.63 -12.11
N ARG C 258 -15.35 7.46 -12.43
CA ARG C 258 -15.03 6.47 -11.37
C ARG C 258 -13.73 6.73 -10.63
N THR C 259 -12.89 7.63 -11.11
CA THR C 259 -11.55 7.79 -10.52
C THR C 259 -11.05 9.19 -10.25
N VAL C 260 -11.44 10.17 -11.04
CA VAL C 260 -10.92 11.55 -10.91
C VAL C 260 -11.84 12.44 -10.08
N PRO C 261 -11.43 12.83 -8.89
CA PRO C 261 -12.23 13.69 -8.04
C PRO C 261 -12.67 14.96 -8.77
N ALA C 262 -13.86 15.38 -8.42
CA ALA C 262 -14.51 16.62 -8.90
C ALA C 262 -13.68 17.84 -8.57
N ALA C 263 -12.86 17.71 -7.53
CA ALA C 263 -11.94 18.76 -7.10
C ALA C 263 -10.92 19.09 -8.19
N VAL C 264 -10.62 18.17 -9.05
CA VAL C 264 -9.67 18.38 -10.16
C VAL C 264 -10.29 19.39 -11.15
N THR C 265 -9.61 20.48 -11.33
CA THR C 265 -10.11 21.61 -12.14
C THR C 265 -10.43 21.27 -13.57
N GLY C 266 -9.67 20.38 -14.21
CA GLY C 266 -9.98 19.98 -15.59
C GLY C 266 -9.07 18.86 -16.10
N VAL C 267 -9.52 18.31 -17.20
CA VAL C 267 -8.93 17.24 -17.99
C VAL C 267 -8.63 17.78 -19.40
N THR C 268 -7.37 17.72 -19.74
CA THR C 268 -6.86 18.11 -21.07
C THR C 268 -6.26 16.90 -21.75
N PHE C 269 -7.00 16.29 -22.65
CA PHE C 269 -6.71 15.06 -23.33
C PHE C 269 -5.55 15.11 -24.34
N LEU C 270 -4.78 14.04 -24.28
CA LEU C 270 -3.70 13.80 -25.28
C LEU C 270 -4.39 13.05 -26.42
N SER C 271 -3.86 13.19 -27.62
CA SER C 271 -4.47 12.55 -28.79
C SER C 271 -3.91 11.19 -29.11
N GLY C 272 -2.78 10.83 -28.53
CA GLY C 272 -2.15 9.51 -28.81
C GLY C 272 -1.77 9.45 -30.29
N GLY C 273 -2.25 8.44 -30.99
CA GLY C 273 -1.96 8.25 -32.40
C GLY C 273 -3.15 8.54 -33.31
N GLN C 274 -4.15 9.18 -32.74
CA GLN C 274 -5.39 9.57 -33.44
C GLN C 274 -5.07 10.62 -34.51
N SER C 275 -5.82 10.55 -35.59
CA SER C 275 -5.73 11.57 -36.67
C SER C 275 -6.28 12.89 -36.12
N GLU C 276 -6.05 13.95 -36.87
CA GLU C 276 -6.51 15.29 -36.48
C GLU C 276 -8.03 15.35 -36.32
N GLU C 277 -8.73 14.75 -37.26
CA GLU C 277 -10.20 14.73 -37.31
C GLU C 277 -10.75 13.85 -36.17
N GLU C 278 -10.16 12.67 -36.03
CA GLU C 278 -10.53 11.69 -34.99
C GLU C 278 -10.52 12.29 -33.60
N ALA C 279 -9.41 12.94 -33.30
CA ALA C 279 -9.14 13.61 -32.03
C ALA C 279 -10.22 14.65 -31.71
N THR C 280 -10.68 15.32 -32.77
CA THR C 280 -11.72 16.35 -32.65
C THR C 280 -13.09 15.74 -32.44
N VAL C 281 -13.43 14.79 -33.28
CA VAL C 281 -14.73 14.08 -33.23
C VAL C 281 -14.88 13.39 -31.87
N ASN C 282 -13.80 12.74 -31.46
CA ASN C 282 -13.80 12.02 -30.16
C ASN C 282 -14.06 12.97 -29.02
N LEU C 283 -13.34 14.09 -28.98
CA LEU C 283 -13.49 15.08 -27.93
C LEU C 283 -14.94 15.62 -27.89
N SER C 284 -15.50 15.73 -29.09
CA SER C 284 -16.86 16.33 -29.18
C SER C 284 -17.87 15.36 -28.57
N ALA C 285 -17.73 14.10 -28.94
CA ALA C 285 -18.59 13.03 -28.43
C ALA C 285 -18.48 12.90 -26.93
N ILE C 286 -17.28 13.06 -26.40
CA ILE C 286 -17.04 13.03 -24.95
C ILE C 286 -17.88 14.07 -24.23
N ASN C 287 -17.95 15.25 -24.83
CA ASN C 287 -18.67 16.38 -24.21
C ASN C 287 -20.19 16.27 -24.46
N ASN C 288 -20.64 15.13 -24.92
CA ASN C 288 -22.05 14.86 -25.17
C ASN C 288 -22.56 13.64 -24.42
N VAL C 289 -21.71 13.03 -23.60
CA VAL C 289 -22.15 11.84 -22.85
C VAL C 289 -23.17 12.30 -21.80
N PRO C 290 -24.32 11.63 -21.80
CA PRO C 290 -25.40 11.94 -20.85
C PRO C 290 -25.14 11.42 -19.46
N LEU C 291 -24.06 11.88 -18.88
CA LEU C 291 -23.65 11.54 -17.50
C LEU C 291 -23.04 12.81 -16.95
N ILE C 292 -23.15 13.00 -15.64
CA ILE C 292 -22.58 14.22 -15.04
C ILE C 292 -21.06 14.20 -15.21
N ARG C 293 -20.57 15.35 -15.58
CA ARG C 293 -19.14 15.58 -15.82
C ARG C 293 -18.71 16.85 -15.12
N PRO C 294 -18.17 16.69 -13.92
CA PRO C 294 -17.86 17.79 -13.04
C PRO C 294 -16.62 18.59 -13.37
N TRP C 295 -15.93 18.27 -14.44
CA TRP C 295 -14.69 18.96 -14.81
C TRP C 295 -14.79 19.34 -16.30
N ALA C 296 -14.05 20.38 -16.64
CA ALA C 296 -13.93 20.74 -18.08
C ALA C 296 -13.17 19.61 -18.77
N LEU C 297 -13.64 19.23 -19.93
CA LEU C 297 -13.05 18.19 -20.78
C LEU C 297 -12.60 18.81 -22.12
N THR C 298 -11.33 19.14 -22.16
CA THR C 298 -10.76 19.83 -23.35
C THR C 298 -9.54 19.09 -23.88
N PHE C 299 -8.71 19.79 -24.63
CA PHE C 299 -7.58 19.19 -25.35
C PHE C 299 -6.23 19.78 -24.93
N SER C 300 -5.23 18.95 -25.16
CA SER C 300 -3.81 19.32 -25.01
C SER C 300 -3.08 18.55 -26.13
N TYR C 301 -3.29 19.05 -27.33
CA TYR C 301 -2.85 18.42 -28.56
C TYR C 301 -1.53 18.94 -29.09
N GLY C 302 -0.76 17.99 -29.59
CA GLY C 302 0.57 18.20 -30.18
C GLY C 302 0.49 18.00 -31.69
N ARG C 303 0.75 16.78 -32.12
CA ARG C 303 0.68 16.44 -33.55
C ARG C 303 -0.71 16.76 -34.10
N ALA C 304 -1.70 16.47 -33.27
CA ALA C 304 -3.12 16.62 -33.61
C ALA C 304 -3.49 18.06 -33.92
N LEU C 305 -2.65 19.02 -33.54
CA LEU C 305 -2.90 20.42 -33.85
C LEU C 305 -1.98 20.94 -34.95
N GLN C 306 -0.87 20.26 -35.13
CA GLN C 306 0.23 20.69 -35.99
C GLN C 306 0.43 19.93 -37.28
N ALA C 307 -0.11 18.75 -37.42
CA ALA C 307 0.11 17.90 -38.59
C ALA C 307 -0.05 18.63 -39.91
N SER C 308 -1.18 19.28 -40.06
CA SER C 308 -1.53 20.00 -41.30
C SER C 308 -0.73 21.28 -41.45
N VAL C 309 -0.34 21.83 -40.32
CA VAL C 309 0.46 23.07 -40.31
C VAL C 309 1.78 22.83 -41.06
N LEU C 310 2.52 21.85 -40.56
CA LEU C 310 3.83 21.49 -41.12
C LEU C 310 3.70 21.21 -42.61
N ARG C 311 2.68 20.45 -42.96
CA ARG C 311 2.38 20.09 -44.35
C ARG C 311 2.19 21.34 -45.21
N ALA C 312 1.38 22.26 -44.72
CA ALA C 312 1.08 23.52 -45.41
C ALA C 312 2.33 24.36 -45.58
N TRP C 313 3.12 24.41 -44.52
CA TRP C 313 4.37 25.18 -44.46
C TRP C 313 5.37 24.66 -45.48
N ALA C 314 5.81 23.44 -45.24
CA ALA C 314 6.76 22.74 -46.11
C ALA C 314 8.17 23.31 -46.00
N GLY C 315 8.31 24.34 -45.19
CA GLY C 315 9.58 25.00 -44.93
C GLY C 315 9.76 26.28 -45.74
N LYS C 316 8.77 26.58 -46.57
CA LYS C 316 8.81 27.75 -47.45
C LYS C 316 8.15 28.96 -46.81
N LYS C 317 8.91 30.04 -46.80
CA LYS C 317 8.56 31.32 -46.20
C LYS C 317 7.27 31.93 -46.74
N GLU C 318 6.86 31.47 -47.90
CA GLU C 318 5.67 31.98 -48.59
C GLU C 318 4.41 31.28 -48.13
N ASN C 319 4.61 30.17 -47.44
CA ASN C 319 3.53 29.30 -46.98
C ASN C 319 3.18 29.58 -45.52
N ILE C 320 3.83 30.59 -44.96
CA ILE C 320 3.62 30.97 -43.56
C ILE C 320 2.14 31.16 -43.25
N ALA C 321 1.51 32.04 -44.00
CA ALA C 321 0.09 32.37 -43.85
C ALA C 321 -0.76 31.09 -43.94
N ALA C 322 -0.41 30.25 -44.88
CA ALA C 322 -1.11 28.98 -45.11
C ALA C 322 -1.08 28.09 -43.86
N GLY C 323 0.12 27.87 -43.35
CA GLY C 323 0.33 27.04 -42.16
C GLY C 323 -0.51 27.60 -41.01
N GLN C 324 -0.39 28.90 -40.80
CA GLN C 324 -1.08 29.62 -39.73
C GLN C 324 -2.58 29.43 -39.82
N ASN C 325 -3.08 29.37 -41.05
CA ASN C 325 -4.51 29.19 -41.31
C ASN C 325 -4.99 27.80 -40.89
N GLU C 326 -4.12 26.82 -41.08
CA GLU C 326 -4.43 25.44 -40.72
C GLU C 326 -4.54 25.29 -39.21
N LEU C 327 -3.68 26.00 -38.51
CA LEU C 327 -3.64 26.04 -37.05
C LEU C 327 -4.93 26.65 -36.50
N LEU C 328 -5.30 27.78 -37.09
CA LEU C 328 -6.52 28.48 -36.71
C LEU C 328 -7.75 27.60 -36.91
N LYS C 329 -7.81 26.93 -38.03
CA LYS C 329 -8.94 26.04 -38.34
C LYS C 329 -9.06 24.92 -37.32
N ARG C 330 -7.92 24.29 -37.04
CA ARG C 330 -7.88 23.14 -36.12
C ARG C 330 -8.16 23.54 -34.69
N ALA C 331 -7.72 24.72 -34.29
CA ALA C 331 -7.91 25.22 -32.94
C ALA C 331 -9.39 25.54 -32.69
N LYS C 332 -10.01 26.10 -33.73
CA LYS C 332 -11.43 26.43 -33.73
C LYS C 332 -12.29 25.19 -33.55
N ALA C 333 -12.00 24.19 -34.35
CA ALA C 333 -12.72 22.92 -34.36
C ALA C 333 -12.59 22.20 -33.02
N ASN C 334 -11.38 22.27 -32.46
CA ASN C 334 -11.12 21.66 -31.14
C ASN C 334 -11.77 22.47 -30.03
N GLY C 335 -11.84 23.77 -30.20
CA GLY C 335 -12.51 24.65 -29.23
C GLY C 335 -14.00 24.27 -29.18
N ASP C 336 -14.55 24.07 -30.36
CA ASP C 336 -15.95 23.64 -30.54
C ASP C 336 -16.18 22.28 -29.87
N ALA C 337 -15.27 21.37 -30.14
CA ALA C 337 -15.28 20.00 -29.59
C ALA C 337 -15.28 20.06 -28.07
N ALA C 338 -14.50 20.97 -27.53
CA ALA C 338 -14.36 21.20 -26.10
C ALA C 338 -15.70 21.62 -25.48
N GLN C 339 -16.64 21.89 -26.36
CA GLN C 339 -17.99 22.34 -25.97
C GLN C 339 -19.06 21.36 -26.45
N GLY C 340 -18.65 20.32 -27.12
CA GLY C 340 -19.51 19.30 -27.68
C GLY C 340 -20.25 19.77 -28.92
N LYS C 341 -19.75 20.84 -29.53
CA LYS C 341 -20.44 21.43 -30.69
C LYS C 341 -19.76 21.26 -32.03
N TYR C 342 -18.93 20.26 -32.22
CA TYR C 342 -18.21 20.09 -33.49
C TYR C 342 -19.01 19.27 -34.50
N VAL C 343 -19.11 19.85 -35.69
CA VAL C 343 -19.79 19.21 -36.82
C VAL C 343 -18.74 18.41 -37.62
N ALA C 344 -18.84 17.10 -37.49
CA ALA C 344 -17.92 16.16 -38.14
C ALA C 344 -17.60 16.55 -39.56
N GLY C 345 -16.31 16.66 -39.84
CA GLY C 345 -15.77 16.92 -41.16
C GLY C 345 -15.88 18.36 -41.61
N SER C 346 -16.22 19.25 -40.68
CA SER C 346 -16.38 20.67 -40.98
C SER C 346 -15.06 21.41 -41.05
N ALA C 347 -13.99 20.77 -40.61
CA ALA C 347 -12.66 21.40 -40.54
C ALA C 347 -11.70 20.89 -41.61
N GLY C 348 -12.18 20.02 -42.48
CA GLY C 348 -11.37 19.53 -43.60
C GLY C 348 -11.41 18.02 -43.71
N ALA C 349 -10.25 17.44 -43.49
CA ALA C 349 -10.04 15.98 -43.53
C ALA C 349 -9.01 15.60 -42.46
N GLY C 350 -7.93 16.36 -42.48
CA GLY C 350 -6.82 16.21 -41.54
C GLY C 350 -5.88 15.12 -42.06
N SER C 351 -4.78 14.97 -41.34
CA SER C 351 -3.78 13.93 -41.60
C SER C 351 -4.44 12.56 -41.55
N GLY C 352 -3.61 11.54 -41.71
CA GLY C 352 -4.02 10.15 -41.74
C GLY C 352 -3.99 9.46 -40.38
N SER C 353 -2.81 9.01 -40.02
CA SER C 353 -2.55 8.42 -38.68
C SER C 353 -1.22 8.99 -38.18
N LEU C 354 -1.29 9.63 -37.03
CA LEU C 354 -0.12 10.28 -36.42
C LEU C 354 0.54 9.36 -35.40
N PHE C 355 0.24 8.08 -35.56
CA PHE C 355 0.73 7.05 -34.64
C PHE C 355 2.17 6.65 -34.93
N VAL C 356 2.95 6.76 -33.86
CA VAL C 356 4.34 6.30 -33.79
C VAL C 356 4.42 5.33 -32.60
N ALA C 357 4.77 4.10 -32.92
CA ALA C 357 4.89 3.02 -31.91
C ALA C 357 6.23 3.16 -31.20
N ASN C 358 6.19 2.95 -29.89
CA ASN C 358 7.40 2.94 -29.04
C ASN C 358 7.56 4.26 -28.29
N HIS C 359 6.95 4.32 -27.12
CA HIS C 359 7.00 5.54 -26.29
C HIS C 359 8.01 5.41 -25.16
N ALA C 360 7.82 4.38 -24.35
CA ALA C 360 8.70 4.06 -23.22
C ALA C 360 9.91 3.25 -23.71
N TYR C 361 11.08 3.75 -23.38
CA TYR C 361 12.36 3.17 -23.78
C TYR C 361 12.80 3.80 -25.11
C ACE D 1 2.54 -7.91 -7.33
O ACE D 1 1.57 -8.11 -8.06
CH3 ACE D 1 2.43 -7.60 -5.87
N THR D 2 3.79 -7.97 -7.83
CA THR D 2 4.08 -8.35 -9.18
C THR D 2 4.85 -9.70 -9.20
N THR D 3 4.24 -10.69 -9.81
CA THR D 3 4.83 -12.06 -9.78
C THR D 3 5.62 -12.41 -11.02
N TYR D 4 5.31 -11.70 -12.13
CA TYR D 4 6.04 -11.92 -13.40
C TYR D 4 7.14 -10.86 -13.50
N PHE D 5 8.36 -11.28 -13.29
CA PHE D 5 9.53 -10.37 -13.32
C PHE D 5 10.81 -11.19 -13.56
N ASN D 6 11.90 -10.50 -13.80
CA ASN D 6 13.19 -11.19 -14.12
C ASN D 6 14.20 -11.02 -13.00
N TYR D 7 14.76 -12.13 -12.53
CA TYR D 7 15.93 -12.05 -11.59
C TYR D 7 17.11 -11.54 -12.45
N PRO D 8 18.10 -10.96 -11.79
CA PRO D 8 19.34 -10.56 -12.46
C PRO D 8 19.98 -11.82 -13.06
N SER D 9 20.84 -11.62 -14.06
CA SER D 9 21.57 -12.78 -14.62
C SER D 9 22.35 -13.45 -13.48
N LYS D 10 22.63 -14.73 -13.66
CA LYS D 10 23.41 -15.47 -12.65
C LYS D 10 24.75 -14.79 -12.43
N GLU D 11 25.35 -14.29 -13.50
CA GLU D 11 26.66 -13.63 -13.41
C GLU D 11 26.63 -12.38 -12.56
N LEU D 12 25.59 -11.57 -12.75
CA LEU D 12 25.44 -10.32 -11.97
C LEU D 12 25.15 -10.63 -10.50
N GLN D 13 24.30 -11.61 -10.27
CA GLN D 13 24.01 -12.06 -8.90
C GLN D 13 25.31 -12.35 -8.14
N ASP D 14 26.13 -13.21 -8.74
CA ASP D 14 27.39 -13.67 -8.16
C ASP D 14 28.34 -12.52 -7.89
N GLU D 15 28.47 -11.61 -8.86
CA GLU D 15 29.36 -10.45 -8.67
C GLU D 15 28.93 -9.56 -7.53
N LEU D 16 27.64 -9.21 -7.47
CA LEU D 16 27.12 -8.33 -6.42
C LEU D 16 27.23 -9.01 -5.05
N ARG D 17 26.89 -10.28 -5.02
CA ARG D 17 26.94 -11.05 -3.76
C ARG D 17 28.37 -11.13 -3.22
N GLU D 18 29.28 -11.40 -4.14
CA GLU D 18 30.71 -11.47 -3.78
C GLU D 18 31.25 -10.17 -3.23
N ILE D 19 31.01 -9.03 -3.84
CA ILE D 19 31.39 -7.71 -3.32
C ILE D 19 30.82 -7.46 -1.93
N ALA D 20 29.54 -7.73 -1.76
CA ALA D 20 28.88 -7.49 -0.47
C ALA D 20 29.57 -8.30 0.63
N GLN D 21 29.84 -9.56 0.29
CA GLN D 21 30.46 -10.49 1.24
C GLN D 21 31.86 -10.03 1.65
N LYS D 22 32.61 -9.53 0.68
CA LYS D 22 33.97 -9.01 0.93
C LYS D 22 33.96 -7.82 1.86
N ILE D 23 32.98 -6.94 1.68
CA ILE D 23 32.87 -5.75 2.54
C ILE D 23 32.66 -6.10 4.00
N VAL D 24 31.90 -7.17 4.25
CA VAL D 24 31.62 -7.58 5.63
C VAL D 24 32.38 -8.82 6.09
N ALA D 25 33.52 -9.11 5.52
CA ALA D 25 34.36 -10.25 6.02
C ALA D 25 34.63 -10.06 7.50
N PRO D 26 34.77 -11.18 8.22
CA PRO D 26 35.04 -11.15 9.66
C PRO D 26 36.17 -10.20 10.04
N GLY D 27 35.88 -9.35 11.00
CA GLY D 27 36.80 -8.38 11.55
C GLY D 27 36.93 -7.11 10.74
N LYS D 28 36.16 -6.97 9.66
CA LYS D 28 36.27 -5.78 8.80
C LYS D 28 35.00 -4.93 8.75
N GLY D 29 35.25 -3.65 8.48
CA GLY D 29 34.20 -2.65 8.33
C GLY D 29 34.65 -1.54 7.38
N ILE D 30 33.80 -0.54 7.28
CA ILE D 30 33.95 0.56 6.35
C ILE D 30 34.36 1.84 7.06
N LEU D 31 35.22 2.58 6.38
CA LEU D 31 35.65 3.91 6.75
C LEU D 31 34.92 4.91 5.81
N ALA D 32 34.02 5.67 6.37
CA ALA D 32 33.26 6.66 5.57
C ALA D 32 34.11 7.92 5.52
N ALA D 33 34.72 8.20 4.39
CA ALA D 33 35.54 9.41 4.24
C ALA D 33 34.91 10.32 3.18
N ASP D 34 33.58 10.36 3.18
CA ASP D 34 32.86 11.01 2.06
C ASP D 34 32.43 12.42 2.38
N GLU D 35 33.10 13.08 3.31
CA GLU D 35 32.78 14.46 3.67
C GLU D 35 33.02 15.41 2.50
N SER D 36 32.00 16.24 2.27
CA SER D 36 32.09 17.28 1.24
C SER D 36 32.98 18.41 1.76
N GLY D 37 33.40 19.26 0.85
CA GLY D 37 34.22 20.45 1.17
C GLY D 37 33.77 21.11 2.47
N PRO D 38 32.55 21.63 2.44
CA PRO D 38 31.96 22.35 3.57
C PRO D 38 32.08 21.59 4.87
N THR D 39 31.64 20.34 4.86
CA THR D 39 31.65 19.48 6.04
C THR D 39 33.07 19.22 6.53
N MET D 40 33.92 18.92 5.55
CA MET D 40 35.35 18.67 5.86
C MET D 40 35.92 19.93 6.50
N GLY D 41 35.45 21.06 5.99
CA GLY D 41 35.85 22.39 6.44
C GLY D 41 35.55 22.60 7.92
N LYS D 42 34.40 22.09 8.32
CA LYS D 42 33.96 22.16 9.72
C LYS D 42 34.95 21.40 10.59
N ARG D 43 35.35 20.25 10.09
CA ARG D 43 36.30 19.35 10.77
C ARG D 43 37.68 19.99 10.91
N LEU D 44 38.17 20.55 9.81
CA LEU D 44 39.49 21.19 9.79
C LEU D 44 39.53 22.39 10.73
N GLN D 45 38.42 23.10 10.77
CA GLN D 45 38.28 24.32 11.57
C GLN D 45 38.49 24.01 13.06
N ASP D 46 37.87 22.93 13.51
CA ASP D 46 37.95 22.54 14.91
C ASP D 46 39.43 22.40 15.35
N ILE D 47 40.31 22.08 14.41
CA ILE D 47 41.72 21.86 14.77
C ILE D 47 42.64 22.97 14.28
N GLY D 48 42.05 24.02 13.77
CA GLY D 48 42.73 25.23 13.32
C GLY D 48 43.41 25.11 11.96
N VAL D 49 42.77 24.40 11.06
CA VAL D 49 43.28 24.23 9.68
C VAL D 49 42.29 24.87 8.71
N GLU D 50 42.82 25.61 7.78
CA GLU D 50 42.03 26.33 6.77
C GLU D 50 41.49 25.35 5.73
N ASN D 51 40.21 25.53 5.44
CA ASN D 51 39.48 24.68 4.49
C ASN D 51 39.85 25.03 3.04
N THR D 52 40.91 24.40 2.59
CA THR D 52 41.40 24.54 1.21
C THR D 52 41.32 23.17 0.54
N GLU D 53 41.30 23.18 -0.79
CA GLU D 53 41.25 21.93 -1.55
C GLU D 53 42.44 21.04 -1.22
N ASP D 54 43.58 21.68 -0.96
CA ASP D 54 44.83 20.95 -0.72
C ASP D 54 44.99 20.54 0.73
N ASN D 55 44.41 21.30 1.65
CA ASN D 55 44.50 20.91 3.08
C ASN D 55 43.64 19.66 3.28
N ARG D 56 42.55 19.65 2.54
CA ARG D 56 41.61 18.53 2.51
C ARG D 56 42.29 17.32 1.86
N ARG D 57 43.13 17.67 0.89
CA ARG D 57 43.90 16.69 0.11
C ARG D 57 44.98 16.08 1.00
N ALA D 58 45.63 16.95 1.75
CA ALA D 58 46.67 16.60 2.71
C ALA D 58 46.15 15.64 3.78
N TYR D 59 44.92 15.92 4.19
CA TYR D 59 44.26 15.12 5.21
C TYR D 59 43.90 13.74 4.65
N ARG D 60 43.38 13.72 3.44
CA ARG D 60 42.98 12.48 2.76
C ARG D 60 44.25 11.65 2.47
N GLN D 61 45.30 12.38 2.14
CA GLN D 61 46.62 11.77 1.88
C GLN D 61 47.10 10.99 3.10
N LEU D 62 46.90 11.59 4.27
CA LEU D 62 47.30 10.96 5.53
C LEU D 62 46.55 9.65 5.74
N LEU D 63 45.23 9.76 5.59
CA LEU D 63 44.37 8.59 5.80
C LEU D 63 44.79 7.43 4.90
N PHE D 64 44.88 7.74 3.62
CA PHE D 64 45.06 6.74 2.58
C PHE D 64 46.48 6.19 2.51
N SER D 65 47.44 6.89 3.06
CA SER D 65 48.85 6.42 2.94
C SER D 65 49.20 5.56 4.15
N THR D 66 48.19 5.25 4.94
CA THR D 66 48.33 4.42 6.14
C THR D 66 48.84 3.03 5.79
N ASP D 67 49.64 2.49 6.69
CA ASP D 67 50.20 1.12 6.61
C ASP D 67 49.13 0.16 6.10
N PRO D 68 49.52 -0.69 5.17
CA PRO D 68 48.63 -1.68 4.57
C PRO D 68 48.00 -2.60 5.61
N LYS D 69 48.44 -2.48 6.83
CA LYS D 69 47.92 -3.23 7.98
C LYS D 69 46.42 -2.89 8.17
N LEU D 70 46.12 -1.66 7.79
CA LEU D 70 44.76 -1.11 7.91
C LEU D 70 43.75 -2.01 7.23
N ALA D 71 44.13 -2.61 6.12
CA ALA D 71 43.23 -3.45 5.32
C ALA D 71 42.78 -4.70 6.06
N GLU D 72 43.44 -5.02 7.16
CA GLU D 72 43.00 -6.14 7.99
C GLU D 72 41.66 -5.84 8.64
N ASN D 73 41.40 -4.55 8.84
CA ASN D 73 40.17 -4.15 9.56
C ASN D 73 39.27 -3.27 8.69
N ILE D 74 39.81 -2.67 7.65
CA ILE D 74 39.03 -1.83 6.74
C ILE D 74 38.91 -2.50 5.38
N SER D 75 37.67 -2.88 5.03
CA SER D 75 37.41 -3.53 3.76
C SER D 75 37.10 -2.55 2.63
N GLY D 76 36.58 -1.42 2.99
CA GLY D 76 36.14 -0.44 1.96
C GLY D 76 36.16 0.95 2.53
N VAL D 77 36.20 1.91 1.61
CA VAL D 77 36.24 3.34 1.95
C VAL D 77 35.18 4.01 1.06
N ILE D 78 34.37 4.81 1.73
CA ILE D 78 33.36 5.58 0.95
C ILE D 78 34.00 6.94 0.68
N LEU D 79 33.99 7.30 -0.59
CA LEU D 79 34.59 8.55 -1.02
C LEU D 79 33.51 9.53 -1.52
N PHE D 80 33.91 10.77 -1.39
CA PHE D 80 33.15 11.89 -2.01
C PHE D 80 33.70 12.01 -3.44
N HIS D 81 32.84 12.38 -4.35
CA HIS D 81 33.14 12.53 -5.77
C HIS D 81 34.49 13.21 -6.00
N GLU D 82 34.72 14.35 -5.38
CA GLU D 82 35.97 15.10 -5.66
C GLU D 82 37.19 14.23 -5.39
N THR D 83 37.17 13.53 -4.27
CA THR D 83 38.29 12.70 -3.82
C THR D 83 38.62 11.55 -4.74
N LEU D 84 37.61 10.93 -5.34
CA LEU D 84 37.81 9.80 -6.25
C LEU D 84 38.79 10.13 -7.38
N TYR D 85 38.83 11.40 -7.72
CA TYR D 85 39.68 11.82 -8.84
C TYR D 85 40.91 12.58 -8.41
N GLN D 86 41.19 12.61 -7.14
CA GLN D 86 42.35 13.35 -6.60
C GLN D 86 43.60 12.47 -6.57
N LYS D 87 44.74 13.15 -6.51
CA LYS D 87 46.05 12.49 -6.52
C LYS D 87 46.86 12.87 -5.29
N ALA D 88 47.68 11.93 -4.86
CA ALA D 88 48.67 12.17 -3.77
C ALA D 88 49.72 13.13 -4.33
N ASP D 89 50.55 13.66 -3.47
CA ASP D 89 51.59 14.65 -3.81
C ASP D 89 52.53 14.16 -4.91
N ASP D 90 52.82 12.88 -4.93
CA ASP D 90 53.77 12.29 -5.90
C ASP D 90 53.12 12.09 -7.26
N GLY D 91 51.82 12.34 -7.29
CA GLY D 91 51.03 12.21 -8.52
C GLY D 91 50.28 10.91 -8.62
N THR D 92 50.32 10.07 -7.60
CA THR D 92 49.57 8.80 -7.63
C THR D 92 48.11 9.04 -7.24
N PRO D 93 47.21 8.53 -8.06
CA PRO D 93 45.77 8.62 -7.76
C PRO D 93 45.46 7.95 -6.43
N PHE D 94 44.68 8.65 -5.63
CA PHE D 94 44.15 8.09 -4.36
C PHE D 94 43.53 6.72 -4.62
N ALA D 95 42.80 6.55 -5.71
CA ALA D 95 42.09 5.31 -6.05
C ALA D 95 43.05 4.13 -6.19
N GLU D 96 44.20 4.44 -6.74
CA GLU D 96 45.24 3.42 -6.99
C GLU D 96 45.94 3.03 -5.70
N ILE D 97 46.16 3.99 -4.83
CA ILE D 97 46.78 3.74 -3.53
C ILE D 97 45.90 2.79 -2.71
N LEU D 98 44.60 3.11 -2.71
CA LEU D 98 43.65 2.28 -1.93
C LEU D 98 43.49 0.91 -2.56
N LYS D 99 43.40 0.83 -3.87
CA LYS D 99 43.20 -0.48 -4.52
C LYS D 99 44.41 -1.39 -4.34
N LYS D 100 45.61 -0.80 -4.35
CA LYS D 100 46.83 -1.57 -4.21
C LYS D 100 46.87 -2.30 -2.87
N LYS D 101 46.26 -1.69 -1.87
CA LYS D 101 46.18 -2.21 -0.51
C LYS D 101 45.04 -3.19 -0.31
N GLY D 102 44.27 -3.46 -1.33
CA GLY D 102 43.14 -4.39 -1.33
C GLY D 102 41.87 -3.81 -0.74
N ILE D 103 41.78 -2.49 -0.65
CA ILE D 103 40.55 -1.85 -0.13
C ILE D 103 39.59 -1.62 -1.28
N ILE D 104 38.31 -1.89 -1.07
CA ILE D 104 37.27 -1.67 -2.10
C ILE D 104 36.82 -0.22 -2.01
N LEU D 105 36.49 0.38 -3.14
CA LEU D 105 36.08 1.80 -3.22
C LEU D 105 34.53 1.92 -3.31
N GLY D 106 34.03 2.82 -2.50
CA GLY D 106 32.58 3.16 -2.52
C GLY D 106 32.45 4.63 -2.90
N ILE D 107 31.27 5.01 -3.37
CA ILE D 107 31.00 6.40 -3.80
C ILE D 107 29.62 6.87 -3.30
N LYS D 108 29.60 8.05 -2.74
CA LYS D 108 28.32 8.69 -2.32
C LYS D 108 27.65 9.25 -3.57
N VAL D 109 26.44 8.77 -3.85
CA VAL D 109 25.74 9.14 -5.09
C VAL D 109 24.46 9.94 -4.85
N ASP D 110 24.03 10.16 -3.63
CA ASP D 110 22.77 10.94 -3.41
C ASP D 110 23.10 12.44 -3.63
N LYS D 111 22.01 13.20 -3.81
CA LYS D 111 22.21 14.66 -3.99
C LYS D 111 21.56 15.43 -2.86
N GLY D 112 21.56 14.85 -1.67
CA GLY D 112 21.07 15.48 -0.44
C GLY D 112 19.54 15.38 -0.31
N VAL D 113 19.05 15.93 0.77
CA VAL D 113 17.65 15.90 1.17
C VAL D 113 16.90 17.16 0.66
N VAL D 114 15.60 16.95 0.50
CA VAL D 114 14.66 18.01 0.05
C VAL D 114 13.36 17.85 0.87
N PRO D 115 12.75 18.99 1.17
CA PRO D 115 11.50 19.03 1.94
C PRO D 115 10.33 18.40 1.23
N LEU D 116 9.51 17.72 2.01
CA LEU D 116 8.23 17.16 1.54
C LEU D 116 7.19 18.27 1.81
N PHE D 117 6.76 18.90 0.74
CA PHE D 117 5.82 20.06 0.88
C PHE D 117 4.53 19.60 1.59
N GLY D 118 4.14 20.32 2.61
CA GLY D 118 2.93 20.06 3.38
C GLY D 118 3.16 19.17 4.59
N SER D 119 4.33 18.58 4.67
CA SER D 119 4.70 17.68 5.78
C SER D 119 5.13 18.53 6.96
N GLU D 120 5.21 17.89 8.11
CA GLU D 120 5.69 18.51 9.34
C GLU D 120 7.22 18.41 9.45
N ASP D 121 7.86 19.20 8.60
CA ASP D 121 9.32 19.34 8.54
C ASP D 121 10.04 18.01 8.26
N GLU D 122 9.54 17.25 7.31
CA GLU D 122 10.11 15.99 6.86
C GLU D 122 10.71 16.11 5.47
N VAL D 123 11.56 15.14 5.13
CA VAL D 123 12.32 15.18 3.87
C VAL D 123 12.33 13.83 3.15
N THR D 124 12.79 13.92 1.92
CA THR D 124 13.15 12.73 1.14
C THR D 124 14.52 13.02 0.52
N THR D 125 15.04 12.05 -0.19
CA THR D 125 16.39 12.24 -0.78
C THR D 125 16.33 12.27 -2.28
N GLN D 126 17.10 13.20 -2.88
CA GLN D 126 17.17 13.28 -4.35
C GLN D 126 18.50 12.71 -4.85
N GLY D 127 18.58 12.49 -6.15
CA GLY D 127 19.76 11.96 -6.82
C GLY D 127 19.52 10.86 -7.81
N LEU D 128 18.27 10.57 -8.22
CA LEU D 128 18.03 9.51 -9.19
C LEU D 128 18.34 9.88 -10.63
N ASP D 129 18.33 11.16 -10.97
CA ASP D 129 18.45 11.57 -12.38
C ASP D 129 19.85 11.19 -12.92
N ASP D 130 19.83 10.43 -13.98
CA ASP D 130 21.00 9.95 -14.72
C ASP D 130 21.89 9.07 -13.85
N LEU D 131 21.30 8.49 -12.81
CA LEU D 131 22.10 7.66 -11.89
C LEU D 131 22.74 6.48 -12.58
N ALA D 132 22.04 5.81 -13.46
CA ALA D 132 22.55 4.66 -14.20
C ALA D 132 23.87 5.01 -14.90
N ALA D 133 23.85 6.12 -15.63
CA ALA D 133 25.06 6.59 -16.34
C ALA D 133 26.15 7.02 -15.36
N ARG D 134 25.80 7.59 -14.22
CA ARG D 134 26.76 8.00 -13.21
C ARG D 134 27.46 6.75 -12.64
N CYS D 135 26.67 5.73 -12.38
CA CYS D 135 27.11 4.46 -11.80
C CYS D 135 28.05 3.71 -12.75
N ALA D 136 27.69 3.68 -14.02
CA ALA D 136 28.48 3.03 -15.06
C ALA D 136 29.86 3.68 -15.10
N GLN D 137 29.91 4.99 -14.95
CA GLN D 137 31.18 5.73 -14.97
C GLN D 137 31.98 5.41 -13.70
N TYR D 138 31.32 5.43 -12.57
CA TYR D 138 31.95 5.16 -11.27
C TYR D 138 32.54 3.75 -11.23
N LYS D 139 31.86 2.80 -11.85
CA LYS D 139 32.28 1.40 -11.90
C LYS D 139 33.59 1.30 -12.70
N LYS D 140 33.55 1.91 -13.87
CA LYS D 140 34.72 2.00 -14.76
C LYS D 140 35.90 2.61 -14.04
N ASP D 141 35.64 3.56 -13.17
CA ASP D 141 36.65 4.34 -12.45
C ASP D 141 37.10 3.69 -11.14
N GLY D 142 36.67 2.47 -10.90
CA GLY D 142 37.10 1.64 -9.79
C GLY D 142 36.21 1.46 -8.61
N CYS D 143 34.96 1.92 -8.65
CA CYS D 143 34.05 1.82 -7.48
C CYS D 143 33.19 0.57 -7.62
N ASP D 144 32.95 -0.10 -6.50
CA ASP D 144 32.13 -1.33 -6.52
C ASP D 144 30.87 -1.22 -5.65
N PHE D 145 30.79 -0.18 -4.86
CA PHE D 145 29.60 -0.03 -3.98
C PHE D 145 29.23 1.45 -3.92
N ALA D 146 28.02 1.70 -3.43
CA ALA D 146 27.49 3.07 -3.38
C ALA D 146 26.86 3.34 -2.03
N LYS D 147 26.68 4.63 -1.76
CA LYS D 147 26.09 5.14 -0.53
C LYS D 147 25.01 6.17 -0.88
N TRP D 148 23.89 6.05 -0.19
CA TRP D 148 22.71 6.92 -0.36
C TRP D 148 22.04 7.06 1.01
N ARG D 149 21.94 8.29 1.48
CA ARG D 149 21.40 8.58 2.81
C ARG D 149 19.99 9.16 2.80
N CYS D 150 19.10 8.46 3.50
CA CYS D 150 17.75 8.97 3.81
C CYS D 150 17.70 9.30 5.29
N VAL D 151 16.89 10.31 5.61
CA VAL D 151 16.78 10.80 6.99
C VAL D 151 15.31 10.80 7.44
N LEU D 152 15.12 10.15 8.57
CA LEU D 152 13.83 10.12 9.26
C LEU D 152 14.01 10.76 10.63
N LYS D 153 13.03 11.57 11.00
CA LYS D 153 13.05 12.33 12.25
C LYS D 153 11.92 11.89 13.19
N ILE D 154 12.31 11.67 14.43
CA ILE D 154 11.33 11.31 15.47
C ILE D 154 10.85 12.60 16.15
N GLY D 155 9.55 12.78 16.09
CA GLY D 155 8.91 13.98 16.70
C GLY D 155 7.51 13.59 17.15
N LYS D 156 6.70 14.61 17.39
CA LYS D 156 5.32 14.41 17.83
C LYS D 156 4.57 13.44 16.92
N ASN D 157 4.52 13.73 15.63
CA ASN D 157 3.77 12.92 14.66
C ASN D 157 4.66 12.29 13.60
N THR D 158 5.97 12.37 13.83
CA THR D 158 6.91 11.87 12.80
C THR D 158 7.81 10.75 13.33
N PRO D 159 8.24 9.87 12.43
CA PRO D 159 7.97 9.88 10.99
C PRO D 159 6.54 9.52 10.63
N SER D 160 6.07 10.19 9.57
CA SER D 160 4.67 9.97 9.11
C SER D 160 4.64 8.82 8.12
N TYR D 161 3.41 8.34 7.87
CA TYR D 161 3.21 7.34 6.81
C TYR D 161 3.84 7.86 5.51
N GLN D 162 3.57 9.11 5.18
CA GLN D 162 4.11 9.72 3.96
C GLN D 162 5.65 9.56 3.88
N SER D 163 6.31 9.96 4.93
CA SER D 163 7.78 9.93 5.03
C SER D 163 8.34 8.52 4.86
N ILE D 164 7.68 7.58 5.52
CA ILE D 164 8.08 6.16 5.49
C ILE D 164 7.91 5.59 4.11
N LEU D 165 6.72 5.79 3.52
CA LEU D 165 6.42 5.35 2.17
C LEU D 165 7.43 5.87 1.13
N GLU D 166 7.69 7.16 1.22
CA GLU D 166 8.51 7.85 0.23
C GLU D 166 9.99 7.48 0.34
N ASN D 167 10.49 7.52 1.56
CA ASN D 167 11.90 7.18 1.81
C ASN D 167 12.15 5.72 1.44
N ALA D 168 11.18 4.84 1.70
CA ALA D 168 11.39 3.42 1.35
C ALA D 168 11.44 3.25 -0.15
N ASN D 169 10.52 3.95 -0.85
CA ASN D 169 10.45 3.86 -2.29
C ASN D 169 11.71 4.40 -2.99
N VAL D 170 12.20 5.50 -2.44
CA VAL D 170 13.37 6.13 -3.11
C VAL D 170 14.61 5.21 -2.92
N LEU D 171 14.67 4.58 -1.78
CA LEU D 171 15.82 3.66 -1.47
C LEU D 171 15.79 2.50 -2.43
N ALA D 172 14.60 1.97 -2.68
CA ALA D 172 14.38 0.87 -3.61
C ALA D 172 14.74 1.23 -5.03
N ARG D 173 14.38 2.47 -5.46
CA ARG D 173 14.73 2.89 -6.83
C ARG D 173 16.28 3.00 -6.98
N TYR D 174 16.88 3.63 -6.01
CA TYR D 174 18.34 3.80 -5.94
C TYR D 174 19.05 2.43 -5.96
N ALA D 175 18.57 1.52 -5.12
CA ALA D 175 19.22 0.17 -5.07
C ALA D 175 19.09 -0.55 -6.38
N SER D 176 17.93 -0.49 -7.05
CA SER D 176 17.75 -1.21 -8.31
C SER D 176 18.67 -0.65 -9.40
N ILE D 177 18.79 0.67 -9.42
CA ILE D 177 19.64 1.33 -10.45
C ILE D 177 21.10 0.88 -10.26
N CYS D 178 21.55 0.92 -9.03
CA CYS D 178 22.94 0.51 -8.69
C CYS D 178 23.23 -0.91 -9.17
N GLN D 179 22.36 -1.84 -8.78
CA GLN D 179 22.47 -3.23 -9.19
C GLN D 179 22.53 -3.41 -10.69
N SER D 180 21.74 -2.67 -11.46
CA SER D 180 21.73 -2.78 -12.90
C SER D 180 23.08 -2.40 -13.52
N GLN D 181 23.89 -1.68 -12.80
CA GLN D 181 25.20 -1.21 -13.27
C GLN D 181 26.34 -1.92 -12.53
N ARG D 182 26.06 -3.02 -11.89
CA ARG D 182 27.09 -3.82 -11.20
C ARG D 182 27.66 -3.12 -9.98
N ILE D 183 26.84 -2.38 -9.26
CA ILE D 183 27.25 -1.66 -8.06
C ILE D 183 26.40 -2.13 -6.87
N VAL D 184 27.03 -2.48 -5.76
CA VAL D 184 26.33 -2.85 -4.53
C VAL D 184 25.85 -1.61 -3.79
N PRO D 185 24.53 -1.52 -3.64
CA PRO D 185 23.94 -0.40 -2.89
C PRO D 185 23.96 -0.63 -1.40
N ILE D 186 24.47 0.33 -0.65
CA ILE D 186 24.26 0.32 0.81
C ILE D 186 22.97 1.13 1.04
N VAL D 187 21.95 0.45 1.50
CA VAL D 187 20.66 1.11 1.87
C VAL D 187 20.78 1.74 3.24
N GLU D 188 20.63 3.07 3.32
CA GLU D 188 20.82 3.79 4.58
C GLU D 188 19.61 4.63 4.97
N PRO D 189 18.76 4.02 5.76
CA PRO D 189 17.58 4.72 6.33
C PRO D 189 17.92 5.17 7.74
N GLU D 190 18.51 6.36 7.88
CA GLU D 190 18.91 6.82 9.19
C GLU D 190 17.78 7.46 9.99
N VAL D 191 17.44 6.82 11.11
CA VAL D 191 16.54 7.42 12.11
C VAL D 191 17.42 8.28 13.02
N LEU D 192 17.29 9.60 12.90
CA LEU D 192 18.06 10.53 13.73
C LEU D 192 17.84 10.29 15.22
N PRO D 193 18.91 10.57 15.97
CA PRO D 193 18.86 10.45 17.43
C PRO D 193 18.35 11.72 18.09
N ASP D 194 18.15 12.76 17.30
CA ASP D 194 17.69 14.07 17.83
C ASP D 194 16.37 13.90 18.61
N GLY D 195 16.30 14.49 19.79
CA GLY D 195 15.04 14.49 20.57
C GLY D 195 15.24 13.89 21.95
N ASP D 196 14.13 13.78 22.66
CA ASP D 196 14.10 13.30 24.04
C ASP D 196 13.24 12.06 24.21
N HIS D 197 13.00 11.34 23.14
CA HIS D 197 12.24 10.08 23.15
C HIS D 197 13.03 8.97 23.87
N ASP D 198 12.29 7.94 24.26
CA ASP D 198 12.90 6.81 25.00
C ASP D 198 13.30 5.69 24.03
N LEU D 199 13.92 4.66 24.58
CA LEU D 199 14.36 3.51 23.80
C LEU D 199 13.16 2.81 23.15
N ASP D 200 12.08 2.75 23.91
CA ASP D 200 10.85 2.07 23.43
C ASP D 200 10.39 2.71 22.12
N ARG D 201 10.30 4.04 22.13
CA ARG D 201 9.86 4.77 20.94
C ARG D 201 10.83 4.57 19.77
N ALA D 202 12.12 4.65 20.06
CA ALA D 202 13.14 4.50 18.99
C ALA D 202 13.06 3.11 18.38
N GLN D 203 12.75 2.09 19.19
CA GLN D 203 12.68 0.71 18.67
C GLN D 203 11.46 0.54 17.75
N LYS D 204 10.33 1.05 18.22
CA LYS D 204 9.08 0.94 17.43
C LYS D 204 9.22 1.66 16.10
N VAL D 205 9.80 2.85 16.12
CA VAL D 205 10.04 3.65 14.90
C VAL D 205 10.95 2.85 13.95
N THR D 206 12.07 2.37 14.50
CA THR D 206 13.04 1.61 13.70
C THR D 206 12.41 0.39 13.04
N GLU D 207 11.66 -0.40 13.79
CA GLU D 207 11.00 -1.58 13.21
C GLU D 207 9.99 -1.21 12.14
N THR D 208 9.24 -0.14 12.36
CA THR D 208 8.27 0.35 11.36
C THR D 208 8.97 0.76 10.07
N VAL D 209 10.02 1.55 10.17
CA VAL D 209 10.80 2.03 9.03
C VAL D 209 11.35 0.85 8.21
N LEU D 210 11.97 -0.10 8.89
CA LEU D 210 12.65 -1.22 8.19
C LEU D 210 11.65 -2.13 7.51
N ALA D 211 10.47 -2.31 8.11
CA ALA D 211 9.48 -3.19 7.47
C ALA D 211 9.10 -2.59 6.11
N ALA D 212 8.93 -1.26 6.12
CA ALA D 212 8.57 -0.56 4.86
C ALA D 212 9.74 -0.64 3.87
N VAL D 213 10.94 -0.45 4.37
CA VAL D 213 12.11 -0.52 3.47
C VAL D 213 12.15 -1.86 2.74
N TYR D 214 12.09 -2.98 3.46
CA TYR D 214 12.11 -4.30 2.79
C TYR D 214 10.91 -4.60 1.93
N LYS D 215 9.73 -4.09 2.28
CA LYS D 215 8.58 -4.27 1.35
C LYS D 215 8.84 -3.56 0.04
N ALA D 216 9.37 -2.35 0.09
CA ALA D 216 9.69 -1.61 -1.16
C ALA D 216 10.76 -2.30 -1.99
N LEU D 217 11.77 -2.87 -1.34
CA LEU D 217 12.84 -3.58 -2.08
C LEU D 217 12.23 -4.76 -2.84
N SER D 218 11.31 -5.44 -2.18
CA SER D 218 10.59 -6.56 -2.82
C SER D 218 9.73 -6.09 -4.00
N ASP D 219 8.96 -5.03 -3.75
CA ASP D 219 8.10 -4.44 -4.82
C ASP D 219 8.93 -4.10 -6.05
N HIS D 220 10.13 -3.63 -5.84
CA HIS D 220 11.04 -3.24 -6.93
C HIS D 220 12.00 -4.33 -7.36
N HIS D 221 11.85 -5.52 -6.80
CA HIS D 221 12.62 -6.69 -7.24
C HIS D 221 14.15 -6.55 -7.04
N VAL D 222 14.55 -5.96 -5.95
CA VAL D 222 15.96 -5.78 -5.58
C VAL D 222 16.53 -7.11 -5.04
N TYR D 223 17.71 -7.45 -5.54
CA TYR D 223 18.41 -8.70 -5.12
C TYR D 223 19.11 -8.47 -3.81
N LEU D 224 18.46 -8.94 -2.73
CA LEU D 224 18.90 -8.66 -1.36
C LEU D 224 20.33 -9.13 -1.05
N GLU D 225 20.70 -10.24 -1.64
CA GLU D 225 22.04 -10.84 -1.35
C GLU D 225 23.15 -9.94 -1.84
N GLY D 226 22.79 -9.08 -2.78
CA GLY D 226 23.68 -8.07 -3.34
C GLY D 226 23.47 -6.68 -2.74
N THR D 227 23.11 -6.62 -1.48
CA THR D 227 22.93 -5.34 -0.78
C THR D 227 23.46 -5.41 0.64
N LEU D 228 23.68 -4.24 1.21
CA LEU D 228 23.99 -4.06 2.62
C LEU D 228 22.97 -3.05 3.18
N LEU D 229 22.83 -3.11 4.49
CA LEU D 229 21.99 -2.16 5.23
C LEU D 229 22.86 -1.34 6.17
N LYS D 230 22.63 -0.05 6.18
CA LYS D 230 23.32 0.89 7.07
C LYS D 230 22.27 1.63 7.92
N PRO D 231 21.90 1.04 9.04
CA PRO D 231 20.94 1.65 9.98
C PRO D 231 21.62 2.24 11.19
N ASN D 232 20.84 3.04 11.91
CA ASN D 232 21.21 3.55 13.23
C ASN D 232 21.10 2.35 14.20
N MET D 233 21.89 2.39 15.27
CA MET D 233 21.63 1.47 16.40
C MET D 233 20.36 2.06 17.07
N VAL D 234 19.66 1.19 17.76
CA VAL D 234 18.45 1.61 18.50
C VAL D 234 18.89 2.15 19.86
N THR D 235 18.66 3.42 20.07
CA THR D 235 19.00 4.11 21.31
C THR D 235 17.90 5.15 21.61
N ALA D 236 17.84 5.54 22.86
CA ALA D 236 16.95 6.68 23.26
C ALA D 236 17.51 7.94 22.59
N GLY D 237 16.74 9.01 22.64
CA GLY D 237 17.15 10.31 22.07
C GLY D 237 18.35 10.85 22.84
N GLN D 238 19.03 11.75 22.17
CA GLN D 238 20.22 12.48 22.60
C GLN D 238 19.97 13.26 23.89
N SER D 239 18.76 13.76 24.07
CA SER D 239 18.39 14.53 25.27
C SER D 239 17.59 13.71 26.28
N ALA D 240 17.65 12.40 26.18
CA ALA D 240 17.00 11.51 27.16
C ALA D 240 18.13 10.82 27.94
N LYS D 241 17.75 10.17 29.01
CA LYS D 241 18.69 9.37 29.81
C LYS D 241 19.32 8.30 28.91
N LYS D 242 20.61 8.11 29.12
CA LYS D 242 21.41 7.11 28.41
C LYS D 242 21.03 5.69 28.81
N ASN D 243 21.12 4.82 27.83
CA ASN D 243 20.84 3.38 28.02
C ASN D 243 22.19 2.68 28.24
N THR D 244 22.15 1.50 28.81
CA THR D 244 23.39 0.68 28.92
C THR D 244 23.64 0.05 27.55
N PRO D 245 24.88 -0.33 27.30
CA PRO D 245 25.26 -1.01 26.06
C PRO D 245 24.41 -2.26 25.84
N GLU D 246 24.07 -2.93 26.94
CA GLU D 246 23.28 -4.17 26.86
C GLU D 246 21.84 -3.91 26.43
N GLU D 247 21.32 -2.78 26.88
CA GLU D 247 19.94 -2.38 26.54
C GLU D 247 19.85 -2.00 25.07
N ILE D 248 20.83 -1.22 24.64
CA ILE D 248 20.93 -0.80 23.23
C ILE D 248 21.07 -1.99 22.33
N ALA D 249 21.98 -2.89 22.69
CA ALA D 249 22.24 -4.12 21.93
C ALA D 249 20.99 -4.98 21.75
N LEU D 250 20.28 -5.24 22.84
CA LEU D 250 19.06 -6.07 22.77
C LEU D 250 18.02 -5.43 21.85
N ALA D 251 17.74 -4.17 22.05
CA ALA D 251 16.75 -3.42 21.24
C ALA D 251 17.14 -3.43 19.77
N THR D 252 18.42 -3.18 19.50
CA THR D 252 18.91 -3.19 18.11
C THR D 252 18.76 -4.55 17.45
N VAL D 253 19.22 -5.63 18.10
CA VAL D 253 19.16 -6.96 17.50
C VAL D 253 17.72 -7.44 17.37
N GLN D 254 16.88 -7.08 18.34
CA GLN D 254 15.44 -7.44 18.20
C GLN D 254 14.87 -6.79 16.94
N ALA D 255 15.10 -5.50 16.82
CA ALA D 255 14.58 -4.72 15.68
C ALA D 255 15.02 -5.26 14.35
N LEU D 256 16.29 -5.65 14.21
CA LEU D 256 16.80 -6.25 12.97
C LEU D 256 16.23 -7.64 12.73
N ARG D 257 16.20 -8.47 13.78
CA ARG D 257 15.65 -9.82 13.63
C ARG D 257 14.19 -9.77 13.11
N ARG D 258 13.51 -8.69 13.49
CA ARG D 258 12.06 -8.62 13.13
C ARG D 258 11.79 -8.11 11.74
N THR D 259 12.81 -7.57 11.07
CA THR D 259 12.57 -6.88 9.80
C THR D 259 13.52 -7.14 8.66
N VAL D 260 14.78 -7.37 8.96
CA VAL D 260 15.81 -7.51 7.89
C VAL D 260 15.98 -8.96 7.50
N PRO D 261 15.57 -9.37 6.32
CA PRO D 261 15.67 -10.76 5.88
C PRO D 261 17.12 -11.26 5.95
N ALA D 262 17.24 -12.53 6.26
CA ALA D 262 18.50 -13.25 6.34
C ALA D 262 19.30 -13.15 5.04
N ALA D 263 18.62 -13.02 3.92
CA ALA D 263 19.28 -12.86 2.61
C ALA D 263 20.17 -11.63 2.53
N VAL D 264 19.91 -10.62 3.32
CA VAL D 264 20.73 -9.39 3.32
C VAL D 264 22.13 -9.82 3.84
N THR D 265 23.14 -9.54 3.03
CA THR D 265 24.51 -10.04 3.35
C THR D 265 25.09 -9.44 4.60
N GLY D 266 24.84 -8.16 4.89
CA GLY D 266 25.38 -7.56 6.11
C GLY D 266 24.79 -6.21 6.47
N VAL D 267 25.03 -5.85 7.71
CA VAL D 267 24.62 -4.62 8.37
C VAL D 267 25.86 -3.84 8.83
N THR D 268 25.95 -2.63 8.32
CA THR D 268 27.14 -1.78 8.65
C THR D 268 26.61 -0.56 9.38
N PHE D 269 26.74 -0.56 10.70
CA PHE D 269 26.07 0.46 11.51
C PHE D 269 26.68 1.86 11.34
N LEU D 270 25.77 2.83 11.35
CA LEU D 270 26.23 4.25 11.51
C LEU D 270 26.38 4.47 13.01
N SER D 271 27.19 5.44 13.40
CA SER D 271 27.40 5.71 14.82
C SER D 271 26.59 6.88 15.36
N GLY D 272 25.93 7.64 14.50
CA GLY D 272 25.08 8.77 14.94
C GLY D 272 25.92 9.82 15.65
N GLY D 273 25.53 10.15 16.87
CA GLY D 273 26.27 11.14 17.68
C GLY D 273 27.07 10.50 18.80
N GLN D 274 27.32 9.21 18.71
CA GLN D 274 28.06 8.46 19.75
C GLN D 274 29.56 8.79 19.68
N SER D 275 30.20 8.79 20.83
CA SER D 275 31.65 9.02 20.95
C SER D 275 32.37 7.80 20.35
N GLU D 276 33.64 7.95 20.04
CA GLU D 276 34.45 6.86 19.49
C GLU D 276 34.35 5.59 20.31
N GLU D 277 34.52 5.69 21.62
CA GLU D 277 34.47 4.54 22.54
C GLU D 277 33.09 3.90 22.62
N GLU D 278 32.07 4.74 22.72
CA GLU D 278 30.68 4.28 22.77
C GLU D 278 30.29 3.46 21.55
N ALA D 279 30.67 3.95 20.38
CA ALA D 279 30.39 3.25 19.12
C ALA D 279 31.02 1.87 19.07
N THR D 280 32.20 1.74 19.65
CA THR D 280 32.91 0.47 19.73
C THR D 280 32.25 -0.47 20.75
N VAL D 281 32.07 0.04 21.95
CA VAL D 281 31.47 -0.73 23.06
C VAL D 281 30.09 -1.23 22.61
N ASN D 282 29.33 -0.32 22.00
CA ASN D 282 27.96 -0.71 21.56
C ASN D 282 28.02 -1.79 20.52
N LEU D 283 28.88 -1.69 19.52
CA LEU D 283 28.99 -2.71 18.48
C LEU D 283 29.38 -4.07 19.07
N SER D 284 30.28 -4.05 20.04
CA SER D 284 30.71 -5.31 20.68
C SER D 284 29.53 -5.99 21.38
N ALA D 285 28.75 -5.21 22.10
CA ALA D 285 27.58 -5.74 22.85
C ALA D 285 26.56 -6.35 21.88
N ILE D 286 26.35 -5.67 20.77
CA ILE D 286 25.46 -6.18 19.71
C ILE D 286 25.87 -7.56 19.23
N ASN D 287 27.20 -7.77 19.09
CA ASN D 287 27.70 -9.07 18.61
C ASN D 287 27.73 -10.14 19.71
N ASN D 288 27.19 -9.85 20.85
CA ASN D 288 27.12 -10.78 21.98
C ASN D 288 25.68 -11.03 22.43
N VAL D 289 24.70 -10.51 21.70
CA VAL D 289 23.28 -10.76 22.06
C VAL D 289 23.00 -12.25 21.81
N PRO D 290 22.41 -12.90 22.81
CA PRO D 290 22.16 -14.35 22.74
C PRO D 290 20.97 -14.74 21.89
N LEU D 291 20.92 -14.20 20.68
CA LEU D 291 19.85 -14.51 19.72
C LEU D 291 20.54 -14.73 18.36
N ILE D 292 19.85 -15.41 17.50
CA ILE D 292 20.38 -15.74 16.16
C ILE D 292 20.49 -14.41 15.38
N ARG D 293 21.67 -14.22 14.85
CA ARG D 293 22.05 -13.06 14.04
C ARG D 293 22.58 -13.58 12.70
N PRO D 294 21.67 -13.65 11.72
CA PRO D 294 21.97 -14.27 10.45
C PRO D 294 22.85 -13.46 9.52
N TRP D 295 23.15 -12.23 9.85
CA TRP D 295 23.98 -11.36 8.99
C TRP D 295 25.19 -10.87 9.78
N ALA D 296 26.23 -10.51 9.04
CA ALA D 296 27.38 -9.81 9.69
C ALA D 296 26.90 -8.49 10.29
N LEU D 297 27.39 -8.14 11.45
CA LEU D 297 27.07 -6.90 12.17
C LEU D 297 28.37 -6.13 12.40
N THR D 298 28.57 -5.14 11.53
CA THR D 298 29.83 -4.41 11.57
C THR D 298 29.60 -2.91 11.53
N PHE D 299 30.66 -2.20 11.21
CA PHE D 299 30.69 -0.74 11.25
C PHE D 299 30.88 -0.14 9.86
N SER D 300 30.35 1.07 9.78
CA SER D 300 30.58 1.99 8.63
C SER D 300 30.69 3.36 9.30
N TYR D 301 31.90 3.63 9.82
CA TYR D 301 32.11 4.79 10.66
C TYR D 301 32.92 5.89 9.97
N GLY D 302 32.49 7.10 10.29
CA GLY D 302 33.13 8.32 9.76
C GLY D 302 33.87 9.00 10.91
N ARG D 303 33.17 9.88 11.59
CA ARG D 303 33.72 10.62 12.72
C ARG D 303 34.22 9.72 13.84
N ALA D 304 33.54 8.60 14.07
CA ALA D 304 33.87 7.65 15.12
C ALA D 304 35.20 6.94 14.85
N LEU D 305 35.70 7.07 13.64
CA LEU D 305 37.00 6.53 13.23
C LEU D 305 38.05 7.64 13.13
N GLN D 306 37.62 8.89 13.00
CA GLN D 306 38.56 9.98 12.67
C GLN D 306 38.75 11.07 13.70
N ALA D 307 37.89 11.22 14.70
CA ALA D 307 38.01 12.33 15.65
C ALA D 307 39.42 12.42 16.22
N SER D 308 39.90 11.30 16.76
CA SER D 308 41.22 11.26 17.39
C SER D 308 42.35 11.44 16.36
N VAL D 309 42.10 11.03 15.14
CA VAL D 309 43.11 11.17 14.06
C VAL D 309 43.40 12.65 13.86
N LEU D 310 42.32 13.40 13.66
CA LEU D 310 42.41 14.84 13.40
C LEU D 310 43.17 15.54 14.54
N ARG D 311 42.80 15.17 15.75
CA ARG D 311 43.38 15.75 16.96
C ARG D 311 44.88 15.44 17.07
N ALA D 312 45.25 14.20 16.78
CA ALA D 312 46.67 13.80 16.85
C ALA D 312 47.49 14.48 15.76
N TRP D 313 46.92 14.59 14.59
CA TRP D 313 47.56 15.20 13.41
C TRP D 313 47.80 16.69 13.61
N ALA D 314 46.71 17.36 13.94
CA ALA D 314 46.68 18.79 14.21
C ALA D 314 47.24 19.60 13.04
N GLY D 315 47.07 19.07 11.84
CA GLY D 315 47.46 19.69 10.60
C GLY D 315 48.93 19.72 10.29
N LYS D 316 49.72 18.99 11.07
CA LYS D 316 51.19 19.02 10.95
C LYS D 316 51.79 17.75 10.38
N LYS D 317 52.65 17.98 9.38
CA LYS D 317 53.35 16.88 8.70
C LYS D 317 54.18 16.06 9.68
N GLU D 318 54.57 16.66 10.79
CA GLU D 318 55.40 16.01 11.81
C GLU D 318 54.58 14.98 12.61
N ASN D 319 53.28 15.15 12.56
CA ASN D 319 52.33 14.31 13.32
C ASN D 319 51.67 13.23 12.47
N ILE D 320 52.19 12.98 11.29
CA ILE D 320 51.64 11.94 10.40
C ILE D 320 51.64 10.58 11.10
N ALA D 321 52.74 10.23 11.74
CA ALA D 321 52.84 8.92 12.42
C ALA D 321 51.78 8.81 13.51
N ALA D 322 51.66 9.85 14.30
CA ALA D 322 50.73 9.91 15.41
C ALA D 322 49.29 9.78 14.90
N GLY D 323 48.98 10.52 13.85
CA GLY D 323 47.68 10.49 13.18
C GLY D 323 47.33 9.10 12.67
N GLN D 324 48.20 8.50 11.88
CA GLN D 324 47.97 7.17 11.30
C GLN D 324 47.83 6.11 12.40
N ASN D 325 48.53 6.29 13.49
CA ASN D 325 48.51 5.38 14.63
C ASN D 325 47.14 5.35 15.30
N GLU D 326 46.55 6.53 15.44
CA GLU D 326 45.19 6.65 15.95
C GLU D 326 44.19 5.92 15.05
N LEU D 327 44.37 6.00 13.73
CA LEU D 327 43.48 5.29 12.80
C LEU D 327 43.61 3.77 12.98
N LEU D 328 44.87 3.33 13.02
CA LEU D 328 45.13 1.88 13.17
C LEU D 328 44.49 1.37 14.44
N LYS D 329 44.66 2.10 15.53
CA LYS D 329 44.17 1.73 16.85
C LYS D 329 42.64 1.54 16.86
N ARG D 330 41.96 2.51 16.25
CA ARG D 330 40.49 2.49 16.24
C ARG D 330 39.89 1.53 15.26
N ALA D 331 40.56 1.30 14.14
CA ALA D 331 40.14 0.31 13.15
C ALA D 331 40.19 -1.10 13.75
N LYS D 332 41.26 -1.36 14.47
CA LYS D 332 41.45 -2.62 15.19
C LYS D 332 40.36 -2.85 16.23
N ALA D 333 40.14 -1.82 17.03
CA ALA D 333 39.15 -1.83 18.11
C ALA D 333 37.75 -2.12 17.54
N ASN D 334 37.48 -1.60 16.35
CA ASN D 334 36.18 -1.80 15.69
C ASN D 334 36.09 -3.15 15.01
N GLY D 335 37.20 -3.69 14.56
CA GLY D 335 37.26 -5.03 13.93
C GLY D 335 37.02 -6.08 15.02
N ASP D 336 37.54 -5.80 16.20
CA ASP D 336 37.35 -6.65 17.38
C ASP D 336 35.87 -6.60 17.82
N ALA D 337 35.33 -5.40 17.85
CA ALA D 337 33.91 -5.17 18.18
C ALA D 337 32.97 -5.91 17.24
N ALA D 338 33.31 -5.93 15.96
CA ALA D 338 32.52 -6.56 14.91
C ALA D 338 32.55 -8.09 15.09
N GLN D 339 33.38 -8.50 16.02
CA GLN D 339 33.52 -9.93 16.35
C GLN D 339 33.05 -10.22 17.77
N GLY D 340 32.61 -9.17 18.45
CA GLY D 340 32.10 -9.28 19.83
C GLY D 340 33.23 -9.48 20.81
N LYS D 341 34.44 -9.13 20.40
CA LYS D 341 35.64 -9.32 21.22
C LYS D 341 36.29 -8.07 21.76
N TYR D 342 35.65 -6.91 21.74
CA TYR D 342 36.31 -5.70 22.23
C TYR D 342 36.27 -5.60 23.76
N VAL D 343 37.40 -5.23 24.31
CA VAL D 343 37.56 -5.00 25.74
C VAL D 343 37.49 -3.49 26.03
N ALA D 344 36.42 -3.08 26.67
CA ALA D 344 36.13 -1.68 26.96
C ALA D 344 37.34 -0.95 27.53
N GLY D 345 37.61 0.19 26.92
CA GLY D 345 38.71 1.07 27.32
C GLY D 345 40.07 0.67 26.78
N SER D 346 40.18 -0.49 26.18
CA SER D 346 41.47 -0.99 25.68
C SER D 346 42.05 -0.13 24.58
N ALA D 347 41.20 0.62 23.88
CA ALA D 347 41.67 1.48 22.77
C ALA D 347 41.76 2.93 23.22
N GLY D 348 41.63 3.13 24.52
CA GLY D 348 41.72 4.46 25.14
C GLY D 348 40.36 5.11 25.26
N ALA D 349 40.39 6.30 25.84
CA ALA D 349 39.22 7.11 26.16
C ALA D 349 38.50 7.56 24.89
N GLY D 350 39.28 8.07 23.95
CA GLY D 350 38.77 8.49 22.64
C GLY D 350 38.16 9.87 22.74
N SER D 351 37.31 10.16 21.77
CA SER D 351 36.67 11.46 21.59
C SER D 351 35.60 11.72 22.65
N GLY D 352 35.28 13.00 22.77
CA GLY D 352 34.07 13.40 23.54
C GLY D 352 32.89 13.01 22.64
N SER D 353 31.76 13.63 22.86
CA SER D 353 30.57 13.37 22.02
C SER D 353 30.74 14.12 20.70
N LEU D 354 30.40 13.44 19.62
CA LEU D 354 30.53 13.97 18.26
C LEU D 354 29.13 14.27 17.69
N PHE D 355 28.19 14.50 18.60
CA PHE D 355 26.80 14.73 18.17
C PHE D 355 26.69 16.14 17.58
N VAL D 356 26.14 16.14 16.38
CA VAL D 356 25.81 17.39 15.66
C VAL D 356 24.30 17.29 15.33
N ALA D 357 23.58 18.29 15.80
CA ALA D 357 22.13 18.37 15.60
C ALA D 357 21.85 18.81 14.17
N ASN D 358 20.70 18.39 13.69
CA ASN D 358 20.19 18.72 12.36
C ASN D 358 19.96 17.43 11.56
N HIS D 359 20.38 17.50 10.32
CA HIS D 359 20.13 16.47 9.31
C HIS D 359 18.69 16.68 8.81
N ALA D 360 18.51 16.43 7.54
CA ALA D 360 17.19 16.62 6.89
C ALA D 360 16.83 18.11 6.94
N TYR D 361 17.10 18.76 5.84
CA TYR D 361 16.88 20.20 5.63
C TYR D 361 18.23 20.92 5.53
#